data_1J0C
#
_entry.id   1J0C
#
_cell.length_a   65.172
_cell.length_b   268.265
_cell.length_c   186.770
_cell.angle_alpha   90.00
_cell.angle_beta   90.00
_cell.angle_gamma   90.00
#
_symmetry.space_group_name_H-M   'C 2 2 21'
#
loop_
_entity.id
_entity.type
_entity.pdbx_description
1 polymer '1-aminocyclopropane-1-carboxylate deaminase'
2 non-polymer "PYRIDOXAL-5'-PHOSPHATE"
3 water water
#
_entity_poly.entity_id   1
_entity_poly.type   'polypeptide(L)'
_entity_poly.pdbx_seq_one_letter_code
;AGVAKFAKYPLTFGPSPISNLNRLSQHLGSKVNVYAKREDCNSGLAFGGNTLRKLEYIVPDIVEGDYTHLVSIGGRQSNQ
TRMVAALAAKLGKKCVLIQEDWVPIPEAEKDVYNRVGNIELSRIMGADVRVIEDGFDIGMRKSFANALQELEDAGHKPYP
IPAGCSEHKYGGLGFVGFADEVINQEVELGIKFDKIVVCCVTGSTTAGILAGMAQYGRQDDVIAIDASFTSEKTKEQTLR
IANNTAKLIGVEHEFKDFTLDTRFAYPCYGVPNEGTIEAIRTCAEQEGVLTDPVYEGKSMQGLIALIKEDYFKPGANVLY
VHLGGAPALSAYSSFFPTKTA
;
_entity_poly.pdbx_strand_id   A,B,C,D
#
loop_
_chem_comp.id
_chem_comp.type
_chem_comp.name
_chem_comp.formula
PLP non-polymer PYRIDOXAL-5'-PHOSPHATE 'C8 H10 N O6 P'
#
# COMPACT_ATOMS: atom_id res chain seq x y z
N ALA A 1 16.77 10.31 30.35
CA ALA A 1 17.06 10.83 28.98
C ALA A 1 18.44 11.47 28.94
N GLY A 2 19.46 10.67 29.26
CA GLY A 2 20.81 11.18 29.27
C GLY A 2 21.46 11.23 27.90
N VAL A 3 20.94 10.45 26.95
CA VAL A 3 21.51 10.43 25.60
C VAL A 3 21.08 11.62 24.76
N ALA A 4 20.12 12.39 25.28
CA ALA A 4 19.63 13.57 24.58
C ALA A 4 20.52 14.77 24.87
N LYS A 5 21.06 14.80 26.09
CA LYS A 5 21.94 15.88 26.51
C LYS A 5 23.12 15.98 25.55
N PHE A 6 23.39 14.89 24.84
CA PHE A 6 24.49 14.85 23.90
C PHE A 6 23.98 15.08 22.48
N ALA A 7 24.58 16.04 21.79
CA ALA A 7 24.18 16.38 20.42
C ALA A 7 24.40 15.24 19.44
N LYS A 8 23.44 15.08 18.52
CA LYS A 8 23.51 14.02 17.53
C LYS A 8 23.56 14.56 16.10
N TYR A 9 24.57 14.12 15.35
CA TYR A 9 24.73 14.57 13.97
C TYR A 9 24.07 13.57 13.00
N PRO A 10 22.94 13.96 12.40
CA PRO A 10 22.17 13.15 11.45
C PRO A 10 23.01 12.36 10.44
N LEU A 11 23.30 11.11 10.77
CA LEU A 11 24.10 10.24 9.93
C LEU A 11 23.30 9.09 9.30
N THR A 12 22.09 8.86 9.80
CA THR A 12 21.22 7.77 9.36
C THR A 12 19.77 8.14 9.04
N PHE A 13 19.20 7.42 8.07
CA PHE A 13 17.83 7.60 7.59
C PHE A 13 16.78 7.95 8.62
N GLY A 14 16.92 7.37 9.82
CA GLY A 14 15.98 7.60 10.89
C GLY A 14 16.02 6.39 11.81
N PRO A 15 14.99 6.17 12.64
CA PRO A 15 15.06 4.99 13.51
C PRO A 15 15.11 3.71 12.68
N SER A 16 16.07 2.85 12.99
CA SER A 16 16.27 1.58 12.28
C SER A 16 15.03 0.68 12.31
N PRO A 17 14.56 0.26 11.14
CA PRO A 17 13.37 -0.61 11.03
C PRO A 17 13.59 -2.03 11.59
N ILE A 18 12.48 -2.65 12.00
CA ILE A 18 12.49 -4.01 12.56
C ILE A 18 11.80 -5.02 11.64
N SER A 19 12.58 -5.96 11.08
CA SER A 19 12.02 -7.00 10.20
C SER A 19 11.43 -8.12 11.04
N ASN A 20 10.24 -8.58 10.67
CA ASN A 20 9.63 -9.69 11.39
C ASN A 20 10.01 -10.98 10.66
N LEU A 21 11.06 -11.64 11.14
CA LEU A 21 11.53 -12.88 10.54
C LEU A 21 10.65 -14.08 10.89
N ASN A 22 9.39 -14.01 10.48
CA ASN A 22 8.39 -15.03 10.74
C ASN A 22 8.67 -16.37 10.05
N ARG A 23 9.11 -16.35 8.81
CA ARG A 23 9.37 -17.59 8.10
C ARG A 23 10.54 -18.38 8.73
N LEU A 24 11.55 -17.68 9.22
CA LEU A 24 12.67 -18.34 9.87
C LEU A 24 12.19 -18.94 11.19
N SER A 25 11.29 -18.23 11.87
CA SER A 25 10.76 -18.69 13.13
C SER A 25 10.02 -20.01 12.92
N GLN A 26 9.12 -20.03 11.93
CA GLN A 26 8.37 -21.23 11.64
C GLN A 26 9.34 -22.36 11.37
N HIS A 27 10.41 -22.04 10.66
CA HIS A 27 11.44 -23.02 10.33
C HIS A 27 12.07 -23.59 11.58
N LEU A 28 12.51 -22.72 12.48
CA LEU A 28 13.13 -23.17 13.73
C LEU A 28 12.08 -23.69 14.69
N GLY A 29 11.02 -24.27 14.12
CA GLY A 29 9.95 -24.83 14.91
C GLY A 29 9.25 -23.92 15.89
N SER A 30 8.33 -23.11 15.38
CA SER A 30 7.54 -22.19 16.20
C SER A 30 7.94 -22.05 17.67
N LYS A 31 9.24 -21.91 17.93
CA LYS A 31 9.70 -21.76 19.31
C LYS A 31 9.48 -20.33 19.76
N VAL A 32 10.06 -19.43 19.00
CA VAL A 32 9.96 -18.01 19.29
C VAL A 32 9.63 -17.23 18.04
N ASN A 33 9.49 -15.92 18.21
CA ASN A 33 9.21 -15.01 17.11
C ASN A 33 10.44 -14.16 16.95
N VAL A 34 11.21 -14.43 15.91
CA VAL A 34 12.42 -13.67 15.69
C VAL A 34 12.18 -12.36 14.96
N TYR A 35 12.79 -11.31 15.48
CA TYR A 35 12.71 -10.00 14.88
C TYR A 35 14.14 -9.56 14.67
N ALA A 36 14.35 -8.70 13.68
CA ALA A 36 15.69 -8.20 13.41
C ALA A 36 15.68 -6.70 13.20
N LYS A 37 16.28 -5.97 14.14
CA LYS A 37 16.36 -4.51 14.02
C LYS A 37 17.50 -4.30 13.03
N ARG A 38 17.10 -3.91 11.81
CA ARG A 38 18.01 -3.73 10.68
C ARG A 38 18.93 -2.51 10.68
N GLU A 39 20.11 -2.63 11.27
CA GLU A 39 21.06 -1.52 11.27
C GLU A 39 21.87 -1.67 9.97
N ASP A 40 21.59 -2.73 9.23
CA ASP A 40 22.28 -2.99 7.99
C ASP A 40 21.45 -2.37 6.89
N CYS A 41 20.63 -1.40 7.26
CA CYS A 41 19.75 -0.73 6.32
C CYS A 41 19.45 0.65 6.92
N ASN A 42 20.45 1.22 7.57
CA ASN A 42 20.31 2.50 8.25
C ASN A 42 20.92 3.73 7.55
N SER A 43 21.38 3.56 6.32
CA SER A 43 21.99 4.68 5.62
C SER A 43 22.25 4.48 4.15
N GLY A 44 22.68 5.55 3.50
CA GLY A 44 23.01 5.50 2.10
C GLY A 44 24.51 5.53 2.02
N LEU A 45 25.16 5.46 3.19
CA LEU A 45 26.61 5.48 3.28
C LEU A 45 27.30 4.12 3.12
N ALA A 46 27.57 3.76 1.87
CA ALA A 46 28.24 2.51 1.50
C ALA A 46 27.66 1.26 2.19
N PHE A 47 26.37 1.04 2.01
CA PHE A 47 25.67 -0.10 2.60
C PHE A 47 25.35 0.09 4.08
N GLY A 48 25.53 1.31 4.58
CA GLY A 48 25.23 1.59 5.97
C GLY A 48 25.95 0.70 6.96
N GLY A 49 25.43 0.62 8.18
CA GLY A 49 26.07 -0.21 9.17
C GLY A 49 25.83 0.22 10.60
N ASN A 50 26.53 -0.41 11.53
CA ASN A 50 26.38 -0.11 12.95
C ASN A 50 27.24 1.06 13.41
N THR A 51 28.50 1.04 13.02
CA THR A 51 29.42 2.10 13.40
C THR A 51 28.79 3.48 13.22
N LEU A 52 28.15 3.70 12.08
CA LEU A 52 27.51 4.98 11.79
C LEU A 52 26.76 5.55 12.99
N ARG A 53 25.76 4.80 13.48
CA ARG A 53 24.97 5.23 14.63
C ARG A 53 25.83 5.66 15.79
N LYS A 54 26.99 5.01 15.95
CA LYS A 54 27.92 5.36 17.03
C LYS A 54 28.55 6.72 16.73
N LEU A 55 28.91 6.91 15.46
CA LEU A 55 29.54 8.14 14.99
C LEU A 55 28.67 9.38 15.16
N GLU A 56 27.36 9.20 14.97
CA GLU A 56 26.42 10.31 15.09
C GLU A 56 26.60 11.11 16.39
N TYR A 57 27.27 10.52 17.37
CA TYR A 57 27.49 11.23 18.63
C TYR A 57 28.92 11.69 18.79
N ILE A 58 29.74 11.37 17.79
CA ILE A 58 31.13 11.75 17.82
C ILE A 58 31.41 12.80 16.76
N VAL A 59 30.82 12.63 15.58
CA VAL A 59 30.98 13.59 14.50
C VAL A 59 30.81 15.04 14.96
N PRO A 60 29.97 15.27 15.99
CA PRO A 60 29.76 16.63 16.49
C PRO A 60 31.06 17.34 16.87
N ASP A 61 32.02 16.60 17.40
CA ASP A 61 33.31 17.18 17.79
C ASP A 61 34.22 17.37 16.60
N ILE A 62 34.11 16.50 15.60
CA ILE A 62 34.94 16.60 14.41
C ILE A 62 34.70 17.95 13.74
N VAL A 63 33.48 18.43 13.82
CA VAL A 63 33.09 19.70 13.22
C VAL A 63 33.43 20.89 14.13
N GLU A 64 32.99 20.83 15.39
CA GLU A 64 33.25 21.90 16.35
C GLU A 64 34.68 22.46 16.22
N GLY A 65 35.65 21.74 16.77
CA GLY A 65 37.03 22.18 16.68
C GLY A 65 37.51 22.03 15.25
N ASP A 66 38.83 22.01 15.05
CA ASP A 66 39.39 21.88 13.71
C ASP A 66 40.19 20.59 13.50
N TYR A 67 39.64 19.66 12.73
CA TYR A 67 40.33 18.41 12.47
C TYR A 67 40.48 18.23 10.98
N THR A 68 41.70 17.90 10.58
CA THR A 68 42.03 17.72 9.18
C THR A 68 41.68 16.34 8.66
N HIS A 69 42.26 15.32 9.28
CA HIS A 69 42.04 13.95 8.84
C HIS A 69 41.27 13.06 9.81
N LEU A 70 40.60 12.07 9.24
CA LEU A 70 39.85 11.10 10.03
C LEU A 70 40.64 9.80 9.94
N VAL A 71 41.16 9.35 11.06
CA VAL A 71 41.93 8.12 11.05
C VAL A 71 41.35 7.07 12.00
N SER A 72 41.16 5.86 11.47
CA SER A 72 40.62 4.76 12.26
C SER A 72 41.52 3.53 12.10
N ILE A 73 41.06 2.39 12.61
CA ILE A 73 41.84 1.17 12.53
C ILE A 73 40.99 -0.09 12.65
N GLY A 74 41.31 -1.09 11.84
CA GLY A 74 40.57 -2.35 11.85
C GLY A 74 41.23 -3.44 11.01
N GLY A 75 40.51 -4.52 10.78
CA GLY A 75 41.06 -5.61 10.00
C GLY A 75 40.80 -5.45 8.51
N ARG A 76 41.53 -6.22 7.71
CA ARG A 76 41.41 -6.18 6.24
C ARG A 76 39.96 -6.20 5.74
N GLN A 77 39.00 -6.41 6.63
CA GLN A 77 37.59 -6.43 6.22
C GLN A 77 36.72 -5.70 7.21
N SER A 78 37.37 -4.89 8.03
CA SER A 78 36.67 -4.11 9.04
C SER A 78 35.61 -3.26 8.36
N ASN A 79 34.46 -3.15 9.00
CA ASN A 79 33.36 -2.35 8.49
C ASN A 79 33.58 -0.99 9.11
N GLN A 80 34.00 -0.99 10.38
CA GLN A 80 34.28 0.22 11.11
C GLN A 80 35.01 1.24 10.24
N THR A 81 35.94 0.76 9.43
CA THR A 81 36.72 1.63 8.56
C THR A 81 36.01 1.92 7.24
N ARG A 82 35.36 0.90 6.67
CA ARG A 82 34.64 1.06 5.40
C ARG A 82 33.46 2.02 5.58
N MET A 83 33.20 2.40 6.82
CA MET A 83 32.12 3.33 7.11
C MET A 83 32.75 4.65 7.53
N VAL A 84 33.87 4.59 8.26
CA VAL A 84 34.54 5.80 8.67
C VAL A 84 34.93 6.57 7.41
N ALA A 85 35.20 5.82 6.35
CA ALA A 85 35.57 6.43 5.08
C ALA A 85 34.43 7.34 4.62
N ALA A 86 33.30 6.74 4.28
CA ALA A 86 32.15 7.49 3.82
C ALA A 86 31.90 8.69 4.74
N LEU A 87 31.96 8.46 6.04
CA LEU A 87 31.74 9.53 7.01
C LEU A 87 32.75 10.63 6.76
N ALA A 88 33.97 10.23 6.43
CA ALA A 88 35.04 11.19 6.15
C ALA A 88 34.69 11.93 4.87
N ALA A 89 34.10 11.20 3.92
CA ALA A 89 33.69 11.80 2.66
C ALA A 89 32.64 12.87 2.94
N LYS A 90 31.51 12.44 3.50
CA LYS A 90 30.42 13.36 3.81
C LYS A 90 30.88 14.52 4.67
N LEU A 91 31.68 14.26 5.69
CA LEU A 91 32.17 15.33 6.54
C LEU A 91 33.26 16.14 5.87
N GLY A 92 33.52 15.82 4.61
CA GLY A 92 34.55 16.51 3.86
C GLY A 92 35.86 16.62 4.64
N LYS A 93 36.62 15.54 4.66
CA LYS A 93 37.89 15.51 5.37
C LYS A 93 38.78 14.46 4.71
N LYS A 94 39.93 14.18 5.30
CA LYS A 94 40.84 13.19 4.75
C LYS A 94 40.77 11.85 5.51
N CYS A 95 40.90 10.75 4.78
CA CYS A 95 40.79 9.40 5.32
C CYS A 95 42.05 8.52 5.37
N VAL A 96 42.57 8.32 6.58
CA VAL A 96 43.76 7.49 6.78
C VAL A 96 43.30 6.24 7.54
N LEU A 97 43.40 5.07 6.91
CA LEU A 97 42.97 3.83 7.54
C LEU A 97 44.04 2.74 7.67
N ILE A 98 44.20 2.25 8.90
CA ILE A 98 45.17 1.20 9.22
C ILE A 98 44.46 -0.14 9.28
N GLN A 99 44.78 -1.04 8.36
CA GLN A 99 44.15 -2.36 8.32
C GLN A 99 45.06 -3.46 8.87
N GLU A 100 45.10 -3.61 10.18
CA GLU A 100 45.94 -4.64 10.80
C GLU A 100 45.52 -6.02 10.33
N ASP A 101 46.41 -6.99 10.52
CA ASP A 101 46.13 -8.37 10.14
C ASP A 101 45.42 -8.99 11.33
N TRP A 102 44.11 -9.16 11.22
CA TRP A 102 43.31 -9.70 12.29
C TRP A 102 42.77 -11.07 11.99
N VAL A 103 42.93 -11.52 10.76
CA VAL A 103 42.40 -12.82 10.39
C VAL A 103 43.34 -13.66 9.55
N PRO A 104 43.54 -14.92 9.96
CA PRO A 104 44.40 -15.85 9.22
C PRO A 104 43.69 -16.12 7.89
N ILE A 105 44.03 -15.32 6.89
CA ILE A 105 43.42 -15.40 5.56
C ILE A 105 43.46 -16.76 4.90
N PRO A 106 42.30 -17.44 4.82
CA PRO A 106 42.24 -18.77 4.19
C PRO A 106 43.07 -18.79 2.91
N GLU A 107 43.69 -19.95 2.66
CA GLU A 107 44.53 -20.13 1.49
C GLU A 107 43.81 -19.85 0.17
N ALA A 108 42.50 -20.04 0.15
CA ALA A 108 41.73 -19.79 -1.06
C ALA A 108 41.51 -18.28 -1.24
N GLU A 109 41.03 -17.64 -0.18
CA GLU A 109 40.74 -16.21 -0.19
C GLU A 109 41.93 -15.25 -0.10
N LYS A 110 43.15 -15.77 0.09
CA LYS A 110 44.32 -14.89 0.22
C LYS A 110 44.62 -14.03 -1.00
N ASP A 111 44.12 -14.43 -2.15
CA ASP A 111 44.32 -13.68 -3.39
C ASP A 111 43.16 -12.72 -3.63
N VAL A 112 42.33 -12.54 -2.61
CA VAL A 112 41.15 -11.68 -2.72
C VAL A 112 40.85 -10.93 -1.43
N TYR A 113 41.01 -11.63 -0.31
CA TYR A 113 40.73 -11.08 1.01
C TYR A 113 41.18 -9.62 1.22
N ASN A 114 42.13 -9.15 0.42
CA ASN A 114 42.62 -7.78 0.56
C ASN A 114 42.29 -6.82 -0.58
N ARG A 115 41.21 -7.09 -1.31
CA ARG A 115 40.84 -6.22 -2.41
C ARG A 115 39.39 -6.44 -2.88
N VAL A 116 38.48 -6.55 -1.92
CA VAL A 116 37.07 -6.76 -2.22
C VAL A 116 36.28 -6.25 -1.02
N GLY A 117 34.95 -6.29 -1.12
CA GLY A 117 34.12 -5.84 -0.02
C GLY A 117 34.66 -4.65 0.73
N ASN A 118 34.49 -4.67 2.04
CA ASN A 118 34.93 -3.58 2.92
C ASN A 118 36.16 -2.81 2.44
N ILE A 119 37.23 -3.53 2.09
CA ILE A 119 38.44 -2.86 1.65
C ILE A 119 38.24 -2.10 0.35
N GLU A 120 37.96 -2.80 -0.75
CA GLU A 120 37.76 -2.15 -2.04
C GLU A 120 36.93 -0.88 -1.89
N LEU A 121 35.81 -1.00 -1.19
CA LEU A 121 34.94 0.15 -0.98
C LEU A 121 35.71 1.28 -0.35
N SER A 122 36.24 1.03 0.85
CA SER A 122 36.99 2.04 1.58
C SER A 122 37.93 2.80 0.65
N ARG A 123 38.59 2.07 -0.25
CA ARG A 123 39.49 2.70 -1.19
C ARG A 123 38.74 3.64 -2.13
N ILE A 124 37.79 3.09 -2.88
CA ILE A 124 36.99 3.88 -3.82
C ILE A 124 36.58 5.22 -3.21
N MET A 125 36.27 5.23 -1.93
CA MET A 125 35.89 6.48 -1.28
C MET A 125 37.14 7.31 -1.06
N GLY A 126 38.11 7.13 -1.95
CA GLY A 126 39.37 7.85 -1.88
C GLY A 126 40.02 7.84 -0.51
N ALA A 127 40.18 6.65 0.05
CA ALA A 127 40.77 6.53 1.36
C ALA A 127 42.23 6.13 1.29
N ASP A 128 42.98 6.53 2.31
CA ASP A 128 44.39 6.21 2.39
C ASP A 128 44.52 4.91 3.18
N VAL A 129 44.47 3.80 2.44
CA VAL A 129 44.57 2.45 3.01
C VAL A 129 45.99 2.09 3.39
N ARG A 130 46.12 1.36 4.49
CA ARG A 130 47.43 0.94 4.96
C ARG A 130 47.37 -0.47 5.52
N VAL A 131 47.57 -1.44 4.64
CA VAL A 131 47.57 -2.84 5.00
C VAL A 131 48.77 -3.17 5.88
N ILE A 132 48.63 -2.99 7.19
CA ILE A 132 49.73 -3.27 8.10
C ILE A 132 49.69 -4.74 8.55
N GLU A 133 50.82 -5.26 9.00
CA GLU A 133 50.89 -6.67 9.41
C GLU A 133 50.73 -6.96 10.91
N ASP A 134 50.33 -5.97 11.69
CA ASP A 134 50.12 -6.18 13.12
C ASP A 134 48.98 -7.19 13.28
N GLY A 135 48.78 -7.69 14.50
CA GLY A 135 47.73 -8.68 14.71
C GLY A 135 46.48 -8.21 15.44
N PHE A 136 45.52 -9.12 15.58
CA PHE A 136 44.25 -8.83 16.25
C PHE A 136 44.38 -8.35 17.69
N ASP A 137 43.44 -7.52 18.11
CA ASP A 137 43.39 -6.95 19.45
C ASP A 137 42.38 -5.81 19.49
N ILE A 138 41.45 -5.88 20.44
CA ILE A 138 40.42 -4.85 20.56
C ILE A 138 40.87 -3.64 21.37
N GLY A 139 42.15 -3.58 21.72
CA GLY A 139 42.65 -2.46 22.49
C GLY A 139 43.44 -1.45 21.67
N MET A 140 43.72 -0.30 22.27
CA MET A 140 44.48 0.75 21.60
C MET A 140 45.75 0.23 20.95
N ARG A 141 45.88 0.42 19.64
CA ARG A 141 47.03 -0.07 18.88
C ARG A 141 48.22 0.89 18.72
N LYS A 142 49.33 0.34 18.24
CA LYS A 142 50.56 1.08 18.02
C LYS A 142 50.54 1.76 16.66
N SER A 143 50.27 0.99 15.61
CA SER A 143 50.19 1.54 14.26
C SER A 143 49.27 2.75 14.26
N PHE A 144 48.26 2.68 15.14
CA PHE A 144 47.28 3.74 15.30
C PHE A 144 48.00 4.98 15.83
N ALA A 145 48.16 5.05 17.15
CA ALA A 145 48.84 6.19 17.79
C ALA A 145 50.04 6.67 16.99
N ASN A 146 50.63 5.75 16.20
CA ASN A 146 51.77 6.06 15.35
C ASN A 146 51.37 7.08 14.30
N ALA A 147 50.38 6.71 13.48
CA ALA A 147 49.90 7.58 12.42
C ALA A 147 49.40 8.91 12.99
N LEU A 148 48.71 8.85 14.13
CA LEU A 148 48.21 10.06 14.77
C LEU A 148 49.34 11.07 14.85
N GLN A 149 50.49 10.60 15.34
CA GLN A 149 51.68 11.42 15.46
C GLN A 149 52.28 11.59 14.07
N GLU A 150 52.32 10.49 13.32
CA GLU A 150 52.85 10.48 11.98
C GLU A 150 52.29 11.67 11.21
N LEU A 151 50.97 11.78 11.19
CA LEU A 151 50.29 12.87 10.50
C LEU A 151 50.60 14.20 11.20
N GLU A 152 50.46 14.21 12.52
CA GLU A 152 50.72 15.39 13.33
C GLU A 152 52.17 15.86 13.18
N ASP A 153 52.93 15.11 12.39
CA ASP A 153 54.31 15.45 12.12
C ASP A 153 54.30 16.17 10.78
N ALA A 154 53.56 15.61 9.82
CA ALA A 154 53.45 16.22 8.50
C ALA A 154 52.68 17.53 8.66
N GLY A 155 52.34 17.86 9.91
CA GLY A 155 51.64 19.09 10.23
C GLY A 155 50.13 19.12 10.02
N HIS A 156 49.39 18.41 10.86
CA HIS A 156 47.93 18.35 10.74
C HIS A 156 47.28 18.14 12.11
N LYS A 157 45.95 18.00 12.12
CA LYS A 157 45.17 17.79 13.34
C LYS A 157 44.12 16.67 13.16
N PRO A 158 44.58 15.43 12.85
CA PRO A 158 43.69 14.27 12.64
C PRO A 158 42.77 13.95 13.83
N TYR A 159 41.76 13.12 13.57
CA TYR A 159 40.82 12.72 14.61
C TYR A 159 40.93 11.22 14.89
N PRO A 160 41.08 10.86 16.18
CA PRO A 160 41.22 9.48 16.67
C PRO A 160 39.94 8.63 16.69
N ILE A 161 39.78 7.80 15.67
CA ILE A 161 38.63 6.89 15.58
C ILE A 161 39.16 5.47 15.75
N PRO A 162 39.34 5.04 17.02
CA PRO A 162 39.84 3.71 17.39
C PRO A 162 39.06 2.51 16.87
N ALA A 163 39.30 1.35 17.49
CA ALA A 163 38.64 0.11 17.11
C ALA A 163 37.17 0.08 17.48
N GLY A 164 36.30 0.16 16.48
CA GLY A 164 34.87 0.13 16.72
C GLY A 164 34.36 1.32 17.53
N CYS A 165 35.21 2.32 17.71
CA CYS A 165 34.83 3.51 18.46
C CYS A 165 34.63 3.19 19.93
N SER A 166 34.82 1.91 20.28
CA SER A 166 34.65 1.45 21.66
C SER A 166 35.51 2.22 22.65
N GLU A 167 36.78 2.37 22.32
CA GLU A 167 37.71 3.09 23.19
C GLU A 167 37.33 4.57 23.28
N HIS A 168 36.82 5.13 22.19
CA HIS A 168 36.41 6.54 22.13
C HIS A 168 35.49 6.97 23.26
N LYS A 169 35.82 8.10 23.88
CA LYS A 169 35.07 8.64 25.00
C LYS A 169 33.55 8.58 24.87
N TYR A 170 33.06 8.59 23.64
CA TYR A 170 31.62 8.54 23.42
C TYR A 170 31.08 7.24 22.82
N GLY A 171 31.99 6.38 22.38
CA GLY A 171 31.61 5.11 21.76
C GLY A 171 30.29 4.46 22.16
N GLY A 172 29.90 4.58 23.42
CA GLY A 172 28.67 3.96 23.89
C GLY A 172 27.37 4.68 23.60
N LEU A 173 27.38 6.01 23.72
CA LEU A 173 26.19 6.83 23.49
C LEU A 173 25.36 6.37 22.30
N GLY A 174 26.04 6.08 21.19
CA GLY A 174 25.36 5.64 19.98
C GLY A 174 24.24 4.64 20.20
N PHE A 175 24.58 3.50 20.82
CA PHE A 175 23.57 2.47 21.05
C PHE A 175 22.74 2.65 22.30
N VAL A 176 23.10 3.63 23.13
CA VAL A 176 22.29 3.89 24.29
C VAL A 176 21.00 4.42 23.66
N GLY A 177 21.16 5.03 22.48
CA GLY A 177 20.01 5.55 21.76
C GLY A 177 19.22 4.41 21.17
N PHE A 178 19.94 3.38 20.75
CA PHE A 178 19.35 2.17 20.17
C PHE A 178 18.20 1.70 21.06
N ALA A 179 18.51 1.46 22.32
CA ALA A 179 17.52 1.01 23.29
C ALA A 179 16.29 1.91 23.16
N ASP A 180 16.50 3.22 23.27
CA ASP A 180 15.41 4.17 23.17
C ASP A 180 14.44 3.77 22.06
N GLU A 181 14.99 3.46 20.89
CA GLU A 181 14.16 3.06 19.75
C GLU A 181 13.41 1.75 20.01
N VAL A 182 14.10 0.79 20.63
CA VAL A 182 13.50 -0.51 20.93
C VAL A 182 12.18 -0.33 21.69
N ILE A 183 12.24 0.43 22.79
CA ILE A 183 11.06 0.66 23.58
C ILE A 183 9.98 1.37 22.77
N ASN A 184 10.35 2.43 22.06
CA ASN A 184 9.37 3.16 21.25
C ASN A 184 8.74 2.24 20.21
N GLN A 185 9.58 1.39 19.62
CA GLN A 185 9.13 0.46 18.59
C GLN A 185 8.24 -0.63 19.15
N GLU A 186 8.53 -1.07 20.37
CA GLU A 186 7.71 -2.09 21.02
C GLU A 186 6.32 -1.50 21.09
N VAL A 187 6.28 -0.23 21.45
CA VAL A 187 5.02 0.48 21.52
C VAL A 187 4.32 0.39 20.18
N GLU A 188 4.92 0.95 19.14
CA GLU A 188 4.27 0.91 17.83
C GLU A 188 4.00 -0.50 17.29
N LEU A 189 4.71 -1.50 17.79
CA LEU A 189 4.49 -2.88 17.33
C LEU A 189 3.37 -3.56 18.10
N GLY A 190 3.07 -3.01 19.28
CA GLY A 190 2.04 -3.57 20.13
C GLY A 190 2.55 -4.81 20.82
N ILE A 191 3.87 -4.98 20.86
CA ILE A 191 4.48 -6.14 21.51
C ILE A 191 5.71 -5.75 22.30
N LYS A 192 6.14 -6.65 23.17
CA LYS A 192 7.30 -6.40 24.00
C LYS A 192 8.38 -7.42 23.67
N PHE A 193 9.63 -6.97 23.61
CA PHE A 193 10.71 -7.90 23.31
C PHE A 193 11.20 -8.51 24.62
N ASP A 194 11.49 -9.80 24.58
CA ASP A 194 11.94 -10.51 25.76
C ASP A 194 13.44 -10.50 25.90
N LYS A 195 14.12 -10.74 24.79
CA LYS A 195 15.57 -10.75 24.79
C LYS A 195 16.11 -10.04 23.55
N ILE A 196 17.37 -9.65 23.60
CA ILE A 196 18.02 -8.97 22.49
C ILE A 196 19.34 -9.65 22.23
N VAL A 197 19.50 -10.22 21.04
CA VAL A 197 20.73 -10.93 20.67
C VAL A 197 21.59 -10.02 19.80
N VAL A 198 22.89 -9.98 20.06
CA VAL A 198 23.76 -9.12 19.27
C VAL A 198 25.25 -9.47 19.32
N CYS A 199 25.87 -9.63 18.16
CA CYS A 199 27.29 -9.95 18.09
C CYS A 199 28.13 -8.95 18.87
N CYS A 200 29.27 -9.40 19.36
CA CYS A 200 30.14 -8.55 20.15
C CYS A 200 31.61 -8.82 19.89
N VAL A 201 32.42 -7.76 19.80
CA VAL A 201 33.85 -7.91 19.57
C VAL A 201 34.63 -6.86 20.35
N THR A 202 34.51 -5.59 19.96
CA THR A 202 35.19 -4.51 20.67
C THR A 202 34.34 -4.04 21.86
N GLY A 203 33.05 -4.33 21.82
CA GLY A 203 32.17 -4.00 22.93
C GLY A 203 31.32 -2.74 23.01
N SER A 204 31.57 -1.74 22.18
CA SER A 204 30.78 -0.51 22.25
C SER A 204 29.29 -0.70 21.93
N THR A 205 28.98 -1.59 20.99
CA THR A 205 27.59 -1.84 20.62
C THR A 205 26.80 -2.38 21.82
N THR A 206 27.17 -3.57 22.29
CA THR A 206 26.52 -4.19 23.44
C THR A 206 26.54 -3.25 24.64
N ALA A 207 27.69 -2.63 24.90
CA ALA A 207 27.81 -1.71 26.02
C ALA A 207 26.74 -0.63 25.93
N GLY A 208 26.56 -0.07 24.74
CA GLY A 208 25.54 0.95 24.55
C GLY A 208 24.17 0.36 24.82
N ILE A 209 23.90 -0.80 24.22
CA ILE A 209 22.63 -1.47 24.41
C ILE A 209 22.39 -1.72 25.90
N LEU A 210 23.42 -2.21 26.59
CA LEU A 210 23.34 -2.47 28.02
C LEU A 210 23.04 -1.18 28.78
N ALA A 211 23.88 -0.18 28.57
CA ALA A 211 23.73 1.12 29.22
C ALA A 211 22.34 1.68 29.02
N GLY A 212 21.87 1.63 27.77
CA GLY A 212 20.56 2.14 27.45
C GLY A 212 19.41 1.30 27.98
N MET A 213 19.49 -0.01 27.80
CA MET A 213 18.43 -0.89 28.29
C MET A 213 18.30 -0.73 29.80
N ALA A 214 19.41 -0.41 30.45
CA ALA A 214 19.42 -0.21 31.89
C ALA A 214 18.49 0.94 32.26
N GLN A 215 18.34 1.89 31.34
CA GLN A 215 17.46 3.03 31.57
C GLN A 215 16.09 2.54 31.99
N TYR A 216 15.79 1.29 31.65
CA TYR A 216 14.49 0.72 31.98
C TYR A 216 14.62 -0.56 32.81
N GLY A 217 15.81 -0.78 33.36
CA GLY A 217 16.04 -1.96 34.16
C GLY A 217 15.94 -3.25 33.37
N ARG A 218 16.14 -3.17 32.06
CA ARG A 218 16.07 -4.33 31.20
C ARG A 218 17.42 -4.78 30.69
N GLN A 219 18.48 -4.23 31.29
CA GLN A 219 19.84 -4.56 30.90
C GLN A 219 20.05 -6.06 30.78
N ASP A 220 19.24 -6.84 31.49
CA ASP A 220 19.36 -8.29 31.43
C ASP A 220 18.85 -8.87 30.13
N ASP A 221 17.87 -8.19 29.52
CA ASP A 221 17.31 -8.64 28.25
C ASP A 221 18.40 -8.78 27.21
N VAL A 222 19.56 -8.20 27.50
CA VAL A 222 20.71 -8.25 26.59
C VAL A 222 21.36 -9.63 26.59
N ILE A 223 21.68 -10.12 25.39
CA ILE A 223 22.33 -11.41 25.22
C ILE A 223 23.40 -11.25 24.15
N ALA A 224 24.64 -11.09 24.57
CA ALA A 224 25.73 -10.90 23.63
C ALA A 224 26.36 -12.20 23.16
N ILE A 225 26.49 -12.33 21.85
CA ILE A 225 27.09 -13.50 21.24
C ILE A 225 28.48 -13.10 20.74
N ASP A 226 29.51 -13.36 21.53
CA ASP A 226 30.87 -13.00 21.15
C ASP A 226 31.36 -13.58 19.82
N ALA A 227 32.29 -12.87 19.19
CA ALA A 227 32.86 -13.29 17.92
C ALA A 227 34.36 -12.96 17.87
N SER A 228 34.94 -12.64 19.03
CA SER A 228 36.35 -12.31 19.11
C SER A 228 37.18 -13.52 19.50
N PHE A 229 36.55 -14.43 20.23
CA PHE A 229 37.19 -15.66 20.71
C PHE A 229 38.21 -15.31 21.79
N THR A 230 37.81 -14.40 22.68
CA THR A 230 38.65 -13.97 23.79
C THR A 230 37.80 -13.24 24.81
N SER A 231 37.04 -13.99 25.59
CA SER A 231 36.16 -13.44 26.63
C SER A 231 36.79 -12.28 27.38
N GLU A 232 37.64 -12.61 28.35
CA GLU A 232 38.34 -11.63 29.18
C GLU A 232 38.31 -10.19 28.63
N LYS A 233 39.28 -9.86 27.78
CA LYS A 233 39.36 -8.51 27.24
C LYS A 233 38.02 -8.00 26.72
N THR A 234 37.35 -8.79 25.88
CA THR A 234 36.07 -8.39 25.34
C THR A 234 35.03 -8.11 26.41
N LYS A 235 34.93 -8.98 27.42
CA LYS A 235 33.96 -8.75 28.48
C LYS A 235 34.46 -7.68 29.42
N GLU A 236 35.75 -7.74 29.74
CA GLU A 236 36.36 -6.78 30.64
C GLU A 236 36.48 -5.38 30.04
N GLN A 237 36.08 -5.24 28.78
CA GLN A 237 36.14 -3.94 28.11
C GLN A 237 34.71 -3.47 27.89
N THR A 238 33.87 -4.35 27.37
CA THR A 238 32.48 -4.02 27.15
C THR A 238 31.91 -3.58 28.50
N LEU A 239 32.25 -4.36 29.52
CA LEU A 239 31.79 -4.10 30.89
C LEU A 239 32.31 -2.74 31.36
N ARG A 240 33.34 -2.26 30.68
CA ARG A 240 33.93 -0.97 31.01
C ARG A 240 33.22 0.12 30.21
N ILE A 241 33.13 -0.09 28.91
CA ILE A 241 32.45 0.84 28.02
C ILE A 241 31.02 1.02 28.53
N ALA A 242 30.50 -0.05 29.12
CA ALA A 242 29.15 -0.06 29.66
C ALA A 242 28.95 0.92 30.80
N ASN A 243 29.87 0.93 31.75
CA ASN A 243 29.76 1.83 32.90
C ASN A 243 30.03 3.28 32.52
N ASN A 244 31.23 3.58 32.03
CA ASN A 244 31.56 4.95 31.61
C ASN A 244 30.34 5.62 30.99
N THR A 245 29.76 4.94 30.00
CA THR A 245 28.59 5.44 29.30
C THR A 245 27.40 5.57 30.24
N ALA A 246 27.19 4.56 31.06
CA ALA A 246 26.09 4.57 32.01
C ALA A 246 26.12 5.85 32.85
N LYS A 247 27.28 6.47 32.95
CA LYS A 247 27.42 7.70 33.72
C LYS A 247 27.16 8.93 32.87
N LEU A 248 27.58 8.89 31.61
CA LEU A 248 27.37 10.01 30.71
C LEU A 248 25.87 10.27 30.59
N ILE A 249 25.11 9.19 30.55
CA ILE A 249 23.65 9.26 30.42
C ILE A 249 22.97 9.46 31.76
N GLY A 250 23.72 9.26 32.85
CA GLY A 250 23.16 9.44 34.17
C GLY A 250 22.63 8.20 34.85
N VAL A 251 22.60 7.08 34.13
CA VAL A 251 22.11 5.83 34.69
C VAL A 251 23.04 5.40 35.81
N GLU A 252 22.52 5.34 37.02
CA GLU A 252 23.31 4.96 38.18
C GLU A 252 23.86 3.54 38.11
N HIS A 253 22.96 2.58 38.00
CA HIS A 253 23.30 1.16 37.93
C HIS A 253 24.69 0.92 37.31
N GLU A 254 25.44 0.00 37.91
CA GLU A 254 26.77 -0.35 37.43
C GLU A 254 26.78 -1.81 36.96
N PHE A 255 27.46 -2.06 35.85
CA PHE A 255 27.55 -3.41 35.30
C PHE A 255 28.79 -4.16 35.78
N LYS A 256 28.58 -5.25 36.50
CA LYS A 256 29.69 -6.06 36.99
C LYS A 256 29.75 -7.35 36.20
N ASP A 257 28.84 -7.50 35.25
CA ASP A 257 28.78 -8.69 34.41
C ASP A 257 27.61 -8.58 33.45
N PHE A 258 27.64 -9.39 32.38
CA PHE A 258 26.57 -9.41 31.39
C PHE A 258 26.64 -10.70 30.57
N THR A 259 25.50 -11.16 30.08
CA THR A 259 25.42 -12.38 29.30
C THR A 259 26.25 -12.41 28.02
N LEU A 260 27.42 -13.03 28.05
CA LEU A 260 28.25 -13.12 26.84
C LEU A 260 28.53 -14.57 26.42
N ASP A 261 27.54 -15.19 25.78
CA ASP A 261 27.68 -16.57 25.31
C ASP A 261 28.87 -16.67 24.36
N THR A 262 29.98 -17.24 24.82
CA THR A 262 31.17 -17.38 23.98
C THR A 262 31.28 -18.75 23.33
N ARG A 263 30.15 -19.34 22.99
CA ARG A 263 30.15 -20.68 22.39
C ARG A 263 30.43 -20.78 20.89
N PHE A 264 30.30 -19.68 20.15
CA PHE A 264 30.49 -19.76 18.70
C PHE A 264 31.65 -19.02 18.08
N ALA A 265 32.35 -18.22 18.87
CA ALA A 265 33.50 -17.47 18.38
C ALA A 265 34.52 -18.40 17.71
N TYR A 266 34.48 -19.68 18.09
CA TYR A 266 35.40 -20.67 17.51
C TYR A 266 35.49 -20.51 15.98
N PRO A 267 36.70 -20.62 15.41
CA PRO A 267 37.99 -20.87 16.04
C PRO A 267 38.80 -19.61 16.35
N CYS A 268 38.40 -18.49 15.76
CA CYS A 268 39.12 -17.24 15.99
C CYS A 268 38.40 -16.11 15.30
N TYR A 269 38.66 -14.89 15.75
CA TYR A 269 38.06 -13.73 15.15
C TYR A 269 38.35 -13.78 13.65
N GLY A 270 37.33 -13.52 12.84
CA GLY A 270 37.52 -13.53 11.41
C GLY A 270 37.12 -14.82 10.70
N VAL A 271 37.59 -15.95 11.21
CA VAL A 271 37.25 -17.22 10.58
C VAL A 271 35.96 -17.79 11.16
N PRO A 272 35.11 -18.39 10.29
CA PRO A 272 33.83 -18.99 10.69
C PRO A 272 33.98 -20.49 10.98
N ASN A 273 32.87 -21.21 10.94
CA ASN A 273 32.87 -22.64 11.15
C ASN A 273 31.60 -23.19 10.55
N GLU A 274 31.56 -24.49 10.31
CA GLU A 274 30.39 -25.13 9.74
C GLU A 274 29.12 -24.57 10.35
N GLY A 275 29.18 -24.26 11.64
CA GLY A 275 28.04 -23.72 12.35
C GLY A 275 27.65 -22.34 11.86
N THR A 276 28.66 -21.50 11.67
CA THR A 276 28.47 -20.14 11.17
C THR A 276 27.93 -20.23 9.75
N ILE A 277 28.74 -20.79 8.86
CA ILE A 277 28.34 -20.96 7.47
C ILE A 277 26.94 -21.55 7.39
N GLU A 278 26.61 -22.41 8.34
CA GLU A 278 25.31 -23.07 8.37
C GLU A 278 24.18 -22.10 8.71
N ALA A 279 24.43 -21.20 9.66
CA ALA A 279 23.43 -20.21 10.09
C ALA A 279 23.11 -19.29 8.91
N ILE A 280 24.16 -18.61 8.44
CA ILE A 280 24.06 -17.71 7.30
C ILE A 280 23.12 -18.32 6.28
N ARG A 281 23.46 -19.52 5.81
CA ARG A 281 22.66 -20.26 4.85
C ARG A 281 21.20 -20.34 5.28
N THR A 282 20.98 -20.86 6.49
CA THR A 282 19.63 -21.01 7.00
C THR A 282 18.85 -19.72 6.89
N CYS A 283 19.37 -18.68 7.56
CA CYS A 283 18.76 -17.37 7.56
C CYS A 283 18.55 -16.79 6.17
N ALA A 284 19.58 -16.87 5.33
CA ALA A 284 19.53 -16.36 3.97
C ALA A 284 18.49 -17.12 3.14
N GLU A 285 18.41 -18.43 3.35
CA GLU A 285 17.47 -19.27 2.64
C GLU A 285 16.06 -19.09 3.18
N GLN A 286 15.95 -18.66 4.43
CA GLN A 286 14.65 -18.45 5.06
C GLN A 286 14.09 -17.04 4.94
N GLU A 287 14.96 -16.04 4.91
CA GLU A 287 14.50 -14.66 4.86
C GLU A 287 15.11 -13.76 3.80
N GLY A 288 16.08 -14.28 3.04
CA GLY A 288 16.70 -13.47 2.02
C GLY A 288 17.59 -12.44 2.71
N VAL A 289 17.73 -12.57 4.03
CA VAL A 289 18.57 -11.66 4.82
C VAL A 289 19.98 -12.20 4.83
N LEU A 290 20.95 -11.35 4.51
CA LEU A 290 22.34 -11.78 4.46
C LEU A 290 23.11 -11.47 5.72
N THR A 291 23.90 -12.44 6.13
CA THR A 291 24.72 -12.34 7.34
C THR A 291 26.17 -12.68 6.97
N ASP A 292 27.13 -12.12 7.71
CA ASP A 292 28.54 -12.34 7.40
C ASP A 292 29.27 -13.39 8.25
N PRO A 293 30.30 -14.01 7.66
CA PRO A 293 31.12 -15.04 8.30
C PRO A 293 31.91 -14.52 9.49
N VAL A 294 31.74 -13.26 9.84
CA VAL A 294 32.53 -12.73 10.94
C VAL A 294 31.76 -12.25 12.15
N TYR A 295 30.65 -11.55 11.93
CA TYR A 295 29.90 -11.01 13.05
C TYR A 295 28.41 -11.36 13.16
N GLU A 296 27.72 -11.40 12.03
CA GLU A 296 26.29 -11.68 12.06
C GLU A 296 25.93 -13.14 11.79
N GLY A 297 26.87 -13.89 11.22
CA GLY A 297 26.59 -15.29 10.96
C GLY A 297 26.74 -16.03 12.27
N LYS A 298 27.71 -15.59 13.07
CA LYS A 298 27.98 -16.18 14.37
C LYS A 298 26.92 -15.79 15.39
N SER A 299 26.49 -14.54 15.38
CA SER A 299 25.46 -14.11 16.32
C SER A 299 24.13 -14.74 15.90
N MET A 300 24.04 -15.12 14.63
CA MET A 300 22.83 -15.74 14.11
C MET A 300 22.77 -17.22 14.51
N GLN A 301 23.90 -17.92 14.36
CA GLN A 301 23.92 -19.33 14.73
C GLN A 301 23.67 -19.44 16.24
N GLY A 302 24.24 -18.49 16.99
CA GLY A 302 24.03 -18.47 18.41
C GLY A 302 22.54 -18.35 18.65
N LEU A 303 21.90 -17.43 17.92
CA LEU A 303 20.47 -17.22 18.04
C LEU A 303 19.74 -18.52 17.72
N ILE A 304 20.32 -19.32 16.83
CA ILE A 304 19.73 -20.59 16.42
C ILE A 304 19.93 -21.67 17.49
N ALA A 305 21.17 -21.80 17.96
CA ALA A 305 21.50 -22.79 18.99
C ALA A 305 20.59 -22.58 20.18
N LEU A 306 20.52 -21.34 20.65
CA LEU A 306 19.70 -20.98 21.79
C LEU A 306 18.23 -21.35 21.61
N ILE A 307 17.78 -21.39 20.36
CA ILE A 307 16.39 -21.73 20.12
C ILE A 307 16.20 -23.24 20.17
N LYS A 308 17.22 -23.99 19.77
CA LYS A 308 17.12 -25.44 19.81
C LYS A 308 16.97 -25.85 21.28
N GLU A 309 17.94 -25.42 22.08
CA GLU A 309 17.97 -25.72 23.50
C GLU A 309 16.87 -25.02 24.30
N ASP A 310 15.80 -24.62 23.63
CA ASP A 310 14.70 -23.94 24.28
C ASP A 310 15.18 -22.97 25.36
N TYR A 311 16.06 -22.06 24.98
CA TYR A 311 16.59 -21.09 25.91
C TYR A 311 15.57 -19.97 26.16
N PHE A 312 14.65 -19.75 25.23
CA PHE A 312 13.66 -18.68 25.39
C PHE A 312 12.26 -19.15 25.77
N LYS A 313 11.62 -18.36 26.62
CA LYS A 313 10.26 -18.66 27.04
C LYS A 313 9.42 -18.94 25.80
N PRO A 314 8.51 -19.92 25.89
CA PRO A 314 7.66 -20.27 24.75
C PRO A 314 6.97 -19.04 24.17
N GLY A 315 6.98 -18.94 22.85
CA GLY A 315 6.36 -17.79 22.19
C GLY A 315 7.01 -16.48 22.59
N ALA A 316 8.32 -16.51 22.82
CA ALA A 316 9.03 -15.32 23.20
C ALA A 316 9.32 -14.45 21.99
N ASN A 317 9.58 -13.17 22.26
CA ASN A 317 9.90 -12.21 21.24
C ASN A 317 11.39 -11.90 21.37
N VAL A 318 12.19 -12.44 20.46
CA VAL A 318 13.63 -12.21 20.49
C VAL A 318 14.02 -11.23 19.37
N LEU A 319 14.72 -10.16 19.74
CA LEU A 319 15.13 -9.18 18.75
C LEU A 319 16.58 -9.37 18.37
N TYR A 320 16.76 -9.87 17.15
CA TYR A 320 18.08 -10.10 16.60
C TYR A 320 18.61 -8.81 15.98
N VAL A 321 19.58 -8.19 16.65
CA VAL A 321 20.17 -6.97 16.15
C VAL A 321 21.11 -7.22 14.96
N HIS A 322 20.72 -6.79 13.77
CA HIS A 322 21.59 -6.98 12.59
C HIS A 322 22.40 -5.73 12.32
N LEU A 323 23.66 -5.76 12.75
CA LEU A 323 24.59 -4.64 12.62
C LEU A 323 25.30 -4.56 11.25
N GLY A 324 24.81 -5.31 10.27
CA GLY A 324 25.44 -5.29 8.96
C GLY A 324 26.68 -6.17 8.93
N GLY A 325 27.46 -6.06 7.85
CA GLY A 325 28.67 -6.86 7.73
C GLY A 325 28.72 -7.62 6.42
N ALA A 326 27.55 -7.80 5.81
CA ALA A 326 27.42 -8.51 4.53
C ALA A 326 28.39 -8.10 3.43
N PRO A 327 28.84 -6.83 3.43
CA PRO A 327 29.78 -6.32 2.41
C PRO A 327 31.07 -7.13 2.30
N ALA A 328 31.55 -7.63 3.42
CA ALA A 328 32.78 -8.42 3.46
C ALA A 328 32.54 -9.82 2.95
N LEU A 329 31.28 -10.21 2.88
CA LEU A 329 30.91 -11.53 2.42
C LEU A 329 31.63 -11.94 1.14
N SER A 330 31.89 -10.97 0.26
CA SER A 330 32.56 -11.27 -1.00
C SER A 330 33.99 -11.79 -0.85
N ALA A 331 34.53 -11.71 0.36
CA ALA A 331 35.89 -12.17 0.61
C ALA A 331 35.86 -13.55 1.28
N TYR A 332 34.69 -14.17 1.30
CA TYR A 332 34.52 -15.49 1.91
C TYR A 332 33.69 -16.39 1.00
N SER A 333 33.74 -16.11 -0.30
CA SER A 333 32.97 -16.89 -1.28
C SER A 333 33.30 -18.37 -1.22
N SER A 334 34.53 -18.70 -0.87
CA SER A 334 34.95 -20.09 -0.78
C SER A 334 34.04 -20.89 0.14
N PHE A 335 33.85 -20.40 1.36
CA PHE A 335 33.02 -21.09 2.35
C PHE A 335 31.59 -21.35 1.87
N PHE A 336 31.14 -20.64 0.85
CA PHE A 336 29.79 -20.80 0.35
C PHE A 336 29.73 -21.37 -1.06
N PRO A 337 29.65 -22.71 -1.18
CA PRO A 337 29.59 -23.37 -2.50
C PRO A 337 28.16 -23.54 -2.98
N THR A 338 27.97 -23.69 -4.29
CA THR A 338 26.63 -23.87 -4.85
C THR A 338 25.91 -25.05 -4.21
N LYS A 339 24.61 -24.89 -3.98
CA LYS A 339 23.80 -25.94 -3.37
C LYS A 339 23.05 -26.80 -4.41
N THR A 340 22.76 -28.04 -4.02
CA THR A 340 22.04 -29.00 -4.88
C THR A 340 20.54 -29.00 -4.59
N ALA A 341 19.74 -29.21 -5.63
CA ALA A 341 18.29 -29.26 -5.47
C ALA A 341 17.76 -30.58 -6.02
N ALA B 1 -5.56 7.08 -14.53
CA ALA B 1 -4.58 6.61 -13.51
C ALA B 1 -5.15 5.49 -12.65
N GLY B 2 -4.25 4.73 -12.02
CA GLY B 2 -4.70 3.64 -11.17
C GLY B 2 -3.71 2.50 -11.06
N VAL B 3 -2.74 2.65 -10.17
CA VAL B 3 -1.77 1.59 -9.93
C VAL B 3 -2.43 0.85 -8.76
N ALA B 4 -3.29 1.58 -8.06
CA ALA B 4 -4.03 1.07 -6.92
C ALA B 4 -4.95 -0.09 -7.32
N LYS B 5 -5.19 -0.24 -8.62
CA LYS B 5 -6.05 -1.32 -9.05
C LYS B 5 -5.26 -2.61 -9.23
N PHE B 6 -4.03 -2.60 -8.71
CA PHE B 6 -3.20 -3.78 -8.81
C PHE B 6 -2.69 -4.21 -7.45
N ALA B 7 -2.84 -5.50 -7.17
CA ALA B 7 -2.41 -6.09 -5.92
C ALA B 7 -0.90 -5.91 -5.74
N LYS B 8 -0.48 -5.48 -4.56
CA LYS B 8 0.93 -5.25 -4.26
C LYS B 8 1.41 -5.99 -3.02
N TYR B 9 2.42 -6.84 -3.19
CA TYR B 9 2.98 -7.61 -2.09
C TYR B 9 4.25 -6.90 -1.63
N PRO B 10 4.18 -6.17 -0.51
CA PRO B 10 5.35 -5.45 0.00
C PRO B 10 6.63 -6.27 0.07
N LEU B 11 7.75 -5.62 -0.20
CA LEU B 11 9.05 -6.26 -0.16
C LEU B 11 10.04 -5.18 0.23
N THR B 12 9.51 -4.01 0.57
CA THR B 12 10.36 -2.88 0.93
C THR B 12 9.85 -2.25 2.21
N PHE B 13 10.72 -1.51 2.89
CA PHE B 13 10.35 -0.82 4.13
C PHE B 13 9.34 0.29 3.88
N GLY B 14 8.99 0.49 2.61
CA GLY B 14 8.04 1.54 2.25
C GLY B 14 8.62 2.55 1.27
N PRO B 15 8.24 3.83 1.40
CA PRO B 15 8.76 4.87 0.49
C PRO B 15 10.27 4.98 0.56
N SER B 16 10.94 4.75 -0.57
CA SER B 16 12.40 4.82 -0.65
C SER B 16 12.89 6.23 -0.34
N PRO B 17 13.91 6.35 0.53
CA PRO B 17 14.41 7.68 0.86
C PRO B 17 15.10 8.39 -0.30
N ILE B 18 15.22 9.71 -0.19
CA ILE B 18 15.89 10.51 -1.19
C ILE B 18 17.03 11.23 -0.49
N SER B 19 18.25 10.98 -0.94
CA SER B 19 19.43 11.59 -0.35
C SER B 19 19.75 12.93 -0.99
N ASN B 20 20.21 13.85 -0.15
CA ASN B 20 20.59 15.19 -0.57
C ASN B 20 22.09 15.26 -0.80
N LEU B 21 22.54 14.88 -1.98
CA LEU B 21 23.95 14.90 -2.32
C LEU B 21 24.40 16.36 -2.39
N ASN B 22 24.15 17.10 -1.32
CA ASN B 22 24.51 18.51 -1.31
C ASN B 22 26.01 18.76 -1.42
N ARG B 23 26.77 18.25 -0.47
CA ARG B 23 28.21 18.46 -0.47
C ARG B 23 28.85 18.05 -1.79
N LEU B 24 28.18 17.20 -2.56
CA LEU B 24 28.69 16.77 -3.85
C LEU B 24 28.41 17.86 -4.87
N SER B 25 27.38 18.65 -4.60
CA SER B 25 26.98 19.76 -5.46
C SER B 25 28.07 20.83 -5.55
N GLN B 26 28.46 21.35 -4.39
CA GLN B 26 29.48 22.40 -4.28
C GLN B 26 30.78 22.05 -4.99
N HIS B 27 31.02 20.77 -5.19
CA HIS B 27 32.22 20.31 -5.87
C HIS B 27 31.98 20.49 -7.37
N LEU B 28 30.70 20.59 -7.73
CA LEU B 28 30.29 20.77 -9.12
C LEU B 28 29.88 22.23 -9.38
N GLY B 29 30.45 23.13 -8.57
CA GLY B 29 30.17 24.54 -8.71
C GLY B 29 28.99 25.05 -7.90
N SER B 30 28.09 24.14 -7.52
CA SER B 30 26.89 24.49 -6.77
C SER B 30 25.93 25.14 -7.74
N LYS B 31 25.97 24.65 -8.97
CA LYS B 31 25.12 25.14 -10.06
C LYS B 31 23.72 24.57 -9.88
N VAL B 32 23.66 23.24 -9.86
CA VAL B 32 22.39 22.50 -9.70
C VAL B 32 22.40 21.76 -8.36
N ASN B 33 21.27 21.78 -7.66
CA ASN B 33 21.15 21.06 -6.39
C ASN B 33 20.90 19.59 -6.72
N VAL B 34 21.83 18.72 -6.32
CA VAL B 34 21.69 17.29 -6.59
C VAL B 34 21.01 16.55 -5.47
N TYR B 35 20.12 15.64 -5.85
CA TYR B 35 19.37 14.82 -4.91
C TYR B 35 19.27 13.40 -5.46
N ALA B 36 19.39 12.41 -4.57
CA ALA B 36 19.33 11.02 -4.99
C ALA B 36 18.31 10.22 -4.19
N LYS B 37 17.31 9.71 -4.88
CA LYS B 37 16.28 8.90 -4.23
C LYS B 37 16.87 7.49 -4.15
N ARG B 38 17.35 7.14 -2.97
CA ARG B 38 17.98 5.86 -2.70
C ARG B 38 17.06 4.64 -2.81
N GLU B 39 17.16 3.92 -3.93
CA GLU B 39 16.38 2.71 -4.13
C GLU B 39 17.29 1.57 -3.68
N ASP B 40 18.57 1.87 -3.63
CA ASP B 40 19.60 0.93 -3.23
C ASP B 40 19.52 0.69 -1.73
N CYS B 41 18.50 1.27 -1.11
CA CYS B 41 18.29 1.13 0.32
C CYS B 41 16.84 0.73 0.50
N ASN B 42 16.40 -0.17 -0.38
CA ASN B 42 15.04 -0.70 -0.43
C ASN B 42 14.54 -1.41 0.83
N SER B 43 15.11 -2.60 1.04
CA SER B 43 14.73 -3.46 2.15
C SER B 43 15.91 -4.18 2.77
N GLY B 44 15.62 -5.24 3.50
CA GLY B 44 16.65 -6.02 4.15
C GLY B 44 16.89 -7.24 3.30
N LEU B 45 16.13 -7.34 2.22
CA LEU B 45 16.25 -8.47 1.29
C LEU B 45 17.52 -8.42 0.48
N ALA B 46 18.64 -8.79 1.11
CA ALA B 46 19.92 -8.81 0.43
C ALA B 46 20.29 -7.51 -0.30
N PHE B 47 20.44 -6.43 0.46
CA PHE B 47 20.85 -5.13 -0.06
C PHE B 47 19.78 -4.28 -0.74
N GLY B 48 18.75 -4.93 -1.29
CA GLY B 48 17.70 -4.18 -1.95
C GLY B 48 18.03 -3.85 -3.39
N GLY B 49 17.20 -2.99 -3.98
CA GLY B 49 17.41 -2.60 -5.36
C GLY B 49 16.10 -2.53 -6.13
N ASN B 50 16.14 -1.79 -7.24
CA ASN B 50 14.98 -1.60 -8.10
C ASN B 50 14.15 -2.84 -8.43
N THR B 51 14.80 -3.98 -8.61
CA THR B 51 14.04 -5.20 -8.96
C THR B 51 12.93 -5.49 -7.96
N LEU B 52 13.16 -5.14 -6.70
CA LEU B 52 12.17 -5.36 -5.63
C LEU B 52 10.89 -4.55 -5.92
N ARG B 53 11.06 -3.26 -6.19
CA ARG B 53 9.94 -2.37 -6.49
C ARG B 53 9.10 -2.94 -7.62
N LYS B 54 9.76 -3.56 -8.59
CA LYS B 54 9.07 -4.17 -9.72
C LYS B 54 8.36 -5.44 -9.28
N LEU B 55 9.06 -6.24 -8.49
CA LEU B 55 8.54 -7.51 -7.98
C LEU B 55 7.28 -7.39 -7.13
N GLU B 56 7.24 -6.38 -6.26
CA GLU B 56 6.10 -6.17 -5.38
C GLU B 56 4.75 -6.35 -6.08
N TYR B 57 4.69 -6.01 -7.36
CA TYR B 57 3.45 -6.13 -8.12
C TYR B 57 3.39 -7.42 -8.93
N ILE B 58 4.35 -8.31 -8.69
CA ILE B 58 4.37 -9.56 -9.41
C ILE B 58 4.09 -10.70 -8.42
N VAL B 59 4.70 -10.61 -7.23
CA VAL B 59 4.51 -11.62 -6.20
C VAL B 59 3.07 -12.08 -6.09
N PRO B 60 2.12 -11.14 -5.93
CA PRO B 60 0.72 -11.55 -5.82
C PRO B 60 0.39 -12.68 -6.76
N ASP B 61 0.66 -12.50 -8.05
CA ASP B 61 0.38 -13.53 -9.02
C ASP B 61 1.00 -14.85 -8.58
N ILE B 62 2.31 -14.83 -8.35
CA ILE B 62 3.01 -16.03 -7.93
C ILE B 62 2.30 -16.73 -6.79
N VAL B 63 2.23 -16.05 -5.65
CA VAL B 63 1.60 -16.57 -4.44
C VAL B 63 0.15 -17.02 -4.63
N GLU B 64 -0.67 -16.15 -5.20
CA GLU B 64 -2.08 -16.47 -5.42
C GLU B 64 -2.17 -17.80 -6.16
N GLY B 65 -1.22 -18.01 -7.08
CA GLY B 65 -1.18 -19.24 -7.83
C GLY B 65 -0.38 -20.24 -7.05
N ASP B 66 -0.58 -21.53 -7.35
CA ASP B 66 0.13 -22.59 -6.66
C ASP B 66 1.41 -22.93 -7.42
N TYR B 67 2.44 -22.10 -7.27
CA TYR B 67 3.70 -22.35 -7.98
C TYR B 67 4.75 -22.95 -7.07
N THR B 68 5.85 -23.37 -7.69
CA THR B 68 6.94 -24.01 -6.95
C THR B 68 8.29 -23.32 -7.07
N HIS B 69 8.66 -22.91 -8.28
CA HIS B 69 9.95 -22.27 -8.52
C HIS B 69 9.91 -20.88 -9.16
N LEU B 70 10.86 -20.04 -8.77
CA LEU B 70 10.98 -18.69 -9.32
C LEU B 70 12.26 -18.66 -10.16
N VAL B 71 12.10 -18.62 -11.48
CA VAL B 71 13.25 -18.60 -12.36
C VAL B 71 13.40 -17.26 -13.08
N SER B 72 14.58 -16.66 -12.96
CA SER B 72 14.85 -15.39 -13.62
C SER B 72 16.01 -15.59 -14.60
N ILE B 73 16.73 -14.51 -14.90
CA ILE B 73 17.86 -14.58 -15.84
C ILE B 73 18.63 -13.26 -15.87
N GLY B 74 19.85 -13.30 -16.38
CA GLY B 74 20.64 -12.09 -16.44
C GLY B 74 22.14 -12.34 -16.55
N GLY B 75 22.92 -11.26 -16.50
CA GLY B 75 24.36 -11.38 -16.58
C GLY B 75 25.01 -11.95 -15.34
N ARG B 76 26.34 -11.97 -15.30
CA ARG B 76 27.05 -12.52 -14.15
C ARG B 76 26.70 -11.78 -12.86
N GLN B 77 27.25 -10.58 -12.69
CA GLN B 77 26.95 -9.80 -11.50
C GLN B 77 25.52 -9.28 -11.54
N SER B 78 24.66 -9.98 -12.27
CA SER B 78 23.27 -9.59 -12.36
C SER B 78 22.76 -9.17 -10.99
N ASN B 79 22.29 -7.94 -10.87
CA ASN B 79 21.79 -7.46 -9.60
C ASN B 79 20.41 -8.05 -9.38
N GLN B 80 19.68 -8.25 -10.47
CA GLN B 80 18.33 -8.78 -10.40
C GLN B 80 18.15 -10.17 -9.79
N THR B 81 18.75 -11.16 -10.43
CA THR B 81 18.64 -12.54 -9.95
C THR B 81 18.87 -12.59 -8.45
N ARG B 82 19.91 -11.89 -8.00
CA ARG B 82 20.23 -11.85 -6.58
C ARG B 82 19.04 -11.36 -5.74
N MET B 83 18.12 -10.63 -6.38
CA MET B 83 16.94 -10.13 -5.68
C MET B 83 15.76 -11.03 -5.96
N VAL B 84 15.88 -11.88 -6.97
CA VAL B 84 14.83 -12.83 -7.31
C VAL B 84 15.04 -13.99 -6.35
N ALA B 85 16.29 -14.19 -5.98
CA ALA B 85 16.64 -15.25 -5.05
C ALA B 85 16.04 -14.84 -3.72
N ALA B 86 16.52 -13.73 -3.18
CA ALA B 86 16.03 -13.23 -1.91
C ALA B 86 14.50 -13.27 -1.88
N LEU B 87 13.86 -12.98 -3.01
CA LEU B 87 12.40 -13.00 -3.06
C LEU B 87 11.96 -14.44 -2.86
N ALA B 88 12.60 -15.34 -3.59
CA ALA B 88 12.26 -16.76 -3.50
C ALA B 88 12.38 -17.25 -2.06
N ALA B 89 13.50 -16.95 -1.42
CA ALA B 89 13.72 -17.37 -0.05
C ALA B 89 12.64 -16.81 0.87
N LYS B 90 12.11 -15.63 0.55
CA LYS B 90 11.09 -15.04 1.41
C LYS B 90 9.73 -15.68 1.16
N LEU B 91 9.41 -15.94 -0.10
CA LEU B 91 8.15 -16.58 -0.40
C LEU B 91 8.31 -18.07 -0.10
N GLY B 92 9.50 -18.42 0.37
CA GLY B 92 9.79 -19.80 0.69
C GLY B 92 9.58 -20.71 -0.50
N LYS B 93 10.22 -20.40 -1.62
CA LYS B 93 10.07 -21.24 -2.80
C LYS B 93 11.41 -21.41 -3.49
N LYS B 94 11.51 -22.43 -4.34
CA LYS B 94 12.75 -22.70 -5.05
C LYS B 94 13.07 -21.59 -6.05
N CYS B 95 14.36 -21.45 -6.37
CA CYS B 95 14.82 -20.42 -7.29
C CYS B 95 15.90 -20.95 -8.25
N VAL B 96 15.69 -20.71 -9.55
CA VAL B 96 16.65 -21.15 -10.57
C VAL B 96 17.15 -19.94 -11.36
N LEU B 97 18.42 -19.58 -11.17
CA LEU B 97 18.99 -18.42 -11.84
C LEU B 97 19.90 -18.75 -13.01
N ILE B 98 19.64 -18.10 -14.16
CA ILE B 98 20.42 -18.30 -15.36
C ILE B 98 21.32 -17.10 -15.64
N GLN B 99 22.61 -17.22 -15.33
CA GLN B 99 23.56 -16.14 -15.53
C GLN B 99 24.38 -16.40 -16.80
N GLU B 100 24.35 -15.46 -17.74
CA GLU B 100 25.09 -15.60 -19.00
C GLU B 100 26.19 -14.53 -19.05
N ASP B 101 27.09 -14.61 -20.04
CA ASP B 101 28.14 -13.62 -20.14
C ASP B 101 27.65 -12.42 -20.93
N TRP B 102 27.53 -11.28 -20.25
CA TRP B 102 27.06 -10.06 -20.87
C TRP B 102 28.08 -8.95 -20.80
N VAL B 103 29.31 -9.30 -20.42
CA VAL B 103 30.40 -8.33 -20.32
C VAL B 103 31.73 -9.06 -20.55
N PRO B 104 32.63 -8.47 -21.34
CA PRO B 104 33.92 -9.11 -21.59
C PRO B 104 34.73 -9.15 -20.29
N ILE B 105 34.52 -10.20 -19.50
CA ILE B 105 35.17 -10.40 -18.22
C ILE B 105 36.62 -9.90 -18.17
N PRO B 106 36.84 -8.64 -17.73
CA PRO B 106 38.19 -8.09 -17.66
C PRO B 106 39.18 -9.10 -17.08
N GLU B 107 40.20 -9.43 -17.88
CA GLU B 107 41.22 -10.40 -17.48
C GLU B 107 41.65 -10.24 -16.02
N ALA B 108 41.94 -9.00 -15.62
CA ALA B 108 42.34 -8.73 -14.24
C ALA B 108 41.13 -8.85 -13.34
N GLU B 109 40.30 -9.86 -13.62
CA GLU B 109 39.08 -10.09 -12.86
C GLU B 109 38.47 -11.43 -13.26
N LYS B 110 39.02 -12.03 -14.31
CA LYS B 110 38.51 -13.30 -14.84
C LYS B 110 38.21 -14.41 -13.84
N ASP B 111 38.78 -14.34 -12.64
CA ASP B 111 38.52 -15.38 -11.63
C ASP B 111 37.38 -15.05 -10.68
N VAL B 112 37.55 -13.97 -9.91
CA VAL B 112 36.55 -13.54 -8.94
C VAL B 112 35.21 -13.12 -9.53
N TYR B 113 35.26 -12.55 -10.73
CA TYR B 113 34.06 -12.08 -11.42
C TYR B 113 32.90 -13.08 -11.52
N ASN B 114 33.17 -14.37 -11.39
CA ASN B 114 32.10 -15.35 -11.51
C ASN B 114 31.73 -16.10 -10.24
N ARG B 115 32.27 -15.67 -9.10
CA ARG B 115 31.98 -16.35 -7.84
C ARG B 115 32.06 -15.40 -6.65
N VAL B 116 32.05 -14.10 -6.94
CA VAL B 116 32.13 -13.08 -5.90
C VAL B 116 31.13 -11.94 -6.13
N GLY B 117 30.74 -11.27 -5.05
CA GLY B 117 29.82 -10.17 -5.18
C GLY B 117 28.35 -10.56 -5.13
N ASN B 118 27.67 -10.43 -6.27
CA ASN B 118 26.25 -10.76 -6.36
C ASN B 118 25.93 -12.23 -6.55
N ILE B 119 26.41 -12.83 -7.63
CA ILE B 119 26.14 -14.24 -7.89
C ILE B 119 26.33 -15.10 -6.63
N GLU B 120 27.35 -14.76 -5.84
CA GLU B 120 27.63 -15.47 -4.59
C GLU B 120 26.41 -15.42 -3.70
N LEU B 121 25.94 -14.19 -3.44
CA LEU B 121 24.80 -13.94 -2.59
C LEU B 121 23.58 -14.73 -3.03
N SER B 122 23.51 -15.04 -4.33
CA SER B 122 22.39 -15.81 -4.86
C SER B 122 22.53 -17.27 -4.44
N ARG B 123 23.78 -17.73 -4.36
CA ARG B 123 24.05 -19.09 -3.94
C ARG B 123 23.83 -19.23 -2.45
N ILE B 124 24.36 -18.29 -1.68
CA ILE B 124 24.20 -18.31 -0.23
C ILE B 124 22.74 -18.42 0.17
N MET B 125 21.85 -17.92 -0.69
CA MET B 125 20.42 -17.99 -0.41
C MET B 125 19.86 -19.29 -0.98
N GLY B 126 20.77 -20.21 -1.27
CA GLY B 126 20.40 -21.52 -1.78
C GLY B 126 19.70 -21.61 -3.12
N ALA B 127 19.85 -20.61 -3.96
CA ALA B 127 19.21 -20.65 -5.27
C ALA B 127 19.89 -21.70 -6.13
N ASP B 128 19.26 -22.08 -7.24
CA ASP B 128 19.83 -23.06 -8.15
C ASP B 128 20.55 -22.29 -9.25
N VAL B 129 21.65 -21.65 -8.89
CA VAL B 129 22.44 -20.87 -9.84
C VAL B 129 22.93 -21.75 -10.98
N ARG B 130 23.04 -21.17 -12.17
CA ARG B 130 23.49 -21.89 -13.36
C ARG B 130 24.23 -20.98 -14.33
N VAL B 131 25.53 -21.24 -14.51
CA VAL B 131 26.36 -20.44 -15.41
C VAL B 131 26.21 -20.89 -16.86
N ILE B 132 26.30 -19.93 -17.77
CA ILE B 132 26.18 -20.16 -19.21
C ILE B 132 26.88 -19.01 -19.94
N GLU B 133 27.81 -19.33 -20.83
CA GLU B 133 28.55 -18.29 -21.56
C GLU B 133 27.81 -17.80 -22.81
N ASP B 134 26.63 -17.21 -22.62
CA ASP B 134 25.86 -16.70 -23.76
C ASP B 134 25.90 -15.17 -23.88
N GLY B 135 25.82 -14.69 -25.12
CA GLY B 135 25.88 -13.26 -25.39
C GLY B 135 24.87 -12.38 -24.68
N PHE B 136 25.16 -11.09 -24.69
CA PHE B 136 24.32 -10.07 -24.07
C PHE B 136 23.12 -9.73 -24.95
N ASP B 137 21.96 -9.58 -24.32
CA ASP B 137 20.75 -9.26 -25.04
C ASP B 137 19.64 -8.86 -24.06
N ILE B 138 19.09 -7.65 -24.25
CA ILE B 138 18.04 -7.15 -23.38
C ILE B 138 16.66 -7.61 -23.83
N GLY B 139 16.60 -8.82 -24.38
CA GLY B 139 15.34 -9.38 -24.85
C GLY B 139 15.28 -10.84 -24.44
N MET B 140 14.13 -11.49 -24.64
CA MET B 140 13.99 -12.89 -24.27
C MET B 140 15.19 -13.71 -24.76
N ARG B 141 15.58 -14.72 -24.00
CA ARG B 141 16.70 -15.56 -24.37
C ARG B 141 16.26 -17.01 -24.60
N LYS B 142 17.12 -17.79 -25.25
CA LYS B 142 16.83 -19.18 -25.56
C LYS B 142 17.58 -20.11 -24.61
N SER B 143 17.34 -19.93 -23.33
CA SER B 143 17.97 -20.75 -22.30
C SER B 143 17.05 -20.64 -21.10
N PHE B 144 16.34 -19.53 -21.06
CA PHE B 144 15.38 -19.23 -20.02
C PHE B 144 14.20 -20.14 -20.25
N ALA B 145 13.64 -20.06 -21.46
CA ALA B 145 12.49 -20.89 -21.82
C ALA B 145 12.82 -22.35 -21.61
N ASN B 146 14.03 -22.73 -22.01
CA ASN B 146 14.50 -24.10 -21.88
C ASN B 146 14.51 -24.53 -20.42
N ALA B 147 15.11 -23.70 -19.57
CA ALA B 147 15.17 -23.98 -18.15
C ALA B 147 13.73 -24.14 -17.69
N LEU B 148 12.87 -23.21 -18.12
CA LEU B 148 11.46 -23.26 -17.76
C LEU B 148 10.93 -24.64 -18.15
N GLN B 149 11.13 -25.00 -19.41
CA GLN B 149 10.68 -26.28 -19.93
C GLN B 149 11.23 -27.42 -19.07
N GLU B 150 12.44 -27.22 -18.54
CA GLU B 150 13.10 -28.23 -17.71
C GLU B 150 12.27 -28.60 -16.48
N LEU B 151 11.94 -27.61 -15.66
CA LEU B 151 11.15 -27.83 -14.45
C LEU B 151 9.74 -28.31 -14.74
N GLU B 152 9.13 -27.76 -15.80
CA GLU B 152 7.79 -28.16 -16.19
C GLU B 152 7.77 -29.65 -16.49
N ASP B 153 8.96 -30.22 -16.67
CA ASP B 153 9.07 -31.64 -16.96
C ASP B 153 9.29 -32.45 -15.68
N ALA B 154 10.02 -31.89 -14.73
CA ALA B 154 10.27 -32.57 -13.47
C ALA B 154 8.98 -32.66 -12.66
N GLY B 155 7.92 -32.07 -13.21
CA GLY B 155 6.64 -32.09 -12.54
C GLY B 155 6.44 -30.88 -11.64
N HIS B 156 7.09 -29.77 -11.98
CA HIS B 156 6.98 -28.57 -11.18
C HIS B 156 6.26 -27.45 -11.93
N LYS B 157 5.99 -26.36 -11.22
CA LYS B 157 5.32 -25.21 -11.80
C LYS B 157 6.16 -23.96 -11.56
N PRO B 158 7.02 -23.61 -12.52
CA PRO B 158 7.92 -22.45 -12.47
C PRO B 158 7.25 -21.14 -12.88
N TYR B 159 7.74 -20.03 -12.33
CA TYR B 159 7.19 -18.72 -12.66
C TYR B 159 8.26 -17.92 -13.39
N PRO B 160 7.98 -17.52 -14.63
CA PRO B 160 8.93 -16.74 -15.44
C PRO B 160 9.15 -15.32 -14.97
N ILE B 161 10.39 -14.86 -15.04
CA ILE B 161 10.74 -13.51 -14.63
C ILE B 161 11.88 -12.97 -15.50
N PRO B 162 11.57 -12.64 -16.77
CA PRO B 162 12.51 -12.10 -17.76
C PRO B 162 13.47 -11.01 -17.26
N ALA B 163 14.63 -10.94 -17.90
CA ALA B 163 15.65 -9.96 -17.54
C ALA B 163 15.07 -8.59 -17.24
N GLY B 164 15.17 -8.18 -15.98
CA GLY B 164 14.65 -6.89 -15.57
C GLY B 164 13.13 -6.84 -15.52
N CYS B 165 12.50 -7.98 -15.79
CA CYS B 165 11.05 -8.08 -15.80
C CYS B 165 10.51 -7.16 -16.88
N SER B 166 11.41 -6.44 -17.54
CA SER B 166 11.06 -5.50 -18.60
C SER B 166 10.07 -6.06 -19.60
N GLU B 167 10.03 -7.38 -19.71
CA GLU B 167 9.11 -8.02 -20.63
C GLU B 167 8.07 -8.80 -19.87
N HIS B 168 7.79 -8.33 -18.65
CA HIS B 168 6.78 -8.91 -17.76
C HIS B 168 5.61 -7.94 -17.69
N LYS B 169 4.41 -8.45 -17.93
CA LYS B 169 3.19 -7.64 -17.93
C LYS B 169 3.14 -6.52 -16.87
N TYR B 170 3.58 -6.83 -15.65
CA TYR B 170 3.53 -5.85 -14.58
C TYR B 170 4.92 -5.32 -14.20
N GLY B 171 5.85 -5.38 -15.16
CA GLY B 171 7.19 -4.91 -14.90
C GLY B 171 7.26 -3.40 -14.74
N GLY B 172 6.25 -2.72 -15.28
CA GLY B 172 6.22 -1.28 -15.20
C GLY B 172 5.48 -0.76 -13.99
N LEU B 173 4.41 -1.45 -13.61
CA LEU B 173 3.61 -1.02 -12.48
C LEU B 173 4.49 -0.60 -11.31
N GLY B 174 5.59 -1.34 -11.10
CA GLY B 174 6.49 -1.02 -10.01
C GLY B 174 6.96 0.43 -9.90
N PHE B 175 7.45 1.00 -10.99
CA PHE B 175 7.92 2.39 -10.92
C PHE B 175 6.83 3.42 -11.14
N VAL B 176 5.65 2.97 -11.54
CA VAL B 176 4.54 3.88 -11.72
C VAL B 176 4.34 4.41 -10.31
N GLY B 177 4.48 3.51 -9.34
CA GLY B 177 4.34 3.90 -7.96
C GLY B 177 5.57 4.69 -7.58
N PHE B 178 6.64 4.48 -8.33
CA PHE B 178 7.87 5.20 -8.06
C PHE B 178 7.56 6.69 -8.20
N ALA B 179 6.87 7.04 -9.29
CA ALA B 179 6.48 8.41 -9.56
C ALA B 179 5.72 8.94 -8.35
N ASP B 180 4.56 8.34 -8.10
CA ASP B 180 3.72 8.71 -6.98
C ASP B 180 4.50 9.09 -5.72
N GLU B 181 5.48 8.26 -5.33
CA GLU B 181 6.27 8.57 -4.14
C GLU B 181 6.99 9.90 -4.31
N VAL B 182 7.55 10.09 -5.51
CA VAL B 182 8.26 11.32 -5.83
C VAL B 182 7.37 12.55 -5.61
N ILE B 183 6.21 12.56 -6.27
CA ILE B 183 5.29 13.65 -6.13
C ILE B 183 4.99 13.93 -4.67
N ASN B 184 4.67 12.87 -3.94
CA ASN B 184 4.35 12.99 -2.53
C ASN B 184 5.56 13.47 -1.75
N GLN B 185 6.74 12.99 -2.13
CA GLN B 185 7.93 13.39 -1.43
C GLN B 185 8.32 14.84 -1.69
N GLU B 186 7.97 15.39 -2.85
CA GLU B 186 8.29 16.79 -3.13
C GLU B 186 7.54 17.66 -2.12
N VAL B 187 6.32 17.27 -1.80
CA VAL B 187 5.50 18.03 -0.87
C VAL B 187 5.95 17.94 0.57
N GLU B 188 6.53 16.80 0.95
CA GLU B 188 6.98 16.62 2.33
C GLU B 188 8.24 17.43 2.64
N LEU B 189 9.17 17.42 1.70
CA LEU B 189 10.43 18.15 1.85
C LEU B 189 10.26 19.63 1.50
N GLY B 190 9.38 19.91 0.54
CA GLY B 190 9.16 21.26 0.09
C GLY B 190 10.19 21.49 -1.01
N ILE B 191 10.29 20.51 -1.90
CA ILE B 191 11.27 20.56 -2.97
C ILE B 191 10.75 19.91 -4.25
N LYS B 192 10.57 20.69 -5.30
CA LYS B 192 10.11 20.10 -6.55
C LYS B 192 11.33 19.72 -7.35
N PHE B 193 11.20 18.69 -8.17
CA PHE B 193 12.31 18.21 -8.97
C PHE B 193 12.14 18.57 -10.43
N ASP B 194 13.03 19.44 -10.90
CA ASP B 194 13.00 19.91 -12.29
C ASP B 194 13.28 18.78 -13.26
N LYS B 195 14.13 17.85 -12.86
CA LYS B 195 14.47 16.73 -13.72
C LYS B 195 14.93 15.52 -12.90
N ILE B 196 14.64 14.33 -13.41
CA ILE B 196 15.00 13.10 -12.73
C ILE B 196 15.79 12.19 -13.65
N VAL B 197 17.01 11.86 -13.23
CA VAL B 197 17.89 11.01 -14.01
C VAL B 197 18.00 9.60 -13.43
N VAL B 198 18.04 8.60 -14.30
CA VAL B 198 18.13 7.21 -13.87
C VAL B 198 18.68 6.34 -14.98
N CYS B 199 19.43 5.29 -14.62
CA CYS B 199 20.00 4.39 -15.62
C CYS B 199 18.92 3.65 -16.41
N CYS B 200 19.34 2.91 -17.43
CA CYS B 200 18.43 2.15 -18.30
C CYS B 200 19.16 1.20 -19.25
N VAL B 201 18.64 -0.01 -19.40
CA VAL B 201 19.24 -0.99 -20.31
C VAL B 201 18.22 -2.04 -20.78
N THR B 202 17.11 -2.16 -20.07
CA THR B 202 16.06 -3.11 -20.42
C THR B 202 14.72 -2.40 -20.45
N GLY B 203 14.67 -1.22 -19.83
CA GLY B 203 13.44 -0.44 -19.81
C GLY B 203 12.72 -0.28 -18.49
N SER B 204 11.66 -1.07 -18.32
CA SER B 204 10.81 -1.10 -17.12
C SER B 204 11.03 -0.02 -16.06
N THR B 205 12.21 0.05 -15.47
CA THR B 205 12.48 1.05 -14.44
C THR B 205 12.07 2.44 -14.90
N THR B 206 12.77 2.96 -15.90
CA THR B 206 12.49 4.29 -16.44
C THR B 206 11.09 4.35 -17.08
N ALA B 207 10.77 3.34 -17.90
CA ALA B 207 9.46 3.27 -18.57
C ALA B 207 8.33 3.55 -17.58
N GLY B 208 8.34 2.83 -16.47
CA GLY B 208 7.32 3.03 -15.47
C GLY B 208 7.46 4.41 -14.88
N ILE B 209 8.70 4.88 -14.74
CA ILE B 209 8.93 6.21 -14.19
C ILE B 209 8.31 7.22 -15.14
N LEU B 210 8.24 6.85 -16.41
CA LEU B 210 7.64 7.72 -17.40
C LEU B 210 6.14 7.75 -17.18
N ALA B 211 5.45 6.66 -17.53
CA ALA B 211 4.00 6.58 -17.35
C ALA B 211 3.59 7.05 -15.97
N GLY B 212 4.40 6.75 -14.96
CA GLY B 212 4.07 7.20 -13.64
C GLY B 212 4.07 8.72 -13.64
N MET B 213 5.18 9.27 -14.11
CA MET B 213 5.31 10.72 -14.20
C MET B 213 4.29 11.25 -15.18
N ALA B 214 4.11 10.54 -16.29
CA ALA B 214 3.15 10.92 -17.30
C ALA B 214 1.81 11.26 -16.66
N GLN B 215 1.52 10.58 -15.55
CA GLN B 215 0.28 10.81 -14.82
C GLN B 215 0.14 12.30 -14.52
N TYR B 216 1.27 12.95 -14.30
CA TYR B 216 1.28 14.38 -13.97
C TYR B 216 1.84 15.24 -15.10
N GLY B 217 1.82 14.70 -16.32
CA GLY B 217 2.33 15.44 -17.46
C GLY B 217 3.80 15.79 -17.35
N ARG B 218 4.47 15.22 -16.34
CA ARG B 218 5.88 15.48 -16.09
C ARG B 218 6.89 14.55 -16.74
N GLN B 219 6.44 13.67 -17.63
CA GLN B 219 7.37 12.76 -18.31
C GLN B 219 8.66 13.51 -18.61
N ASP B 220 8.50 14.76 -19.04
CA ASP B 220 9.61 15.64 -19.39
C ASP B 220 10.67 15.82 -18.31
N ASP B 221 10.30 15.67 -17.05
CA ASP B 221 11.27 15.82 -15.97
C ASP B 221 12.32 14.70 -16.08
N VAL B 222 11.89 13.56 -16.61
CA VAL B 222 12.75 12.39 -16.77
C VAL B 222 13.96 12.65 -17.63
N ILE B 223 15.04 11.94 -17.33
CA ILE B 223 16.28 12.04 -18.07
C ILE B 223 17.01 10.69 -17.94
N ALA B 224 16.70 9.79 -18.86
CA ALA B 224 17.33 8.48 -18.87
C ALA B 224 18.78 8.68 -19.28
N ILE B 225 19.62 7.67 -19.03
CA ILE B 225 21.03 7.72 -19.36
C ILE B 225 21.41 6.31 -19.78
N ASP B 226 21.31 6.04 -21.07
CA ASP B 226 21.65 4.71 -21.58
C ASP B 226 22.89 4.18 -20.88
N ALA B 227 22.89 2.87 -20.62
CA ALA B 227 24.02 2.23 -19.97
C ALA B 227 24.23 0.85 -20.56
N SER B 228 23.62 0.60 -21.71
CA SER B 228 23.73 -0.69 -22.38
C SER B 228 24.46 -0.55 -23.72
N PHE B 229 24.82 0.68 -24.06
CA PHE B 229 25.50 0.97 -25.32
C PHE B 229 24.81 0.34 -26.53
N THR B 230 23.49 0.21 -26.44
CA THR B 230 22.69 -0.35 -27.54
C THR B 230 21.44 0.51 -27.65
N SER B 231 21.64 1.83 -27.52
CA SER B 231 20.58 2.84 -27.58
C SER B 231 19.42 2.54 -28.49
N GLU B 232 19.67 1.73 -29.52
CA GLU B 232 18.63 1.35 -30.47
C GLU B 232 17.52 0.58 -29.76
N LYS B 233 17.72 -0.73 -29.60
CA LYS B 233 16.75 -1.60 -28.94
C LYS B 233 16.39 -1.16 -27.53
N THR B 234 17.16 -0.21 -26.97
CA THR B 234 16.91 0.28 -25.63
C THR B 234 15.87 1.39 -25.59
N LYS B 235 16.11 2.48 -26.30
CA LYS B 235 15.13 3.58 -26.33
C LYS B 235 13.83 3.02 -26.91
N GLU B 236 13.97 2.04 -27.77
CA GLU B 236 12.82 1.41 -28.39
C GLU B 236 12.01 0.70 -27.31
N GLN B 237 12.61 -0.31 -26.69
CA GLN B 237 11.94 -1.09 -25.64
C GLN B 237 11.51 -0.27 -24.42
N THR B 238 12.39 0.58 -23.92
CA THR B 238 12.06 1.40 -22.76
C THR B 238 10.85 2.28 -23.08
N LEU B 239 10.69 2.62 -24.35
CA LEU B 239 9.59 3.47 -24.79
C LEU B 239 8.33 2.64 -25.04
N ARG B 240 8.52 1.40 -25.49
CA ARG B 240 7.41 0.51 -25.74
C ARG B 240 6.79 0.07 -24.41
N ILE B 241 7.65 -0.29 -23.46
CA ILE B 241 7.22 -0.71 -22.14
C ILE B 241 6.38 0.40 -21.54
N ALA B 242 6.87 1.63 -21.71
CA ALA B 242 6.22 2.83 -21.19
C ALA B 242 4.75 2.98 -21.57
N ASN B 243 4.43 2.74 -22.83
CA ASN B 243 3.05 2.86 -23.26
C ASN B 243 2.17 1.76 -22.66
N ASN B 244 2.63 0.51 -22.75
CA ASN B 244 1.88 -0.62 -22.19
C ASN B 244 1.43 -0.31 -20.77
N THR B 245 2.39 0.06 -19.92
CA THR B 245 2.09 0.41 -18.54
C THR B 245 0.92 1.39 -18.50
N ALA B 246 1.03 2.46 -19.31
CA ALA B 246 -0.02 3.48 -19.39
C ALA B 246 -1.40 2.82 -19.54
N LYS B 247 -1.53 1.92 -20.50
CA LYS B 247 -2.79 1.22 -20.72
C LYS B 247 -3.29 0.64 -19.41
N LEU B 248 -2.38 0.01 -18.67
CA LEU B 248 -2.71 -0.62 -17.40
C LEU B 248 -3.06 0.38 -16.32
N ILE B 249 -2.14 1.27 -15.97
CA ILE B 249 -2.42 2.24 -14.94
C ILE B 249 -3.43 3.27 -15.41
N GLY B 250 -4.06 3.02 -16.55
CA GLY B 250 -5.05 3.93 -17.08
C GLY B 250 -4.55 5.30 -17.51
N VAL B 251 -3.47 5.34 -18.27
CA VAL B 251 -2.93 6.60 -18.74
C VAL B 251 -3.04 6.67 -20.27
N GLU B 252 -3.61 7.78 -20.74
CA GLU B 252 -3.81 8.02 -22.16
C GLU B 252 -2.57 8.60 -22.85
N HIS B 253 -1.98 9.64 -22.26
CA HIS B 253 -0.79 10.28 -22.82
C HIS B 253 0.12 9.25 -23.44
N GLU B 254 0.13 9.17 -24.75
CA GLU B 254 0.97 8.22 -25.47
C GLU B 254 2.44 8.64 -25.41
N PHE B 255 3.34 7.70 -25.67
CA PHE B 255 4.77 7.99 -25.65
C PHE B 255 5.42 7.82 -27.03
N LYS B 256 6.25 8.80 -27.39
CA LYS B 256 6.93 8.78 -28.68
C LYS B 256 8.45 8.76 -28.54
N ASP B 257 8.96 9.37 -27.48
CA ASP B 257 10.40 9.42 -27.28
C ASP B 257 10.69 9.96 -25.89
N PHE B 258 11.94 9.83 -25.44
CA PHE B 258 12.33 10.32 -24.12
C PHE B 258 13.82 10.69 -24.05
N THR B 259 14.13 11.64 -23.18
CA THR B 259 15.48 12.12 -22.97
C THR B 259 16.43 10.96 -22.64
N LEU B 260 17.05 10.38 -23.65
CA LEU B 260 17.97 9.25 -23.43
C LEU B 260 19.44 9.58 -23.75
N ASP B 261 20.04 10.43 -22.91
CA ASP B 261 21.45 10.85 -23.06
C ASP B 261 22.35 9.64 -23.26
N THR B 262 22.68 9.33 -24.51
CA THR B 262 23.50 8.15 -24.80
C THR B 262 24.99 8.36 -25.06
N ARG B 263 25.61 9.29 -24.36
CA ARG B 263 27.03 9.55 -24.56
C ARG B 263 27.92 8.92 -23.49
N PHE B 264 27.33 8.15 -22.57
CA PHE B 264 28.13 7.55 -21.51
C PHE B 264 28.11 6.01 -21.48
N ALA B 265 27.53 5.41 -22.51
CA ALA B 265 27.44 3.95 -22.58
C ALA B 265 28.80 3.26 -22.79
N TYR B 266 29.60 3.79 -23.72
CA TYR B 266 30.92 3.23 -24.07
C TYR B 266 31.81 2.84 -22.89
N PRO B 267 32.56 1.74 -23.04
CA PRO B 267 32.60 0.88 -24.23
C PRO B 267 31.33 0.08 -24.45
N CYS B 268 31.22 -1.08 -23.81
CA CYS B 268 30.04 -1.94 -23.96
C CYS B 268 29.21 -1.96 -22.69
N TYR B 269 28.53 -3.10 -22.48
CA TYR B 269 27.71 -3.29 -21.29
C TYR B 269 28.54 -4.01 -20.23
N GLY B 270 28.83 -3.30 -19.14
CA GLY B 270 29.62 -3.88 -18.07
C GLY B 270 30.97 -3.20 -17.92
N VAL B 271 31.62 -2.95 -19.05
CA VAL B 271 32.92 -2.30 -19.04
C VAL B 271 32.71 -0.80 -18.92
N PRO B 272 33.30 -0.17 -17.90
CA PRO B 272 33.16 1.28 -17.72
C PRO B 272 34.17 2.06 -18.56
N ASN B 273 34.39 3.31 -18.18
CA ASN B 273 35.34 4.15 -18.90
C ASN B 273 36.02 5.11 -17.92
N GLU B 274 37.22 5.55 -18.28
CA GLU B 274 38.03 6.45 -17.46
C GLU B 274 37.22 7.51 -16.71
N GLY B 275 36.11 7.94 -17.31
CA GLY B 275 35.27 8.91 -16.65
C GLY B 275 34.41 8.22 -15.62
N THR B 276 33.69 7.18 -16.06
CA THR B 276 32.82 6.41 -15.18
C THR B 276 33.43 6.38 -13.79
N ILE B 277 34.64 5.85 -13.71
CA ILE B 277 35.36 5.72 -12.45
C ILE B 277 35.56 7.05 -11.71
N GLU B 278 36.05 8.07 -12.44
CA GLU B 278 36.29 9.39 -11.83
C GLU B 278 35.05 9.91 -11.12
N ALA B 279 33.88 9.61 -11.68
CA ALA B 279 32.64 10.05 -11.08
C ALA B 279 32.40 9.19 -9.84
N ILE B 280 32.45 7.87 -10.06
CA ILE B 280 32.25 6.91 -8.99
C ILE B 280 33.05 7.34 -7.77
N ARG B 281 34.25 7.86 -7.99
CA ARG B 281 35.10 8.31 -6.90
C ARG B 281 34.61 9.61 -6.29
N THR B 282 34.32 10.59 -7.15
CA THR B 282 33.87 11.91 -6.70
C THR B 282 32.64 11.77 -5.82
N CYS B 283 31.64 11.09 -6.36
CA CYS B 283 30.40 10.86 -5.65
C CYS B 283 30.73 10.20 -4.32
N ALA B 284 31.68 9.26 -4.39
CA ALA B 284 32.14 8.52 -3.23
C ALA B 284 32.92 9.44 -2.31
N GLU B 285 34.00 10.01 -2.84
CA GLU B 285 34.85 10.91 -2.06
C GLU B 285 34.08 12.07 -1.45
N GLN B 286 33.08 12.54 -2.18
CA GLN B 286 32.27 13.66 -1.71
C GLN B 286 31.12 13.23 -0.81
N GLU B 287 30.17 12.49 -1.40
CA GLU B 287 29.01 12.04 -0.64
C GLU B 287 29.28 10.91 0.34
N GLY B 288 29.64 9.76 -0.20
CA GLY B 288 29.90 8.58 0.61
C GLY B 288 29.10 7.47 -0.04
N VAL B 289 28.39 7.85 -1.09
CA VAL B 289 27.56 6.93 -1.83
C VAL B 289 28.39 6.11 -2.81
N LEU B 290 28.11 4.81 -2.87
CA LEU B 290 28.84 3.95 -3.78
C LEU B 290 28.02 3.69 -5.03
N THR B 291 28.71 3.61 -6.15
CA THR B 291 28.06 3.36 -7.44
C THR B 291 28.72 2.13 -8.05
N ASP B 292 28.32 1.74 -9.25
CA ASP B 292 28.93 0.56 -9.85
C ASP B 292 29.36 0.76 -11.30
N PRO B 293 30.30 -0.08 -11.78
CA PRO B 293 30.82 -0.02 -13.15
C PRO B 293 29.92 -0.67 -14.19
N VAL B 294 28.62 -0.71 -13.95
CA VAL B 294 27.71 -1.31 -14.92
C VAL B 294 26.43 -0.52 -15.05
N TYR B 295 26.04 0.16 -13.97
CA TYR B 295 24.83 0.94 -13.98
C TYR B 295 25.05 2.27 -13.28
N GLU B 296 24.42 2.43 -12.12
CA GLU B 296 24.52 3.66 -11.35
C GLU B 296 25.76 4.52 -11.57
N GLY B 297 26.91 3.90 -11.75
CA GLY B 297 28.12 4.67 -12.00
C GLY B 297 28.04 5.45 -13.30
N LYS B 298 27.84 4.72 -14.40
CA LYS B 298 27.74 5.32 -15.72
C LYS B 298 26.74 6.48 -15.79
N SER B 299 25.67 6.40 -15.02
CA SER B 299 24.68 7.47 -15.03
C SER B 299 25.11 8.56 -14.06
N MET B 300 26.01 8.24 -13.15
CA MET B 300 26.48 9.22 -12.19
C MET B 300 27.46 10.19 -12.85
N GLN B 301 28.03 9.78 -13.98
CA GLN B 301 28.93 10.66 -14.70
C GLN B 301 28.03 11.50 -15.59
N GLY B 302 27.12 10.83 -16.29
CA GLY B 302 26.20 11.52 -17.17
C GLY B 302 25.51 12.61 -16.39
N LEU B 303 25.28 12.33 -15.11
CA LEU B 303 24.63 13.27 -14.20
C LEU B 303 25.55 14.47 -13.99
N ILE B 304 26.85 14.20 -13.89
CA ILE B 304 27.85 15.25 -13.67
C ILE B 304 28.34 15.94 -14.95
N ALA B 305 28.38 15.19 -16.05
CA ALA B 305 28.81 15.78 -17.32
C ALA B 305 27.87 16.90 -17.66
N LEU B 306 26.57 16.64 -17.51
CA LEU B 306 25.55 17.62 -17.81
C LEU B 306 25.64 18.82 -16.88
N ILE B 307 25.75 18.57 -15.58
CA ILE B 307 25.85 19.67 -14.62
C ILE B 307 26.94 20.64 -15.02
N LYS B 308 27.96 20.12 -15.72
CA LYS B 308 29.08 20.93 -16.20
C LYS B 308 28.57 21.91 -17.24
N GLU B 309 28.07 21.34 -18.35
CA GLU B 309 27.54 22.11 -19.48
C GLU B 309 26.24 22.85 -19.22
N ASP B 310 26.04 23.25 -17.96
CA ASP B 310 24.84 23.98 -17.54
C ASP B 310 23.55 23.57 -18.27
N TYR B 311 23.34 22.26 -18.40
CA TYR B 311 22.15 21.71 -19.05
C TYR B 311 20.92 22.10 -18.22
N PHE B 312 21.19 22.52 -16.99
CA PHE B 312 20.13 22.91 -16.07
C PHE B 312 20.24 24.39 -15.75
N LYS B 313 19.21 24.94 -15.11
CA LYS B 313 19.21 26.34 -14.73
C LYS B 313 19.87 26.43 -13.35
N PRO B 314 20.19 27.66 -12.90
CA PRO B 314 20.81 27.82 -11.58
C PRO B 314 19.77 27.61 -10.48
N GLY B 315 20.13 26.84 -9.45
CA GLY B 315 19.20 26.57 -8.37
C GLY B 315 18.24 25.44 -8.74
N ALA B 316 18.56 24.74 -9.83
CA ALA B 316 17.75 23.63 -10.31
C ALA B 316 17.94 22.42 -9.42
N ASN B 317 16.83 21.77 -9.08
CA ASN B 317 16.84 20.58 -8.25
C ASN B 317 16.61 19.34 -9.11
N VAL B 318 17.68 18.57 -9.29
CA VAL B 318 17.62 17.36 -10.09
C VAL B 318 17.62 16.14 -9.17
N LEU B 319 16.79 15.16 -9.51
CA LEU B 319 16.70 13.96 -8.70
C LEU B 319 17.35 12.76 -9.37
N TYR B 320 18.45 12.32 -8.78
CA TYR B 320 19.18 11.16 -9.28
C TYR B 320 18.54 9.91 -8.71
N VAL B 321 18.50 8.86 -9.53
CA VAL B 321 17.91 7.60 -9.11
C VAL B 321 18.96 6.50 -8.93
N HIS B 322 19.33 6.22 -7.67
CA HIS B 322 20.31 5.18 -7.36
C HIS B 322 19.55 3.87 -7.26
N LEU B 323 19.78 2.99 -8.22
CA LEU B 323 19.10 1.73 -8.26
C LEU B 323 19.95 0.63 -7.64
N GLY B 324 20.95 1.05 -6.86
CA GLY B 324 21.83 0.11 -6.20
C GLY B 324 22.85 -0.48 -7.15
N GLY B 325 23.09 -1.78 -7.00
CA GLY B 325 24.05 -2.46 -7.85
C GLY B 325 25.47 -2.40 -7.34
N ALA B 326 25.67 -1.81 -6.17
CA ALA B 326 27.00 -1.68 -5.58
C ALA B 326 27.61 -3.03 -5.15
N PRO B 327 26.78 -4.02 -4.81
CA PRO B 327 27.34 -5.31 -4.40
C PRO B 327 28.21 -5.94 -5.48
N ALA B 328 28.02 -5.49 -6.72
CA ALA B 328 28.78 -5.99 -7.86
C ALA B 328 30.17 -5.35 -7.85
N LEU B 329 30.24 -4.18 -7.23
CA LEU B 329 31.47 -3.41 -7.10
C LEU B 329 32.67 -4.30 -6.76
N SER B 330 32.41 -5.31 -5.94
CA SER B 330 33.48 -6.23 -5.52
C SER B 330 34.03 -7.07 -6.66
N ALA B 331 33.35 -7.09 -7.80
CA ALA B 331 33.82 -7.87 -8.94
C ALA B 331 34.56 -6.97 -9.92
N TYR B 332 34.85 -5.75 -9.48
CA TYR B 332 35.57 -4.78 -10.30
C TYR B 332 36.61 -4.09 -9.41
N SER B 333 37.22 -4.86 -8.53
CA SER B 333 38.23 -4.35 -7.60
C SER B 333 39.42 -3.68 -8.26
N SER B 334 39.85 -4.23 -9.38
CA SER B 334 40.99 -3.70 -10.12
C SER B 334 40.84 -2.24 -10.54
N PHE B 335 39.74 -1.94 -11.22
CA PHE B 335 39.47 -0.60 -11.71
C PHE B 335 39.59 0.52 -10.67
N PHE B 336 39.96 0.19 -9.44
CA PHE B 336 40.06 1.22 -8.42
C PHE B 336 41.32 1.18 -7.56
N PRO B 337 42.50 1.43 -8.16
CA PRO B 337 43.72 1.41 -7.35
C PRO B 337 43.57 2.37 -6.16
N THR B 338 44.33 2.13 -5.10
CA THR B 338 44.26 2.97 -3.90
C THR B 338 44.58 4.44 -4.19
N LYS B 339 43.96 5.33 -3.42
CA LYS B 339 44.17 6.78 -3.58
C LYS B 339 45.66 7.16 -3.66
N THR B 340 46.03 7.85 -4.73
CA THR B 340 47.41 8.28 -4.92
C THR B 340 47.81 9.30 -3.84
N ALA B 341 48.71 8.89 -2.95
CA ALA B 341 49.19 9.72 -1.86
C ALA B 341 48.20 10.80 -1.46
N ALA C 1 -17.21 -2.06 -35.26
CA ALA C 1 -18.33 -1.38 -34.55
C ALA C 1 -17.87 -0.04 -33.96
N GLY C 2 -18.56 0.42 -32.92
CA GLY C 2 -18.19 1.68 -32.30
C GLY C 2 -19.24 2.27 -31.40
N VAL C 3 -18.90 2.45 -30.13
CA VAL C 3 -19.81 3.04 -29.17
C VAL C 3 -19.29 4.46 -28.97
N ALA C 4 -18.00 4.64 -29.16
CA ALA C 4 -17.33 5.92 -29.00
C ALA C 4 -17.94 7.02 -29.85
N LYS C 5 -18.58 6.65 -30.95
CA LYS C 5 -19.19 7.65 -31.82
C LYS C 5 -20.30 8.39 -31.11
N PHE C 6 -20.96 7.73 -30.16
CA PHE C 6 -22.04 8.35 -29.40
C PHE C 6 -21.49 9.07 -28.19
N ALA C 7 -22.09 10.19 -27.85
CA ALA C 7 -21.64 10.97 -26.71
C ALA C 7 -21.89 10.23 -25.41
N LYS C 8 -21.02 10.49 -24.43
CA LYS C 8 -21.10 9.87 -23.11
C LYS C 8 -20.84 10.96 -22.06
N TYR C 9 -21.82 11.21 -21.19
CA TYR C 9 -21.65 12.21 -20.15
C TYR C 9 -21.27 11.50 -18.86
N PRO C 10 -20.03 11.69 -18.39
CA PRO C 10 -19.57 11.05 -17.16
C PRO C 10 -20.53 11.19 -15.98
N LEU C 11 -20.96 10.05 -15.46
CA LEU C 11 -21.84 9.96 -14.30
C LEU C 11 -21.27 8.96 -13.32
N THR C 12 -20.06 8.48 -13.60
CA THR C 12 -19.42 7.49 -12.74
C THR C 12 -17.96 7.82 -12.52
N PHE C 13 -17.34 7.16 -11.55
CA PHE C 13 -15.94 7.44 -11.27
C PHE C 13 -15.04 6.88 -12.36
N GLY C 14 -15.60 6.09 -13.26
CA GLY C 14 -14.80 5.51 -14.31
C GLY C 14 -15.13 4.05 -14.51
N PRO C 15 -14.17 3.24 -14.98
CA PRO C 15 -14.46 1.82 -15.19
C PRO C 15 -14.71 1.11 -13.85
N SER C 16 -15.89 0.49 -13.71
CA SER C 16 -16.24 -0.23 -12.48
C SER C 16 -15.22 -1.32 -12.21
N PRO C 17 -14.75 -1.41 -10.96
CA PRO C 17 -13.75 -2.41 -10.55
C PRO C 17 -14.31 -3.84 -10.48
N ILE C 18 -13.40 -4.80 -10.46
CA ILE C 18 -13.76 -6.21 -10.42
C ILE C 18 -13.27 -6.89 -9.14
N SER C 19 -14.22 -7.34 -8.31
CA SER C 19 -13.88 -8.00 -7.04
C SER C 19 -13.62 -9.51 -7.19
N ASN C 20 -12.55 -9.99 -6.61
CA ASN C 20 -12.26 -11.42 -6.64
C ASN C 20 -12.91 -12.12 -5.43
N LEU C 21 -14.17 -12.55 -5.58
CA LEU C 21 -14.87 -13.27 -4.50
C LEU C 21 -14.29 -14.69 -4.29
N ASN C 22 -13.05 -14.73 -3.84
CA ASN C 22 -12.34 -15.98 -3.60
C ASN C 22 -12.90 -16.83 -2.48
N ARG C 23 -13.26 -16.21 -1.35
CA ARG C 23 -13.79 -16.97 -0.25
C ARG C 23 -15.15 -17.58 -0.54
N LEU C 24 -15.91 -16.95 -1.43
CA LEU C 24 -17.22 -17.51 -1.79
C LEU C 24 -16.97 -18.69 -2.72
N SER C 25 -15.92 -18.60 -3.53
CA SER C 25 -15.55 -19.63 -4.50
C SER C 25 -15.16 -20.96 -3.85
N GLN C 26 -14.25 -20.87 -2.90
CA GLN C 26 -13.78 -22.03 -2.16
C GLN C 26 -15.00 -22.65 -1.47
N HIS C 27 -15.73 -21.81 -0.77
CA HIS C 27 -16.92 -22.23 -0.05
C HIS C 27 -17.86 -23.03 -0.94
N LEU C 28 -17.95 -22.65 -2.21
CA LEU C 28 -18.84 -23.36 -3.12
C LEU C 28 -18.19 -24.52 -3.86
N GLY C 29 -17.22 -25.15 -3.19
CA GLY C 29 -16.55 -26.30 -3.75
C GLY C 29 -15.29 -26.01 -4.52
N SER C 30 -14.97 -24.75 -4.72
CA SER C 30 -13.78 -24.38 -5.47
C SER C 30 -13.89 -24.94 -6.89
N LYS C 31 -15.11 -24.99 -7.41
CA LYS C 31 -15.34 -25.51 -8.75
C LYS C 31 -15.14 -24.42 -9.81
N VAL C 32 -15.31 -23.17 -9.40
CA VAL C 32 -15.13 -22.05 -10.31
C VAL C 32 -14.47 -20.93 -9.55
N ASN C 33 -14.02 -19.92 -10.28
CA ASN C 33 -13.40 -18.74 -9.68
C ASN C 33 -14.38 -17.60 -9.91
N VAL C 34 -15.02 -17.16 -8.84
CA VAL C 34 -16.00 -16.10 -8.92
C VAL C 34 -15.40 -14.70 -8.82
N TYR C 35 -15.93 -13.83 -9.66
CA TYR C 35 -15.49 -12.45 -9.69
C TYR C 35 -16.76 -11.64 -9.85
N ALA C 36 -16.71 -10.38 -9.42
CA ALA C 36 -17.87 -9.51 -9.54
C ALA C 36 -17.46 -8.14 -10.11
N LYS C 37 -18.21 -7.73 -11.12
CA LYS C 37 -18.02 -6.43 -11.76
C LYS C 37 -18.90 -5.52 -10.91
N ARG C 38 -18.27 -4.68 -10.11
CA ARG C 38 -19.02 -3.84 -9.19
C ARG C 38 -19.70 -2.58 -9.71
N GLU C 39 -20.79 -2.76 -10.46
CA GLU C 39 -21.55 -1.64 -10.98
C GLU C 39 -22.26 -1.02 -9.79
N ASP C 40 -22.17 -1.68 -8.64
CA ASP C 40 -22.83 -1.20 -7.44
C ASP C 40 -21.91 -0.18 -6.73
N CYS C 41 -20.67 -0.07 -7.21
CA CYS C 41 -19.70 0.85 -6.64
C CYS C 41 -19.15 1.74 -7.76
N ASN C 42 -20.03 2.24 -8.61
CA ASN C 42 -19.60 3.03 -9.75
C ASN C 42 -19.63 4.56 -9.61
N SER C 43 -20.63 5.08 -8.91
CA SER C 43 -20.76 6.53 -8.76
C SER C 43 -20.95 7.02 -7.33
N GLY C 44 -20.79 8.32 -7.15
CA GLY C 44 -20.97 8.93 -5.84
C GLY C 44 -22.39 9.49 -5.82
N LEU C 45 -23.18 9.13 -6.82
CA LEU C 45 -24.55 9.57 -6.96
C LEU C 45 -25.61 8.65 -6.34
N ALA C 46 -25.85 8.81 -5.04
CA ALA C 46 -26.87 8.03 -4.35
C ALA C 46 -26.67 6.51 -4.43
N PHE C 47 -25.48 6.05 -4.08
CA PHE C 47 -25.16 4.62 -4.12
C PHE C 47 -24.92 4.19 -5.57
N GLY C 48 -25.56 4.88 -6.50
CA GLY C 48 -25.36 4.57 -7.90
C GLY C 48 -25.81 3.17 -8.22
N GLY C 49 -25.56 2.75 -9.46
CA GLY C 49 -25.96 1.43 -9.88
C GLY C 49 -25.81 1.25 -11.38
N ASN C 50 -26.63 0.39 -11.96
CA ASN C 50 -26.54 0.14 -13.37
C ASN C 50 -27.26 1.19 -14.22
N THR C 51 -28.40 1.68 -13.76
CA THR C 51 -29.11 2.66 -14.56
C THR C 51 -28.22 3.86 -14.93
N LEU C 52 -27.23 4.15 -14.09
CA LEU C 52 -26.31 5.25 -14.37
C LEU C 52 -25.54 4.99 -15.68
N ARG C 53 -24.87 3.85 -15.75
CA ARG C 53 -24.12 3.48 -16.93
C ARG C 53 -24.97 3.68 -18.19
N LYS C 54 -26.28 3.54 -18.04
CA LYS C 54 -27.16 3.73 -19.17
C LYS C 54 -27.36 5.21 -19.48
N LEU C 55 -27.65 5.98 -18.45
CA LEU C 55 -27.90 7.40 -18.58
C LEU C 55 -26.70 8.19 -19.11
N GLU C 56 -25.50 7.66 -18.96
CA GLU C 56 -24.33 8.38 -19.43
C GLU C 56 -24.41 8.68 -20.93
N TYR C 57 -25.15 7.84 -21.66
CA TYR C 57 -25.32 8.03 -23.09
C TYR C 57 -26.64 8.73 -23.42
N ILE C 58 -27.43 9.00 -22.40
CA ILE C 58 -28.72 9.66 -22.60
C ILE C 58 -28.68 11.11 -22.14
N VAL C 59 -27.81 11.43 -21.18
CA VAL C 59 -27.69 12.78 -20.68
C VAL C 59 -27.33 13.76 -21.79
N PRO C 60 -26.35 13.40 -22.65
CA PRO C 60 -25.95 14.30 -23.75
C PRO C 60 -27.18 14.83 -24.48
N ASP C 61 -28.08 13.93 -24.82
CA ASP C 61 -29.29 14.30 -25.53
C ASP C 61 -30.18 15.22 -24.71
N ILE C 62 -30.21 15.01 -23.40
CA ILE C 62 -31.04 15.81 -22.48
C ILE C 62 -30.50 17.24 -22.27
N VAL C 63 -29.19 17.34 -22.11
CA VAL C 63 -28.55 18.63 -21.92
C VAL C 63 -28.52 19.35 -23.26
N GLU C 64 -28.46 18.56 -24.33
CA GLU C 64 -28.44 19.10 -25.68
C GLU C 64 -29.73 19.85 -25.90
N GLY C 65 -30.83 19.12 -25.90
CA GLY C 65 -32.14 19.70 -26.10
C GLY C 65 -32.52 20.65 -24.98
N ASP C 66 -33.75 21.12 -25.02
CA ASP C 66 -34.26 22.06 -24.03
C ASP C 66 -35.23 21.29 -23.14
N TYR C 67 -34.82 21.00 -21.90
CA TYR C 67 -35.69 20.25 -21.01
C TYR C 67 -35.87 20.77 -19.59
N THR C 68 -37.07 20.57 -19.06
CA THR C 68 -37.39 21.03 -17.72
C THR C 68 -37.49 19.89 -16.71
N HIS C 69 -38.21 18.83 -17.09
CA HIS C 69 -38.43 17.69 -16.20
C HIS C 69 -37.94 16.33 -16.69
N LEU C 70 -37.36 15.56 -15.77
CA LEU C 70 -36.91 14.21 -16.09
C LEU C 70 -37.99 13.28 -15.55
N VAL C 71 -38.72 12.62 -16.44
CA VAL C 71 -39.78 11.72 -16.02
C VAL C 71 -39.37 10.27 -16.21
N SER C 72 -39.42 9.50 -15.14
CA SER C 72 -39.08 8.10 -15.24
C SER C 72 -40.13 7.29 -14.47
N ILE C 73 -40.07 5.97 -14.57
CA ILE C 73 -41.07 5.16 -13.90
C ILE C 73 -40.47 3.87 -13.40
N GLY C 74 -41.15 3.23 -12.45
CA GLY C 74 -40.66 1.97 -11.91
C GLY C 74 -41.50 1.44 -10.77
N GLY C 75 -40.94 0.48 -10.04
CA GLY C 75 -41.65 -0.09 -8.90
C GLY C 75 -41.43 0.73 -7.63
N ARG C 76 -42.30 0.53 -6.64
CA ARG C 76 -42.16 1.28 -5.39
C ARG C 76 -40.74 1.34 -4.86
N GLN C 77 -39.99 0.26 -5.00
CA GLN C 77 -38.61 0.21 -4.53
C GLN C 77 -37.58 0.32 -5.64
N SER C 78 -38.05 0.69 -6.83
CA SER C 78 -37.22 0.86 -8.02
C SER C 78 -35.87 1.53 -7.76
N ASN C 79 -34.82 0.99 -8.38
CA ASN C 79 -33.46 1.50 -8.26
C ASN C 79 -33.28 2.54 -9.35
N GLN C 80 -33.95 2.27 -10.47
CA GLN C 80 -33.93 3.14 -11.65
C GLN C 80 -34.35 4.56 -11.25
N THR C 81 -35.59 4.69 -10.81
CA THR C 81 -36.13 5.98 -10.41
C THR C 81 -35.25 6.70 -9.37
N ARG C 82 -34.57 5.96 -8.52
CA ARG C 82 -33.74 6.61 -7.51
C ARG C 82 -32.51 7.23 -8.15
N MET C 83 -31.96 6.58 -9.18
CA MET C 83 -30.79 7.14 -9.87
C MET C 83 -31.21 8.27 -10.81
N VAL C 84 -32.38 8.14 -11.41
CA VAL C 84 -32.89 9.20 -12.26
C VAL C 84 -32.99 10.46 -11.41
N ALA C 85 -33.49 10.32 -10.19
CA ALA C 85 -33.60 11.46 -9.30
C ALA C 85 -32.21 12.07 -9.11
N ALA C 86 -31.23 11.24 -8.79
CA ALA C 86 -29.88 11.73 -8.61
C ALA C 86 -29.45 12.52 -9.84
N LEU C 87 -29.70 11.95 -11.01
CA LEU C 87 -29.33 12.59 -12.26
C LEU C 87 -29.94 13.98 -12.31
N ALA C 88 -31.27 14.05 -12.26
CA ALA C 88 -31.98 15.32 -12.30
C ALA C 88 -31.41 16.37 -11.34
N ALA C 89 -30.86 15.92 -10.21
CA ALA C 89 -30.30 16.86 -9.26
C ALA C 89 -28.98 17.35 -9.82
N LYS C 90 -28.22 16.41 -10.36
CA LYS C 90 -26.91 16.70 -10.95
C LYS C 90 -27.06 17.68 -12.12
N LEU C 91 -28.14 17.54 -12.88
CA LEU C 91 -28.40 18.42 -14.03
C LEU C 91 -29.29 19.60 -13.68
N GLY C 92 -29.51 19.86 -12.40
CA GLY C 92 -30.36 20.98 -12.03
C GLY C 92 -31.72 20.95 -12.72
N LYS C 93 -32.20 19.76 -13.05
CA LYS C 93 -33.51 19.62 -13.70
C LYS C 93 -34.52 19.18 -12.66
N LYS C 94 -35.80 19.33 -12.99
CA LYS C 94 -36.85 18.92 -12.07
C LYS C 94 -37.14 17.46 -12.34
N CYS C 95 -37.73 16.77 -11.38
CA CYS C 95 -37.97 15.35 -11.55
C CYS C 95 -39.34 14.82 -11.14
N VAL C 96 -39.94 14.05 -12.04
CA VAL C 96 -41.23 13.43 -11.78
C VAL C 96 -41.06 11.91 -11.88
N LEU C 97 -41.26 11.24 -10.75
CA LEU C 97 -41.10 9.78 -10.68
C LEU C 97 -42.37 8.99 -10.40
N ILE C 98 -42.78 8.18 -11.37
CA ILE C 98 -43.96 7.34 -11.21
C ILE C 98 -43.57 6.00 -10.58
N GLN C 99 -43.95 5.81 -9.32
CA GLN C 99 -43.65 4.58 -8.58
C GLN C 99 -44.88 3.69 -8.62
N GLU C 100 -44.92 2.73 -9.54
CA GLU C 100 -46.08 1.84 -9.62
C GLU C 100 -46.03 0.70 -8.61
N ASP C 101 -47.21 0.13 -8.37
CA ASP C 101 -47.36 -0.97 -7.42
C ASP C 101 -46.99 -2.27 -8.15
N TRP C 102 -45.70 -2.60 -8.18
CA TRP C 102 -45.21 -3.78 -8.89
C TRP C 102 -45.01 -5.02 -8.06
N VAL C 103 -45.06 -4.88 -6.74
CA VAL C 103 -44.83 -6.04 -5.90
C VAL C 103 -45.86 -6.27 -4.79
N PRO C 104 -46.10 -7.55 -4.45
CA PRO C 104 -47.04 -7.94 -3.41
C PRO C 104 -46.32 -7.69 -2.10
N ILE C 105 -46.69 -6.63 -1.40
CA ILE C 105 -46.00 -6.31 -0.15
C ILE C 105 -46.28 -7.25 1.01
N PRO C 106 -45.22 -7.83 1.58
CA PRO C 106 -45.40 -8.75 2.71
C PRO C 106 -46.06 -7.97 3.85
N GLU C 107 -46.92 -8.65 4.59
CA GLU C 107 -47.62 -8.06 5.72
C GLU C 107 -46.68 -7.30 6.66
N ALA C 108 -45.55 -7.92 6.98
CA ALA C 108 -44.58 -7.33 7.89
C ALA C 108 -43.74 -6.22 7.26
N GLU C 109 -44.13 -5.80 6.05
CA GLU C 109 -43.41 -4.74 5.33
C GLU C 109 -44.34 -3.65 4.82
N LYS C 110 -45.61 -3.72 5.21
CA LYS C 110 -46.60 -2.76 4.75
C LYS C 110 -46.38 -1.30 5.20
N ASP C 111 -45.88 -1.11 6.39
CA ASP C 111 -45.65 0.26 6.86
C ASP C 111 -44.17 0.59 6.72
N VAL C 112 -43.59 0.17 5.59
CA VAL C 112 -42.17 0.43 5.37
C VAL C 112 -41.78 0.29 3.91
N TYR C 113 -42.53 -0.51 3.17
CA TYR C 113 -42.23 -0.73 1.78
C TYR C 113 -42.21 0.57 0.98
N ASN C 114 -43.23 1.40 1.17
CA ASN C 114 -43.32 2.65 0.44
C ASN C 114 -42.75 3.86 1.16
N ARG C 115 -41.93 3.64 2.19
CA ARG C 115 -41.38 4.76 2.93
C ARG C 115 -39.88 4.77 3.16
N VAL C 116 -39.25 3.61 3.10
CA VAL C 116 -37.81 3.54 3.31
C VAL C 116 -37.05 3.17 2.04
N GLY C 117 -35.76 2.90 2.18
CA GLY C 117 -34.97 2.50 1.04
C GLY C 117 -34.87 3.45 -0.15
N ASN C 118 -35.23 2.96 -1.32
CA ASN C 118 -35.11 3.76 -2.52
C ASN C 118 -36.08 4.92 -2.66
N ILE C 119 -37.37 4.62 -2.56
CA ILE C 119 -38.37 5.67 -2.71
C ILE C 119 -38.09 6.79 -1.72
N GLU C 120 -37.39 6.44 -0.64
CA GLU C 120 -37.06 7.41 0.39
C GLU C 120 -36.03 8.38 -0.19
N LEU C 121 -34.94 7.81 -0.68
CA LEU C 121 -33.83 8.58 -1.26
C LEU C 121 -34.28 9.53 -2.36
N SER C 122 -35.26 9.12 -3.13
CA SER C 122 -35.76 9.98 -4.18
C SER C 122 -36.57 11.13 -3.61
N ARG C 123 -37.03 11.01 -2.38
CA ARG C 123 -37.79 12.10 -1.78
C ARG C 123 -36.81 13.13 -1.20
N ILE C 124 -35.72 12.64 -0.62
CA ILE C 124 -34.70 13.52 -0.07
C ILE C 124 -34.10 14.35 -1.21
N MET C 125 -33.93 13.72 -2.38
CA MET C 125 -33.34 14.41 -3.50
C MET C 125 -34.38 15.29 -4.18
N GLY C 126 -35.40 15.65 -3.41
CA GLY C 126 -36.46 16.52 -3.89
C GLY C 126 -37.25 16.11 -5.12
N ALA C 127 -37.35 14.82 -5.40
CA ALA C 127 -38.10 14.36 -6.56
C ALA C 127 -39.61 14.34 -6.33
N ASP C 128 -40.36 14.59 -7.40
CA ASP C 128 -41.83 14.59 -7.38
C ASP C 128 -42.25 13.12 -7.45
N VAL C 129 -42.18 12.44 -6.31
CA VAL C 129 -42.54 11.02 -6.23
C VAL C 129 -44.04 10.75 -6.25
N ARG C 130 -44.51 10.11 -7.32
CA ARG C 130 -45.93 9.79 -7.43
C ARG C 130 -46.16 8.30 -7.26
N VAL C 131 -46.91 7.95 -6.22
CA VAL C 131 -47.23 6.57 -5.89
C VAL C 131 -48.57 6.11 -6.45
N ILE C 132 -48.56 5.41 -7.58
CA ILE C 132 -49.82 4.93 -8.15
C ILE C 132 -49.98 3.40 -8.04
N GLU C 133 -51.20 2.93 -8.34
CA GLU C 133 -51.56 1.52 -8.20
C GLU C 133 -51.48 0.54 -9.39
N ASP C 134 -50.90 0.97 -10.51
CA ASP C 134 -50.77 0.08 -11.68
C ASP C 134 -49.84 -1.07 -11.31
N GLY C 135 -49.92 -2.16 -12.05
CA GLY C 135 -49.08 -3.32 -11.75
C GLY C 135 -47.79 -3.48 -12.53
N PHE C 136 -47.04 -4.51 -12.19
CA PHE C 136 -45.75 -4.81 -12.83
C PHE C 136 -45.80 -5.21 -14.30
N ASP C 137 -45.05 -4.47 -15.12
CA ASP C 137 -44.93 -4.73 -16.55
C ASP C 137 -43.66 -4.03 -17.04
N ILE C 138 -42.87 -4.72 -17.87
CA ILE C 138 -41.62 -4.17 -18.39
C ILE C 138 -41.81 -3.31 -19.63
N GLY C 139 -43.02 -3.33 -20.18
CA GLY C 139 -43.30 -2.54 -21.36
C GLY C 139 -43.70 -1.12 -21.02
N MET C 140 -44.09 -0.37 -22.04
CA MET C 140 -44.50 1.02 -21.85
C MET C 140 -45.81 1.07 -21.08
N ARG C 141 -45.81 1.83 -19.97
CA ARG C 141 -46.97 1.98 -19.10
C ARG C 141 -47.80 3.23 -19.44
N LYS C 142 -49.10 3.16 -19.19
CA LYS C 142 -49.99 4.28 -19.48
C LYS C 142 -49.65 5.50 -18.63
N SER C 143 -49.49 5.27 -17.33
CA SER C 143 -49.16 6.33 -16.38
C SER C 143 -48.05 7.24 -16.90
N PHE C 144 -46.99 6.62 -17.38
CA PHE C 144 -45.83 7.33 -17.91
C PHE C 144 -46.29 8.32 -18.99
N ALA C 145 -47.06 7.84 -19.95
CA ALA C 145 -47.56 8.71 -21.01
C ALA C 145 -48.41 9.81 -20.41
N ASN C 146 -49.27 9.44 -19.46
CA ASN C 146 -50.16 10.39 -18.80
C ASN C 146 -49.39 11.53 -18.12
N ALA C 147 -48.34 11.18 -17.39
CA ALA C 147 -47.52 12.16 -16.71
C ALA C 147 -46.91 13.14 -17.71
N LEU C 148 -46.43 12.59 -18.82
CA LEU C 148 -45.80 13.39 -19.87
C LEU C 148 -46.82 14.36 -20.46
N GLN C 149 -48.03 13.87 -20.65
CA GLN C 149 -49.11 14.68 -21.19
C GLN C 149 -49.25 15.88 -20.27
N GLU C 150 -49.59 15.60 -19.03
CA GLU C 150 -49.78 16.58 -17.97
C GLU C 150 -48.66 17.61 -17.89
N LEU C 151 -47.41 17.15 -17.88
CA LEU C 151 -46.29 18.08 -17.79
C LEU C 151 -46.19 19.02 -18.98
N GLU C 152 -46.53 18.52 -20.16
CA GLU C 152 -46.48 19.35 -21.35
C GLU C 152 -47.71 20.24 -21.41
N ASP C 153 -48.84 19.71 -20.98
CA ASP C 153 -50.08 20.47 -20.98
C ASP C 153 -49.91 21.69 -20.09
N ALA C 154 -48.87 21.67 -19.25
CA ALA C 154 -48.58 22.77 -18.33
C ALA C 154 -47.41 23.65 -18.77
N GLY C 155 -47.01 23.51 -20.03
CA GLY C 155 -45.93 24.33 -20.57
C GLY C 155 -44.52 23.92 -20.22
N HIS C 156 -44.36 22.74 -19.64
CA HIS C 156 -43.04 22.29 -19.26
C HIS C 156 -42.46 21.41 -20.37
N LYS C 157 -41.20 21.00 -20.22
CA LYS C 157 -40.55 20.17 -21.22
C LYS C 157 -40.01 18.87 -20.62
N PRO C 158 -40.83 17.80 -20.65
CA PRO C 158 -40.38 16.53 -20.09
C PRO C 158 -39.54 15.66 -21.00
N TYR C 159 -38.49 15.06 -20.42
CA TYR C 159 -37.63 14.14 -21.13
C TYR C 159 -38.01 12.78 -20.54
N PRO C 160 -38.58 11.87 -21.36
CA PRO C 160 -38.98 10.55 -20.86
C PRO C 160 -37.88 9.51 -20.76
N ILE C 161 -37.87 8.83 -19.62
CA ILE C 161 -36.91 7.76 -19.34
C ILE C 161 -37.75 6.56 -18.94
N PRO C 162 -38.05 5.66 -19.90
CA PRO C 162 -38.85 4.45 -19.69
C PRO C 162 -38.27 3.51 -18.63
N ALA C 163 -39.06 2.52 -18.23
CA ALA C 163 -38.61 1.56 -17.24
C ALA C 163 -37.22 1.09 -17.60
N GLY C 164 -36.30 1.24 -16.66
CA GLY C 164 -34.93 0.81 -16.87
C GLY C 164 -34.23 1.37 -18.10
N CYS C 165 -34.78 2.43 -18.69
CA CYS C 165 -34.19 3.02 -19.90
C CYS C 165 -34.18 1.97 -20.99
N SER C 166 -34.79 0.82 -20.71
CA SER C 166 -34.80 -0.28 -21.65
C SER C 166 -35.35 0.03 -23.04
N GLU C 167 -36.54 0.60 -23.10
CA GLU C 167 -37.10 0.90 -24.41
C GLU C 167 -36.78 2.33 -24.85
N HIS C 168 -35.59 2.80 -24.50
CA HIS C 168 -35.17 4.13 -24.91
C HIS C 168 -34.14 3.95 -26.01
N LYS C 169 -34.17 4.86 -26.98
CA LYS C 169 -33.27 4.82 -28.11
C LYS C 169 -31.86 4.35 -27.75
N TYR C 170 -31.27 4.90 -26.70
CA TYR C 170 -29.91 4.52 -26.33
C TYR C 170 -29.76 3.69 -25.05
N GLY C 171 -30.84 3.05 -24.62
CA GLY C 171 -30.79 2.26 -23.40
C GLY C 171 -29.73 1.16 -23.34
N GLY C 172 -29.43 0.55 -24.49
CA GLY C 172 -28.45 -0.52 -24.55
C GLY C 172 -27.02 -0.06 -24.76
N LEU C 173 -26.86 1.17 -25.23
CA LEU C 173 -25.52 1.71 -25.48
C LEU C 173 -24.62 1.64 -24.25
N GLY C 174 -25.13 2.10 -23.13
CA GLY C 174 -24.37 2.10 -21.88
C GLY C 174 -23.67 0.81 -21.53
N PHE C 175 -24.35 -0.32 -21.64
CA PHE C 175 -23.72 -1.59 -21.31
C PHE C 175 -22.87 -2.22 -22.39
N VAL C 176 -22.82 -1.59 -23.57
CA VAL C 176 -22.00 -2.08 -24.64
C VAL C 176 -20.60 -1.68 -24.21
N GLY C 177 -20.52 -0.51 -23.56
CA GLY C 177 -19.26 -0.02 -23.06
C GLY C 177 -18.77 -0.96 -21.98
N PHE C 178 -19.73 -1.56 -21.28
CA PHE C 178 -19.46 -2.53 -20.22
C PHE C 178 -18.49 -3.59 -20.75
N ALA C 179 -18.96 -4.31 -21.77
CA ALA C 179 -18.17 -5.36 -22.40
C ALA C 179 -16.79 -4.84 -22.77
N ASP C 180 -16.72 -3.66 -23.32
CA ASP C 180 -15.42 -3.13 -23.67
C ASP C 180 -14.53 -3.19 -22.45
N GLU C 181 -15.03 -2.70 -21.32
CA GLU C 181 -14.26 -2.69 -20.07
C GLU C 181 -13.83 -4.10 -19.69
N VAL C 182 -14.76 -5.06 -19.80
CA VAL C 182 -14.48 -6.44 -19.45
C VAL C 182 -13.25 -6.92 -20.18
N ILE C 183 -13.22 -6.72 -21.48
CA ILE C 183 -12.07 -7.13 -22.27
C ILE C 183 -10.81 -6.43 -21.75
N ASN C 184 -10.83 -5.11 -21.62
CA ASN C 184 -9.66 -4.36 -21.12
C ASN C 184 -9.28 -4.77 -19.68
N GLN C 185 -10.27 -5.09 -18.86
CA GLN C 185 -10.01 -5.53 -17.50
C GLN C 185 -9.43 -6.95 -17.50
N GLU C 186 -9.87 -7.77 -18.47
CA GLU C 186 -9.36 -9.12 -18.60
C GLU C 186 -7.88 -8.95 -18.89
N VAL C 187 -7.60 -8.14 -19.89
CA VAL C 187 -6.22 -7.90 -20.26
C VAL C 187 -5.43 -7.35 -19.10
N GLU C 188 -6.03 -6.51 -18.26
CA GLU C 188 -5.26 -5.98 -17.15
C GLU C 188 -5.22 -6.88 -15.93
N LEU C 189 -6.11 -7.86 -15.88
CA LEU C 189 -6.11 -8.82 -14.77
C LEU C 189 -5.11 -9.94 -15.11
N GLY C 190 -5.13 -10.40 -16.36
CA GLY C 190 -4.21 -11.46 -16.74
C GLY C 190 -4.96 -12.75 -16.93
N ILE C 191 -6.28 -12.68 -16.87
CA ILE C 191 -7.10 -13.86 -17.03
C ILE C 191 -8.20 -13.58 -18.03
N LYS C 192 -8.98 -14.61 -18.33
CA LYS C 192 -10.07 -14.47 -19.26
C LYS C 192 -11.32 -15.00 -18.55
N PHE C 193 -12.47 -14.38 -18.80
CA PHE C 193 -13.70 -14.85 -18.16
C PHE C 193 -14.44 -15.77 -19.10
N ASP C 194 -14.74 -16.96 -18.61
CA ASP C 194 -15.44 -17.95 -19.42
C ASP C 194 -16.91 -17.60 -19.47
N LYS C 195 -17.44 -17.08 -18.37
CA LYS C 195 -18.85 -16.70 -18.35
C LYS C 195 -19.13 -15.43 -17.56
N ILE C 196 -20.26 -14.82 -17.88
CA ILE C 196 -20.72 -13.60 -17.24
C ILE C 196 -22.14 -13.87 -16.79
N VAL C 197 -22.41 -13.69 -15.49
CA VAL C 197 -23.75 -13.91 -14.94
C VAL C 197 -24.36 -12.56 -14.52
N VAL C 198 -25.55 -12.26 -15.05
CA VAL C 198 -26.21 -11.00 -14.75
C VAL C 198 -27.74 -11.11 -14.64
N CYS C 199 -28.31 -10.41 -13.66
CA CYS C 199 -29.77 -10.41 -13.47
C CYS C 199 -30.39 -9.70 -14.67
N CYS C 200 -31.65 -10.02 -14.97
CA CYS C 200 -32.32 -9.44 -16.13
C CYS C 200 -33.82 -9.31 -15.95
N VAL C 201 -34.37 -8.14 -16.28
CA VAL C 201 -35.80 -7.85 -16.17
C VAL C 201 -36.38 -7.07 -17.36
N THR C 202 -36.04 -5.78 -17.46
CA THR C 202 -36.54 -4.97 -18.57
C THR C 202 -35.75 -5.18 -19.86
N GLY C 203 -34.47 -5.53 -19.75
CA GLY C 203 -33.70 -5.79 -20.96
C GLY C 203 -32.37 -5.14 -21.23
N SER C 204 -32.38 -3.83 -21.41
CA SER C 204 -31.18 -3.05 -21.72
C SER C 204 -29.85 -3.48 -21.14
N THR C 205 -29.80 -3.89 -19.87
CA THR C 205 -28.52 -4.30 -19.30
C THR C 205 -27.92 -5.50 -20.06
N THR C 206 -28.73 -6.54 -20.25
CA THR C 206 -28.29 -7.74 -20.97
C THR C 206 -28.02 -7.39 -22.44
N ALA C 207 -29.02 -6.79 -23.08
CA ALA C 207 -28.89 -6.41 -24.47
C ALA C 207 -27.57 -5.64 -24.72
N GLY C 208 -27.22 -4.77 -23.78
CA GLY C 208 -25.99 -4.02 -23.95
C GLY C 208 -24.76 -4.89 -23.79
N ILE C 209 -24.90 -5.95 -23.00
CA ILE C 209 -23.79 -6.87 -22.79
C ILE C 209 -23.80 -7.87 -23.95
N LEU C 210 -25.01 -8.21 -24.41
CA LEU C 210 -25.11 -9.13 -25.51
C LEU C 210 -24.40 -8.51 -26.70
N ALA C 211 -25.00 -7.46 -27.26
CA ALA C 211 -24.39 -6.78 -28.38
C ALA C 211 -22.92 -6.51 -28.10
N GLY C 212 -22.64 -5.94 -26.94
CA GLY C 212 -21.26 -5.63 -26.59
C GLY C 212 -20.29 -6.78 -26.73
N MET C 213 -20.70 -7.97 -26.33
CA MET C 213 -19.84 -9.14 -26.43
C MET C 213 -19.77 -9.63 -27.87
N ALA C 214 -20.85 -9.42 -28.60
CA ALA C 214 -20.94 -9.83 -30.01
C ALA C 214 -19.79 -9.23 -30.80
N GLN C 215 -19.29 -8.10 -30.34
CA GLN C 215 -18.17 -7.45 -31.00
C GLN C 215 -17.02 -8.45 -31.09
N TYR C 216 -16.60 -8.95 -29.94
CA TYR C 216 -15.49 -9.91 -29.84
C TYR C 216 -15.98 -11.33 -30.04
N GLY C 217 -17.16 -11.47 -30.65
CA GLY C 217 -17.74 -12.78 -30.89
C GLY C 217 -17.83 -13.66 -29.65
N ARG C 218 -18.17 -13.05 -28.52
CA ARG C 218 -18.27 -13.77 -27.26
C ARG C 218 -19.61 -13.60 -26.57
N GLN C 219 -20.66 -13.35 -27.35
CA GLN C 219 -21.97 -13.17 -26.73
C GLN C 219 -22.36 -14.42 -25.96
N ASP C 220 -22.02 -15.58 -26.51
CA ASP C 220 -22.35 -16.83 -25.84
C ASP C 220 -21.69 -17.00 -24.47
N ASP C 221 -21.00 -15.96 -24.01
CA ASP C 221 -20.37 -15.99 -22.70
C ASP C 221 -21.41 -15.50 -21.70
N VAL C 222 -22.41 -14.79 -22.21
CA VAL C 222 -23.49 -14.19 -21.41
C VAL C 222 -24.58 -15.12 -20.89
N ILE C 223 -24.68 -15.18 -19.56
CA ILE C 223 -25.67 -16.00 -18.88
C ILE C 223 -26.61 -15.07 -18.08
N ALA C 224 -27.87 -14.98 -18.51
CA ALA C 224 -28.84 -14.12 -17.86
C ALA C 224 -29.83 -14.88 -16.96
N ILE C 225 -30.02 -14.35 -15.75
CA ILE C 225 -30.92 -14.91 -14.74
C ILE C 225 -32.17 -14.02 -14.62
N ASP C 226 -33.30 -14.48 -15.14
CA ASP C 226 -34.55 -13.70 -15.08
C ASP C 226 -35.01 -13.41 -13.65
N ALA C 227 -35.65 -12.27 -13.44
CA ALA C 227 -36.15 -11.90 -12.12
C ALA C 227 -37.47 -11.17 -12.28
N SER C 228 -38.04 -11.25 -13.48
CA SER C 228 -39.30 -10.59 -13.77
C SER C 228 -40.49 -11.53 -13.61
N PHE C 229 -40.22 -12.83 -13.62
CA PHE C 229 -41.27 -13.84 -13.53
C PHE C 229 -42.32 -13.66 -14.63
N THR C 230 -41.88 -13.05 -15.72
CA THR C 230 -42.69 -12.83 -16.90
C THR C 230 -41.72 -13.25 -17.99
N SER C 231 -40.89 -14.22 -17.62
CA SER C 231 -39.84 -14.80 -18.45
C SER C 231 -39.90 -14.56 -19.96
N GLU C 232 -40.90 -15.10 -20.63
CA GLU C 232 -41.02 -14.94 -22.06
C GLU C 232 -40.92 -13.51 -22.56
N LYS C 233 -41.85 -12.65 -22.15
CA LYS C 233 -41.84 -11.26 -22.58
C LYS C 233 -40.48 -10.58 -22.38
N THR C 234 -39.78 -10.96 -21.31
CA THR C 234 -38.47 -10.39 -21.03
C THR C 234 -37.49 -10.81 -22.10
N LYS C 235 -37.49 -12.09 -22.45
CA LYS C 235 -36.59 -12.59 -23.48
C LYS C 235 -36.89 -11.89 -24.80
N GLU C 236 -38.17 -11.75 -25.11
CA GLU C 236 -38.60 -11.09 -26.33
C GLU C 236 -38.11 -9.65 -26.39
N GLN C 237 -38.24 -8.94 -25.28
CA GLN C 237 -37.83 -7.55 -25.20
C GLN C 237 -36.31 -7.37 -25.20
N THR C 238 -35.61 -8.23 -24.47
CA THR C 238 -34.14 -8.15 -24.38
C THR C 238 -33.54 -8.43 -25.75
N LEU C 239 -34.19 -9.33 -26.48
CA LEU C 239 -33.76 -9.73 -27.81
C LEU C 239 -33.89 -8.49 -28.70
N ARG C 240 -35.04 -7.84 -28.61
CA ARG C 240 -35.35 -6.63 -29.37
C ARG C 240 -34.32 -5.52 -29.16
N ILE C 241 -34.00 -5.23 -27.90
CA ILE C 241 -33.04 -4.19 -27.58
C ILE C 241 -31.65 -4.59 -28.07
N ALA C 242 -31.34 -5.88 -27.93
CA ALA C 242 -30.06 -6.43 -28.35
C ALA C 242 -29.83 -6.13 -29.81
N ASN C 243 -30.81 -6.49 -30.64
CA ASN C 243 -30.70 -6.25 -32.07
C ASN C 243 -30.49 -4.77 -32.36
N ASN C 244 -31.51 -3.95 -32.11
CA ASN C 244 -31.44 -2.51 -32.34
C ASN C 244 -30.10 -1.91 -31.91
N THR C 245 -29.66 -2.27 -30.71
CA THR C 245 -28.39 -1.77 -30.17
C THR C 245 -27.21 -2.27 -31.00
N ALA C 246 -27.30 -3.50 -31.47
CA ALA C 246 -26.23 -4.09 -32.27
C ALA C 246 -25.95 -3.17 -33.45
N LYS C 247 -27.02 -2.77 -34.14
CA LYS C 247 -26.90 -1.88 -35.30
C LYS C 247 -26.24 -0.55 -34.98
N LEU C 248 -26.78 0.15 -33.97
CA LEU C 248 -26.26 1.45 -33.56
C LEU C 248 -24.74 1.49 -33.46
N ILE C 249 -24.18 0.55 -32.72
CA ILE C 249 -22.74 0.48 -32.54
C ILE C 249 -22.10 -0.16 -33.75
N GLY C 250 -22.93 -0.76 -34.61
CA GLY C 250 -22.42 -1.39 -35.82
C GLY C 250 -21.96 -2.83 -35.65
N VAL C 251 -22.92 -3.72 -35.46
CA VAL C 251 -22.62 -5.13 -35.28
C VAL C 251 -23.66 -5.88 -36.08
N GLU C 252 -23.19 -6.66 -37.04
CA GLU C 252 -24.04 -7.40 -37.95
C GLU C 252 -24.81 -8.57 -37.36
N HIS C 253 -24.30 -9.13 -36.28
CA HIS C 253 -24.93 -10.26 -35.63
C HIS C 253 -26.43 -10.06 -35.37
N GLU C 254 -27.19 -11.14 -35.43
CA GLU C 254 -28.62 -11.09 -35.19
C GLU C 254 -28.94 -12.00 -34.01
N PHE C 255 -29.39 -11.43 -32.90
CA PHE C 255 -29.72 -12.22 -31.73
C PHE C 255 -31.11 -12.83 -31.85
N LYS C 256 -31.15 -14.13 -32.13
CA LYS C 256 -32.42 -14.85 -32.29
C LYS C 256 -32.79 -15.50 -30.96
N ASP C 257 -31.83 -15.54 -30.05
CA ASP C 257 -32.06 -16.15 -28.75
C ASP C 257 -30.82 -15.88 -27.89
N PHE C 258 -30.91 -16.21 -26.60
CA PHE C 258 -29.80 -16.05 -25.69
C PHE C 258 -30.12 -16.79 -24.39
N THR C 259 -29.09 -17.07 -23.60
CA THR C 259 -29.25 -17.78 -22.34
C THR C 259 -30.00 -16.96 -21.28
N LEU C 260 -31.17 -17.45 -20.87
CA LEU C 260 -31.99 -16.80 -19.85
C LEU C 260 -32.59 -17.84 -18.91
N ASP C 261 -31.87 -18.17 -17.83
CA ASP C 261 -32.36 -19.16 -16.85
C ASP C 261 -33.55 -18.55 -16.11
N THR C 262 -34.61 -19.34 -15.89
CA THR C 262 -35.80 -18.83 -15.25
C THR C 262 -36.19 -19.60 -13.98
N ARG C 263 -35.29 -20.46 -13.53
CA ARG C 263 -35.55 -21.28 -12.35
C ARG C 263 -35.56 -20.52 -11.02
N PHE C 264 -35.38 -19.20 -11.04
CA PHE C 264 -35.34 -18.43 -9.79
C PHE C 264 -36.17 -17.16 -9.71
N ALA C 265 -36.96 -16.87 -10.73
CA ALA C 265 -37.77 -15.66 -10.70
C ALA C 265 -39.04 -15.80 -9.86
N TYR C 266 -39.27 -16.96 -9.28
CA TYR C 266 -40.49 -17.15 -8.50
C TYR C 266 -40.30 -16.65 -7.06
N PRO C 267 -41.40 -16.32 -6.37
CA PRO C 267 -42.80 -16.39 -6.81
C PRO C 267 -43.28 -15.29 -7.78
N CYS C 268 -42.46 -14.26 -7.96
CA CYS C 268 -42.74 -13.14 -8.87
C CYS C 268 -41.76 -11.98 -8.69
N TYR C 269 -41.90 -10.97 -9.54
CA TYR C 269 -41.04 -9.79 -9.48
C TYR C 269 -41.16 -9.10 -8.12
N GLY C 270 -40.03 -8.82 -7.51
CA GLY C 270 -40.03 -8.14 -6.22
C GLY C 270 -40.16 -9.02 -4.98
N VAL C 271 -40.54 -10.29 -5.16
CA VAL C 271 -40.68 -11.20 -4.04
C VAL C 271 -39.60 -12.28 -4.05
N PRO C 272 -38.90 -12.47 -2.92
CA PRO C 272 -37.84 -13.48 -2.83
C PRO C 272 -38.34 -14.85 -2.31
N ASN C 273 -37.55 -15.89 -2.56
CA ASN C 273 -37.89 -17.22 -2.06
C ASN C 273 -36.79 -17.66 -1.09
N GLU C 274 -36.96 -18.81 -0.45
CA GLU C 274 -35.96 -19.24 0.49
C GLU C 274 -34.62 -19.34 -0.21
N GLY C 275 -34.67 -19.76 -1.48
CA GLY C 275 -33.45 -19.89 -2.26
C GLY C 275 -32.73 -18.55 -2.37
N THR C 276 -33.48 -17.54 -2.79
CA THR C 276 -32.97 -16.17 -2.93
C THR C 276 -32.37 -15.71 -1.59
N ILE C 277 -33.18 -15.76 -0.54
CA ILE C 277 -32.73 -15.38 0.79
C ILE C 277 -31.44 -16.11 1.18
N GLU C 278 -31.33 -17.39 0.83
CA GLU C 278 -30.12 -18.14 1.19
C GLU C 278 -28.95 -17.69 0.33
N ALA C 279 -29.25 -17.24 -0.89
CA ALA C 279 -28.19 -16.76 -1.77
C ALA C 279 -27.62 -15.48 -1.18
N ILE C 280 -28.51 -14.55 -0.84
CA ILE C 280 -28.12 -13.29 -0.25
C ILE C 280 -27.28 -13.50 1.00
N ARG C 281 -27.72 -14.41 1.86
CA ARG C 281 -27.02 -14.74 3.10
C ARG C 281 -25.63 -15.30 2.87
N THR C 282 -25.55 -16.28 1.96
CA THR C 282 -24.29 -16.94 1.65
C THR C 282 -23.25 -15.93 1.16
N CYS C 283 -23.68 -15.06 0.24
CA CYS C 283 -22.80 -14.03 -0.29
C CYS C 283 -22.37 -13.06 0.83
N ALA C 284 -23.33 -12.62 1.64
CA ALA C 284 -23.02 -11.72 2.74
C ALA C 284 -22.07 -12.37 3.74
N GLU C 285 -22.37 -13.60 4.15
CA GLU C 285 -21.53 -14.32 5.11
C GLU C 285 -20.19 -14.67 4.52
N GLN C 286 -20.17 -14.95 3.23
CA GLN C 286 -18.92 -15.32 2.58
C GLN C 286 -18.06 -14.15 2.11
N GLU C 287 -18.63 -13.24 1.34
CA GLU C 287 -17.81 -12.14 0.84
C GLU C 287 -18.03 -10.76 1.45
N GLY C 288 -19.09 -10.58 2.21
CA GLY C 288 -19.35 -9.28 2.80
C GLY C 288 -19.96 -8.34 1.77
N VAL C 289 -20.48 -8.91 0.69
CA VAL C 289 -21.10 -8.14 -0.38
C VAL C 289 -22.60 -8.25 -0.22
N LEU C 290 -23.30 -7.13 -0.34
CA LEU C 290 -24.74 -7.15 -0.15
C LEU C 290 -25.50 -7.21 -1.46
N THR C 291 -26.44 -8.15 -1.53
CA THR C 291 -27.29 -8.28 -2.71
C THR C 291 -28.70 -8.11 -2.19
N ASP C 292 -29.68 -7.97 -3.06
CA ASP C 292 -31.04 -7.73 -2.62
C ASP C 292 -32.07 -8.78 -2.99
N PRO C 293 -33.21 -8.77 -2.27
CA PRO C 293 -34.32 -9.69 -2.50
C PRO C 293 -34.93 -9.59 -3.87
N VAL C 294 -34.70 -8.48 -4.56
CA VAL C 294 -35.33 -8.32 -5.87
C VAL C 294 -34.50 -8.63 -7.10
N TYR C 295 -33.24 -8.23 -7.11
CA TYR C 295 -32.43 -8.44 -8.30
C TYR C 295 -31.17 -9.27 -8.16
N GLU C 296 -30.15 -8.70 -7.53
CA GLU C 296 -28.89 -9.42 -7.40
C GLU C 296 -29.01 -10.68 -6.52
N GLY C 297 -30.03 -10.70 -5.67
CA GLY C 297 -30.21 -11.85 -4.80
C GLY C 297 -30.55 -13.06 -5.63
N LYS C 298 -31.41 -12.85 -6.63
CA LYS C 298 -31.84 -13.91 -7.54
C LYS C 298 -30.75 -14.33 -8.53
N SER C 299 -29.99 -13.39 -9.06
CA SER C 299 -28.91 -13.71 -10.00
C SER C 299 -27.71 -14.30 -9.25
N MET C 300 -27.60 -14.00 -7.96
CA MET C 300 -26.50 -14.54 -7.15
C MET C 300 -26.88 -15.96 -6.74
N GLN C 301 -28.17 -16.19 -6.60
CA GLN C 301 -28.71 -17.49 -6.26
C GLN C 301 -28.52 -18.35 -7.49
N GLY C 302 -28.98 -17.83 -8.64
CA GLY C 302 -28.85 -18.53 -9.90
C GLY C 302 -27.41 -18.92 -10.20
N LEU C 303 -26.47 -18.08 -9.78
CA LEU C 303 -25.05 -18.31 -9.97
C LEU C 303 -24.66 -19.52 -9.11
N ILE C 304 -25.02 -19.46 -7.83
CA ILE C 304 -24.71 -20.54 -6.86
C ILE C 304 -25.17 -21.89 -7.39
N ALA C 305 -26.38 -21.93 -7.95
CA ALA C 305 -26.93 -23.16 -8.52
C ALA C 305 -25.98 -23.63 -9.62
N LEU C 306 -25.99 -22.92 -10.75
CA LEU C 306 -25.13 -23.25 -11.88
C LEU C 306 -23.75 -23.74 -11.43
N ILE C 307 -23.23 -23.17 -10.36
CA ILE C 307 -21.92 -23.58 -9.88
C ILE C 307 -21.95 -24.94 -9.24
N LYS C 308 -23.01 -25.20 -8.47
CA LYS C 308 -23.15 -26.46 -7.77
C LYS C 308 -23.59 -27.62 -8.66
N GLU C 309 -24.27 -27.33 -9.75
CA GLU C 309 -24.70 -28.35 -10.69
C GLU C 309 -23.64 -28.49 -11.77
N ASP C 310 -22.40 -28.17 -11.42
CA ASP C 310 -21.27 -28.24 -12.32
C ASP C 310 -21.59 -27.80 -13.75
N TYR C 311 -22.31 -26.69 -13.88
CA TYR C 311 -22.69 -26.13 -15.18
C TYR C 311 -21.46 -25.52 -15.87
N PHE C 312 -20.54 -24.99 -15.08
CA PHE C 312 -19.33 -24.38 -15.62
C PHE C 312 -18.22 -25.41 -15.57
N LYS C 313 -17.24 -25.25 -16.47
CA LYS C 313 -16.10 -26.16 -16.49
C LYS C 313 -15.20 -25.85 -15.31
N PRO C 314 -14.42 -26.83 -14.85
CA PRO C 314 -13.52 -26.62 -13.71
C PRO C 314 -12.58 -25.44 -13.93
N GLY C 315 -12.11 -24.84 -12.84
CA GLY C 315 -11.20 -23.72 -12.95
C GLY C 315 -11.81 -22.51 -13.65
N ALA C 316 -12.99 -22.67 -14.21
CA ALA C 316 -13.65 -21.57 -14.90
C ALA C 316 -13.71 -20.29 -14.07
N ASN C 317 -13.49 -19.16 -14.74
CA ASN C 317 -13.55 -17.84 -14.12
C ASN C 317 -14.88 -17.25 -14.58
N VAL C 318 -15.79 -17.05 -13.64
CA VAL C 318 -17.09 -16.50 -13.98
C VAL C 318 -17.21 -15.10 -13.43
N LEU C 319 -17.79 -14.21 -14.23
CA LEU C 319 -17.94 -12.85 -13.80
C LEU C 319 -19.36 -12.55 -13.43
N TYR C 320 -19.56 -12.35 -12.14
CA TYR C 320 -20.87 -12.01 -11.62
C TYR C 320 -21.00 -10.51 -11.87
N VAL C 321 -22.19 -10.07 -12.26
CA VAL C 321 -22.39 -8.65 -12.47
C VAL C 321 -23.33 -8.15 -11.38
N HIS C 322 -22.80 -7.35 -10.47
CA HIS C 322 -23.60 -6.78 -9.39
C HIS C 322 -24.10 -5.42 -9.82
N LEU C 323 -25.38 -5.35 -10.19
CA LEU C 323 -25.97 -4.12 -10.66
C LEU C 323 -26.53 -3.20 -9.55
N GLY C 324 -26.05 -3.38 -8.32
CA GLY C 324 -26.56 -2.56 -7.22
C GLY C 324 -27.87 -3.12 -6.68
N GLY C 325 -28.79 -2.24 -6.28
CA GLY C 325 -30.07 -2.71 -5.76
C GLY C 325 -30.13 -2.90 -4.26
N ALA C 326 -28.96 -2.95 -3.62
CA ALA C 326 -28.89 -3.15 -2.17
C ALA C 326 -29.73 -2.16 -1.35
N PRO C 327 -29.81 -0.91 -1.79
CA PRO C 327 -30.61 0.06 -1.01
C PRO C 327 -32.06 -0.31 -0.74
N ALA C 328 -32.54 -1.41 -1.31
CA ALA C 328 -33.92 -1.84 -1.07
C ALA C 328 -34.00 -2.79 0.13
N LEU C 329 -32.85 -3.27 0.56
CA LEU C 329 -32.77 -4.20 1.67
C LEU C 329 -33.61 -3.81 2.88
N SER C 330 -33.62 -2.52 3.21
CA SER C 330 -34.37 -2.05 4.35
C SER C 330 -35.85 -2.26 4.22
N ALA C 331 -36.32 -2.61 3.03
CA ALA C 331 -37.75 -2.84 2.85
C ALA C 331 -38.06 -4.33 2.88
N TYR C 332 -37.09 -5.12 3.32
CA TYR C 332 -37.20 -6.57 3.41
C TYR C 332 -36.47 -7.07 4.65
N SER C 333 -36.63 -6.39 5.79
CA SER C 333 -35.94 -6.80 7.02
C SER C 333 -36.64 -8.04 7.61
N SER C 334 -37.93 -8.18 7.32
CA SER C 334 -38.68 -9.31 7.80
C SER C 334 -38.04 -10.60 7.29
N PHE C 335 -37.48 -10.56 6.09
CA PHE C 335 -36.84 -11.73 5.52
C PHE C 335 -35.46 -12.11 6.05
N PHE C 336 -34.86 -11.31 6.92
CA PHE C 336 -33.54 -11.69 7.39
C PHE C 336 -33.32 -11.73 8.91
N PRO C 337 -33.95 -12.69 9.61
CA PRO C 337 -33.76 -12.76 11.06
C PRO C 337 -32.28 -12.97 11.43
N THR C 338 -31.88 -12.50 12.61
CA THR C 338 -30.50 -12.66 13.07
C THR C 338 -30.13 -14.15 12.98
N LYS C 339 -28.91 -14.46 12.55
CA LYS C 339 -28.48 -15.86 12.44
C LYS C 339 -28.14 -16.36 13.84
N THR C 340 -28.91 -17.35 14.32
CA THR C 340 -28.71 -17.91 15.66
C THR C 340 -27.27 -18.35 15.88
N ALA C 341 -26.63 -17.78 16.90
CA ALA C 341 -25.25 -18.15 17.20
C ALA C 341 -25.22 -19.58 17.70
N ALA D 1 10.25 8.13 8.70
CA ALA D 1 9.12 7.31 9.26
C ALA D 1 7.78 8.03 9.12
N GLY D 2 6.82 7.35 8.52
CA GLY D 2 5.49 7.90 8.33
C GLY D 2 4.46 6.90 8.82
N VAL D 3 3.68 6.34 7.91
CA VAL D 3 2.67 5.37 8.28
C VAL D 3 2.98 4.09 7.54
N ALA D 4 3.78 4.20 6.50
CA ALA D 4 4.14 3.02 5.72
C ALA D 4 4.91 2.07 6.63
N LYS D 5 5.29 2.54 7.80
CA LYS D 5 6.03 1.71 8.75
C LYS D 5 5.15 0.49 9.03
N PHE D 6 3.88 0.79 9.30
CA PHE D 6 2.88 -0.20 9.65
C PHE D 6 2.35 -0.99 8.45
N ALA D 7 2.00 -2.24 8.71
CA ALA D 7 1.47 -3.12 7.68
C ALA D 7 0.02 -2.76 7.42
N LYS D 8 -0.41 -2.94 6.18
CA LYS D 8 -1.77 -2.58 5.80
C LYS D 8 -2.42 -3.71 5.00
N TYR D 9 -3.70 -3.94 5.26
CA TYR D 9 -4.46 -4.97 4.58
C TYR D 9 -5.58 -4.29 3.80
N PRO D 10 -5.50 -4.33 2.46
CA PRO D 10 -6.49 -3.71 1.59
C PRO D 10 -7.94 -4.11 1.83
N LEU D 11 -8.76 -3.11 2.14
CA LEU D 11 -10.18 -3.32 2.36
C LEU D 11 -10.93 -2.37 1.44
N THR D 12 -10.18 -1.64 0.62
CA THR D 12 -10.75 -0.68 -0.33
C THR D 12 -10.23 -0.86 -1.75
N PHE D 13 -10.78 -0.06 -2.67
CA PHE D 13 -10.39 -0.09 -4.07
C PHE D 13 -9.10 0.69 -4.30
N GLY D 14 -8.70 1.45 -3.29
CA GLY D 14 -7.52 2.29 -3.37
C GLY D 14 -7.98 3.67 -2.98
N PRO D 15 -7.21 4.73 -3.30
CA PRO D 15 -7.62 6.09 -2.94
C PRO D 15 -9.08 6.40 -3.27
N SER D 16 -9.76 7.04 -2.34
CA SER D 16 -11.15 7.39 -2.56
C SER D 16 -11.21 8.58 -3.49
N PRO D 17 -12.12 8.55 -4.46
CA PRO D 17 -12.24 9.65 -5.39
C PRO D 17 -12.69 10.93 -4.69
N ILE D 18 -12.50 12.05 -5.39
CA ILE D 18 -12.92 13.33 -4.89
C ILE D 18 -13.92 13.83 -5.92
N SER D 19 -15.07 14.28 -5.46
CA SER D 19 -16.10 14.79 -6.35
C SER D 19 -16.10 16.31 -6.32
N ASN D 20 -16.48 16.91 -7.43
CA ASN D 20 -16.55 18.37 -7.51
C ASN D 20 -18.00 18.77 -7.38
N LEU D 21 -18.36 19.33 -6.23
CA LEU D 21 -19.71 19.78 -5.99
C LEU D 21 -19.91 21.22 -6.47
N ASN D 22 -19.91 21.43 -7.78
CA ASN D 22 -20.10 22.77 -8.32
C ASN D 22 -21.50 23.32 -8.11
N ARG D 23 -22.53 22.52 -8.29
CA ARG D 23 -23.90 23.00 -8.09
C ARG D 23 -24.17 23.47 -6.67
N LEU D 24 -23.69 22.73 -5.68
CA LEU D 24 -23.92 23.10 -4.30
C LEU D 24 -23.21 24.41 -4.04
N SER D 25 -21.97 24.49 -4.55
CA SER D 25 -21.15 25.68 -4.42
C SER D 25 -21.84 26.90 -5.06
N GLN D 26 -22.38 26.73 -6.27
CA GLN D 26 -23.08 27.82 -6.93
C GLN D 26 -24.25 28.19 -6.02
N HIS D 27 -25.15 27.23 -5.85
CA HIS D 27 -26.34 27.38 -5.02
C HIS D 27 -26.09 28.14 -3.71
N LEU D 28 -24.89 28.02 -3.16
CA LEU D 28 -24.57 28.71 -1.92
C LEU D 28 -23.78 30.01 -2.14
N GLY D 29 -24.20 30.74 -3.17
CA GLY D 29 -23.59 32.02 -3.52
C GLY D 29 -22.17 32.01 -4.05
N SER D 30 -21.80 30.93 -4.72
CA SER D 30 -20.47 30.79 -5.28
C SER D 30 -19.37 31.28 -4.34
N LYS D 31 -19.71 31.45 -3.06
CA LYS D 31 -18.75 31.90 -2.05
C LYS D 31 -17.47 31.04 -2.01
N VAL D 32 -17.62 29.71 -2.03
CA VAL D 32 -16.47 28.80 -1.99
C VAL D 32 -16.59 27.63 -2.96
N ASN D 33 -15.48 26.91 -3.14
CA ASN D 33 -15.45 25.76 -4.04
C ASN D 33 -15.50 24.48 -3.21
N VAL D 34 -16.61 23.76 -3.34
CA VAL D 34 -16.81 22.54 -2.58
C VAL D 34 -16.45 21.24 -3.25
N TYR D 35 -15.55 20.51 -2.61
CA TYR D 35 -15.13 19.21 -3.10
C TYR D 35 -15.41 18.20 -2.00
N ALA D 36 -15.78 16.97 -2.37
CA ALA D 36 -16.04 15.96 -1.36
C ALA D 36 -15.20 14.71 -1.60
N LYS D 37 -14.43 14.30 -0.60
CA LYS D 37 -13.63 13.09 -0.74
C LYS D 37 -14.59 11.98 -0.32
N ARG D 38 -14.89 11.06 -1.23
CA ARG D 38 -15.84 9.97 -1.01
C ARG D 38 -15.33 8.72 -0.30
N GLU D 39 -15.37 8.73 1.03
CA GLU D 39 -14.96 7.57 1.80
C GLU D 39 -16.16 6.62 1.73
N ASP D 40 -17.30 7.17 1.34
CA ASP D 40 -18.53 6.41 1.21
C ASP D 40 -18.58 5.65 -0.11
N CYS D 41 -17.47 5.67 -0.85
CA CYS D 41 -17.40 4.97 -2.14
C CYS D 41 -16.09 4.17 -2.28
N ASN D 42 -15.45 3.86 -1.16
CA ASN D 42 -14.19 3.15 -1.16
C ASN D 42 -14.22 1.62 -1.20
N SER D 43 -15.39 1.01 -1.07
CA SER D 43 -15.38 -0.44 -1.00
C SER D 43 -16.61 -1.22 -1.43
N GLY D 44 -16.35 -2.45 -1.90
CA GLY D 44 -17.40 -3.36 -2.33
C GLY D 44 -18.02 -4.02 -1.11
N LEU D 45 -17.36 -3.85 0.03
CA LEU D 45 -17.79 -4.39 1.33
C LEU D 45 -18.96 -3.64 1.97
N ALA D 46 -20.18 -4.09 1.69
CA ALA D 46 -21.38 -3.49 2.26
C ALA D 46 -21.40 -1.96 2.35
N PHE D 47 -21.42 -1.32 1.17
CA PHE D 47 -21.47 0.13 1.06
C PHE D 47 -20.21 0.89 1.46
N GLY D 48 -19.27 0.24 2.13
CA GLY D 48 -18.05 0.91 2.53
C GLY D 48 -18.27 2.02 3.55
N GLY D 49 -17.22 2.78 3.85
CA GLY D 49 -17.34 3.86 4.81
C GLY D 49 -16.00 4.09 5.44
N ASN D 50 -15.89 5.10 6.30
CA ASN D 50 -14.62 5.44 6.93
C ASN D 50 -14.00 4.38 7.85
N THR D 51 -14.83 3.56 8.50
CA THR D 51 -14.30 2.54 9.40
C THR D 51 -13.39 1.56 8.65
N LEU D 52 -13.77 1.24 7.41
CA LEU D 52 -12.98 0.34 6.58
C LEU D 52 -11.56 0.85 6.43
N ARG D 53 -11.40 2.16 6.24
CA ARG D 53 -10.06 2.76 6.11
C ARG D 53 -9.27 2.62 7.42
N LYS D 54 -9.98 2.67 8.54
CA LYS D 54 -9.32 2.55 9.84
C LYS D 54 -8.87 1.11 10.05
N LEU D 55 -9.75 0.17 9.70
CA LEU D 55 -9.48 -1.25 9.85
C LEU D 55 -8.29 -1.77 9.04
N GLU D 56 -8.09 -1.23 7.83
CA GLU D 56 -6.99 -1.68 6.99
C GLU D 56 -5.67 -1.79 7.73
N TYR D 57 -5.55 -1.10 8.86
CA TYR D 57 -4.31 -1.14 9.64
C TYR D 57 -4.42 -1.99 10.92
N ILE D 58 -5.64 -2.43 11.22
CA ILE D 58 -5.86 -3.26 12.40
C ILE D 58 -5.88 -4.72 11.95
N VAL D 59 -6.60 -4.99 10.86
CA VAL D 59 -6.69 -6.35 10.30
C VAL D 59 -5.35 -7.14 10.30
N PRO D 60 -4.23 -6.50 9.92
CA PRO D 60 -2.97 -7.23 9.90
C PRO D 60 -2.75 -8.04 11.18
N ASP D 61 -2.97 -7.38 12.31
CA ASP D 61 -2.82 -7.99 13.62
C ASP D 61 -3.80 -9.14 13.82
N ILE D 62 -5.07 -8.89 13.50
CA ILE D 62 -6.13 -9.89 13.63
C ILE D 62 -5.73 -11.21 12.99
N VAL D 63 -5.19 -11.14 11.78
CA VAL D 63 -4.77 -12.32 11.05
C VAL D 63 -3.49 -12.93 11.60
N GLU D 64 -2.52 -12.08 11.91
CA GLU D 64 -1.23 -12.52 12.43
C GLU D 64 -1.35 -13.22 13.79
N GLY D 65 -2.26 -12.76 14.63
CA GLY D 65 -2.42 -13.35 15.95
C GLY D 65 -3.43 -14.47 16.00
N ASP D 66 -4.04 -14.80 14.87
CA ASP D 66 -5.04 -15.85 14.82
C ASP D 66 -6.12 -15.67 15.87
N TYR D 67 -7.20 -15.00 15.50
CA TYR D 67 -8.31 -14.79 16.41
C TYR D 67 -9.46 -15.59 15.86
N THR D 68 -10.58 -15.58 16.55
CA THR D 68 -11.73 -16.33 16.07
C THR D 68 -12.95 -15.43 15.98
N HIS D 69 -12.98 -14.40 16.81
CA HIS D 69 -14.10 -13.46 16.84
C HIS D 69 -13.68 -11.99 16.78
N LEU D 70 -14.43 -11.22 15.99
CA LEU D 70 -14.19 -9.80 15.88
C LEU D 70 -15.31 -9.22 16.73
N VAL D 71 -14.93 -8.52 17.80
CA VAL D 71 -15.92 -7.96 18.71
C VAL D 71 -15.94 -6.44 18.59
N SER D 72 -17.13 -5.91 18.29
CA SER D 72 -17.29 -4.47 18.14
C SER D 72 -18.56 -3.97 18.81
N ILE D 73 -18.60 -2.68 19.06
CA ILE D 73 -19.73 -2.06 19.73
C ILE D 73 -20.14 -0.76 19.05
N GLY D 74 -21.34 -0.28 19.34
CA GLY D 74 -21.82 0.95 18.74
C GLY D 74 -23.31 1.07 18.96
N GLY D 75 -23.93 2.11 18.41
CA GLY D 75 -25.35 2.30 18.61
C GLY D 75 -26.19 1.43 17.70
N ARG D 76 -27.50 1.56 17.81
CA ARG D 76 -28.38 0.75 16.98
C ARG D 76 -28.08 0.87 15.50
N GLN D 77 -27.85 2.09 15.04
CA GLN D 77 -27.58 2.32 13.62
C GLN D 77 -26.12 2.52 13.25
N SER D 78 -25.23 2.18 14.17
CA SER D 78 -23.80 2.30 13.94
C SER D 78 -23.39 1.80 12.54
N ASN D 79 -22.41 2.48 11.96
CA ASN D 79 -21.91 2.08 10.65
C ASN D 79 -20.68 1.21 10.92
N GLN D 80 -19.99 1.51 12.01
CA GLN D 80 -18.80 0.74 12.34
C GLN D 80 -19.06 -0.72 12.50
N THR D 81 -20.07 -1.07 13.28
CA THR D 81 -20.36 -2.48 13.50
C THR D 81 -20.71 -3.16 12.18
N ARG D 82 -21.47 -2.45 11.35
CA ARG D 82 -21.88 -2.97 10.04
C ARG D 82 -20.68 -3.23 9.13
N MET D 83 -19.60 -2.49 9.34
CA MET D 83 -18.42 -2.70 8.53
C MET D 83 -17.54 -3.77 9.16
N VAL D 84 -17.69 -3.95 10.46
CA VAL D 84 -16.93 -4.98 11.15
C VAL D 84 -17.59 -6.30 10.78
N ALA D 85 -18.90 -6.27 10.66
CA ALA D 85 -19.65 -7.45 10.29
C ALA D 85 -19.18 -7.91 8.92
N ALA D 86 -18.89 -6.95 8.05
CA ALA D 86 -18.40 -7.25 6.70
C ALA D 86 -16.93 -7.66 6.73
N LEU D 87 -16.15 -7.03 7.61
CA LEU D 87 -14.74 -7.42 7.68
C LEU D 87 -14.63 -8.85 8.18
N ALA D 88 -15.51 -9.23 9.12
CA ALA D 88 -15.52 -10.59 9.68
C ALA D 88 -15.80 -11.58 8.53
N ALA D 89 -16.81 -11.27 7.72
CA ALA D 89 -17.14 -12.11 6.59
C ALA D 89 -15.88 -12.25 5.72
N LYS D 90 -15.27 -11.11 5.38
CA LYS D 90 -14.09 -11.12 4.55
C LYS D 90 -12.97 -11.99 5.10
N LEU D 91 -12.56 -11.74 6.33
CA LEU D 91 -11.49 -12.53 6.92
C LEU D 91 -11.97 -13.94 7.21
N GLY D 92 -13.29 -14.14 7.14
CA GLY D 92 -13.89 -15.43 7.41
C GLY D 92 -13.88 -15.79 8.89
N LYS D 93 -14.32 -14.86 9.74
CA LYS D 93 -14.35 -15.12 11.17
C LYS D 93 -15.71 -14.78 11.74
N LYS D 94 -15.94 -15.17 12.99
CA LYS D 94 -17.22 -14.92 13.62
C LYS D 94 -17.27 -13.48 14.13
N CYS D 95 -18.48 -12.93 14.22
CA CYS D 95 -18.60 -11.56 14.66
C CYS D 95 -19.61 -11.30 15.77
N VAL D 96 -19.16 -10.59 16.80
CA VAL D 96 -20.01 -10.24 17.92
C VAL D 96 -20.20 -8.72 17.89
N LEU D 97 -21.44 -8.29 17.75
CA LEU D 97 -21.73 -6.86 17.72
C LEU D 97 -22.65 -6.42 18.85
N ILE D 98 -22.13 -5.54 19.69
CA ILE D 98 -22.91 -4.98 20.80
C ILE D 98 -23.59 -3.70 20.32
N GLN D 99 -24.91 -3.72 20.19
CA GLN D 99 -25.63 -2.54 19.74
C GLN D 99 -26.26 -1.76 20.90
N GLU D 100 -25.45 -1.02 21.66
CA GLU D 100 -25.96 -0.21 22.77
C GLU D 100 -27.12 0.72 22.37
N ASP D 101 -27.67 1.43 23.34
CA ASP D 101 -28.79 2.34 23.07
C ASP D 101 -28.36 3.81 23.22
N TRP D 102 -27.63 4.29 22.23
CA TRP D 102 -27.10 5.64 22.20
C TRP D 102 -28.03 6.74 21.70
N VAL D 103 -29.16 6.38 21.10
CA VAL D 103 -30.03 7.40 20.55
C VAL D 103 -31.51 7.31 20.91
N PRO D 104 -32.09 8.43 21.37
CA PRO D 104 -33.50 8.38 21.72
C PRO D 104 -34.23 8.14 20.42
N ILE D 105 -34.76 6.94 20.29
CA ILE D 105 -35.45 6.52 19.07
C ILE D 105 -36.67 7.34 18.71
N PRO D 106 -36.60 8.14 17.64
CA PRO D 106 -37.78 8.94 17.25
C PRO D 106 -39.00 8.03 17.32
N GLU D 107 -40.09 8.54 17.88
CA GLU D 107 -41.30 7.75 18.05
C GLU D 107 -41.79 7.04 16.78
N ALA D 108 -41.80 7.75 15.65
CA ALA D 108 -42.28 7.20 14.39
C ALA D 108 -41.31 6.20 13.81
N GLU D 109 -40.18 6.03 14.48
CA GLU D 109 -39.16 5.13 14.02
C GLU D 109 -38.90 3.94 14.95
N LYS D 110 -39.74 3.76 15.95
CA LYS D 110 -39.55 2.66 16.91
C LYS D 110 -39.66 1.24 16.30
N ASP D 111 -40.64 1.03 15.43
CA ASP D 111 -40.81 -0.29 14.81
C ASP D 111 -39.90 -0.49 13.59
N VAL D 112 -38.82 0.26 13.51
CA VAL D 112 -37.91 0.15 12.37
C VAL D 112 -36.47 0.37 12.77
N TYR D 113 -36.27 1.27 13.72
CA TYR D 113 -34.94 1.61 14.17
C TYR D 113 -33.99 0.43 14.43
N ASN D 114 -34.53 -0.73 14.78
CA ASN D 114 -33.66 -1.87 15.08
C ASN D 114 -33.77 -3.00 14.07
N ARG D 115 -34.57 -2.81 13.02
CA ARG D 115 -34.76 -3.82 12.01
C ARG D 115 -34.11 -3.52 10.67
N VAL D 116 -34.17 -2.26 10.26
CA VAL D 116 -33.62 -1.85 8.97
C VAL D 116 -32.24 -1.19 9.01
N GLY D 117 -31.95 -0.43 7.97
CA GLY D 117 -30.68 0.27 7.90
C GLY D 117 -29.48 -0.62 8.09
N ASN D 118 -28.47 -0.09 8.76
CA ASN D 118 -27.23 -0.80 9.00
C ASN D 118 -27.34 -2.11 9.74
N ILE D 119 -28.02 -2.08 10.90
CA ILE D 119 -28.19 -3.25 11.73
C ILE D 119 -28.74 -4.46 10.94
N GLU D 120 -29.62 -4.20 9.97
CA GLU D 120 -30.16 -5.27 9.15
C GLU D 120 -29.06 -5.95 8.37
N LEU D 121 -28.16 -5.14 7.82
CA LEU D 121 -27.09 -5.65 7.02
C LEU D 121 -26.16 -6.49 7.86
N SER D 122 -25.84 -6.00 9.06
CA SER D 122 -24.96 -6.76 9.93
C SER D 122 -25.56 -8.14 10.18
N ARG D 123 -26.88 -8.21 10.29
CA ARG D 123 -27.53 -9.48 10.50
C ARG D 123 -27.39 -10.31 9.23
N ILE D 124 -27.78 -9.72 8.11
CA ILE D 124 -27.68 -10.39 6.85
C ILE D 124 -26.28 -10.96 6.63
N MET D 125 -25.26 -10.34 7.21
CA MET D 125 -23.91 -10.87 7.02
C MET D 125 -23.59 -11.92 8.07
N GLY D 126 -24.62 -12.28 8.84
CA GLY D 126 -24.48 -13.30 9.87
C GLY D 126 -23.73 -12.99 11.15
N ALA D 127 -23.70 -11.74 11.59
CA ALA D 127 -22.98 -11.45 12.82
C ALA D 127 -23.91 -11.68 14.00
N ASP D 128 -23.34 -11.94 15.17
CA ASP D 128 -24.18 -12.14 16.33
C ASP D 128 -24.51 -10.76 16.91
N VAL D 129 -25.68 -10.25 16.53
CA VAL D 129 -26.11 -8.93 16.96
C VAL D 129 -26.87 -8.89 18.29
N ARG D 130 -26.24 -8.29 19.29
CA ARG D 130 -26.82 -8.17 20.62
C ARG D 130 -27.37 -6.76 20.83
N VAL D 131 -28.69 -6.63 20.98
CA VAL D 131 -29.33 -5.32 21.20
C VAL D 131 -29.48 -5.00 22.70
N ILE D 132 -28.49 -4.34 23.29
CA ILE D 132 -28.49 -4.00 24.72
C ILE D 132 -29.32 -2.77 25.11
N GLU D 133 -28.95 -2.11 26.21
CA GLU D 133 -29.69 -0.92 26.69
C GLU D 133 -28.83 0.14 27.42
N ASP D 134 -27.63 0.41 26.92
CA ASP D 134 -26.71 1.39 27.52
C ASP D 134 -26.71 2.76 26.82
N GLY D 135 -26.39 3.80 27.59
CA GLY D 135 -26.38 5.15 27.06
C GLY D 135 -25.17 5.48 26.20
N PHE D 136 -25.24 6.61 25.50
CA PHE D 136 -24.16 7.05 24.62
C PHE D 136 -22.86 7.39 25.36
N ASP D 137 -21.74 7.06 24.73
CA ASP D 137 -20.44 7.36 25.29
C ASP D 137 -19.35 6.96 24.32
N ILE D 138 -18.45 7.90 24.03
CA ILE D 138 -17.36 7.66 23.09
C ILE D 138 -16.18 7.02 23.82
N GLY D 139 -16.37 6.73 25.11
CA GLY D 139 -15.33 6.11 25.91
C GLY D 139 -15.59 4.62 26.09
N MET D 140 -14.58 3.88 26.56
CA MET D 140 -14.71 2.43 26.76
C MET D 140 -16.02 2.05 27.45
N ARG D 141 -16.53 0.86 27.12
CA ARG D 141 -17.80 0.39 27.66
C ARG D 141 -17.74 -0.89 28.52
N LYS D 142 -18.83 -1.18 29.20
CA LYS D 142 -18.95 -2.34 30.07
C LYS D 142 -19.39 -3.59 29.29
N SER D 143 -20.54 -3.52 28.65
CA SER D 143 -21.05 -4.65 27.87
C SER D 143 -20.02 -5.10 26.84
N PHE D 144 -19.05 -4.25 26.57
CA PHE D 144 -18.00 -4.57 25.61
C PHE D 144 -17.09 -5.62 26.26
N ALA D 145 -16.50 -5.26 27.40
CA ALA D 145 -15.62 -6.19 28.12
C ALA D 145 -16.38 -7.44 28.54
N ASN D 146 -17.67 -7.28 28.82
CA ASN D 146 -18.51 -8.40 29.23
C ASN D 146 -18.51 -9.44 28.12
N ALA D 147 -18.79 -8.99 26.90
CA ALA D 147 -18.82 -9.88 25.73
C ALA D 147 -17.47 -10.54 25.51
N LEU D 148 -16.40 -9.76 25.68
CA LEU D 148 -15.06 -10.31 25.50
C LEU D 148 -14.82 -11.40 26.53
N GLN D 149 -15.06 -11.08 27.80
CA GLN D 149 -14.88 -12.05 28.88
C GLN D 149 -15.66 -13.29 28.50
N GLU D 150 -16.94 -13.07 28.20
CA GLU D 150 -17.82 -14.13 27.77
C GLU D 150 -17.11 -15.01 26.75
N LEU D 151 -16.65 -14.39 25.67
CA LEU D 151 -15.96 -15.09 24.59
C LEU D 151 -14.66 -15.80 25.00
N GLU D 152 -13.87 -15.20 25.89
CA GLU D 152 -12.63 -15.84 26.34
C GLU D 152 -12.90 -17.00 27.28
N ASP D 153 -13.94 -16.86 28.11
CA ASP D 153 -14.34 -17.90 29.04
C ASP D 153 -14.89 -19.09 28.27
N ALA D 154 -15.52 -18.83 27.13
CA ALA D 154 -16.07 -19.88 26.29
C ALA D 154 -14.92 -20.54 25.54
N GLY D 155 -13.69 -20.12 25.84
CA GLY D 155 -12.52 -20.69 25.19
C GLY D 155 -12.14 -20.14 23.84
N HIS D 156 -12.71 -18.99 23.48
CA HIS D 156 -12.43 -18.37 22.19
C HIS D 156 -11.38 -17.27 22.31
N LYS D 157 -10.99 -16.72 21.17
CA LYS D 157 -10.01 -15.64 21.15
C LYS D 157 -10.59 -14.46 20.38
N PRO D 158 -11.33 -13.58 21.07
CA PRO D 158 -11.96 -12.41 20.46
C PRO D 158 -11.01 -11.24 20.22
N TYR D 159 -11.33 -10.44 19.22
CA TYR D 159 -10.53 -9.26 18.90
C TYR D 159 -11.31 -8.00 19.27
N PRO D 160 -10.73 -7.16 20.13
CA PRO D 160 -11.35 -5.90 20.58
C PRO D 160 -11.34 -4.86 19.44
N ILE D 161 -12.47 -4.23 19.23
CA ILE D 161 -12.61 -3.21 18.19
C ILE D 161 -13.60 -2.20 18.75
N PRO D 162 -13.14 -1.35 19.68
CA PRO D 162 -13.84 -0.28 20.39
C PRO D 162 -14.60 0.67 19.46
N ALA D 163 -15.57 1.40 19.98
CA ALA D 163 -16.35 2.31 19.17
C ALA D 163 -15.46 3.18 18.27
N GLY D 164 -15.86 3.29 17.01
CA GLY D 164 -15.09 4.08 16.07
C GLY D 164 -13.61 3.71 16.04
N CYS D 165 -13.25 2.60 16.69
CA CYS D 165 -11.85 2.14 16.76
C CYS D 165 -10.98 3.19 17.42
N SER D 166 -11.63 4.19 18.00
CA SER D 166 -10.92 5.30 18.61
C SER D 166 -9.96 4.93 19.73
N GLU D 167 -10.45 4.29 20.78
CA GLU D 167 -9.60 3.88 21.87
C GLU D 167 -8.57 2.86 21.38
N HIS D 168 -8.78 2.29 20.18
CA HIS D 168 -7.83 1.31 19.66
C HIS D 168 -6.48 1.90 19.29
N LYS D 169 -5.43 1.19 19.64
CA LYS D 169 -4.06 1.62 19.40
C LYS D 169 -3.73 2.16 17.99
N TYR D 170 -4.41 1.62 16.97
CA TYR D 170 -4.17 2.05 15.58
C TYR D 170 -5.38 2.68 14.95
N GLY D 171 -6.36 3.06 15.76
CA GLY D 171 -7.55 3.64 15.21
C GLY D 171 -7.30 4.95 14.49
N GLY D 172 -6.04 5.40 14.52
CA GLY D 172 -5.71 6.66 13.88
C GLY D 172 -4.90 6.58 12.61
N LEU D 173 -4.20 5.47 12.38
CA LEU D 173 -3.38 5.30 11.20
C LEU D 173 -4.11 5.33 9.85
N GLY D 174 -5.34 4.85 9.82
CA GLY D 174 -6.08 4.84 8.58
C GLY D 174 -6.24 6.17 7.90
N PHE D 175 -6.50 7.21 8.68
CA PHE D 175 -6.68 8.54 8.12
C PHE D 175 -5.42 9.37 8.00
N VAL D 176 -4.32 8.84 8.51
CA VAL D 176 -3.06 9.52 8.37
C VAL D 176 -2.75 9.25 6.89
N GLY D 177 -3.25 8.11 6.41
CA GLY D 177 -3.06 7.73 5.03
C GLY D 177 -4.08 8.46 4.18
N PHE D 178 -5.04 9.09 4.84
CA PHE D 178 -6.06 9.86 4.15
C PHE D 178 -5.38 11.20 3.80
N ALA D 179 -4.60 11.70 4.75
CA ALA D 179 -3.89 12.95 4.55
C ALA D 179 -3.00 12.75 3.32
N ASP D 180 -2.21 11.67 3.35
CA ASP D 180 -1.31 11.34 2.25
C ASP D 180 -2.04 11.34 0.91
N GLU D 181 -3.23 10.74 0.87
CA GLU D 181 -3.99 10.70 -0.36
C GLU D 181 -4.35 12.09 -0.88
N VAL D 182 -4.72 12.98 0.03
CA VAL D 182 -5.10 14.34 -0.35
C VAL D 182 -3.92 15.06 -0.99
N ILE D 183 -2.85 15.24 -0.22
CA ILE D 183 -1.66 15.90 -0.72
C ILE D 183 -1.35 15.41 -2.12
N ASN D 184 -1.44 14.11 -2.32
CA ASN D 184 -1.13 13.51 -3.60
C ASN D 184 -2.18 13.82 -4.67
N GLN D 185 -3.45 13.73 -4.32
CA GLN D 185 -4.50 14.01 -5.30
C GLN D 185 -4.56 15.48 -5.69
N GLU D 186 -4.13 16.35 -4.78
CA GLU D 186 -4.10 17.78 -5.03
C GLU D 186 -3.16 18.00 -6.21
N VAL D 187 -1.98 17.41 -6.11
CA VAL D 187 -0.99 17.50 -7.16
C VAL D 187 -1.46 16.73 -8.40
N GLU D 188 -2.61 16.09 -8.30
CA GLU D 188 -3.13 15.31 -9.42
C GLU D 188 -4.34 15.97 -10.08
N LEU D 189 -5.22 16.51 -9.24
CA LEU D 189 -6.41 17.17 -9.73
C LEU D 189 -6.04 18.58 -10.18
N GLY D 190 -5.02 19.12 -9.52
CA GLY D 190 -4.57 20.46 -9.83
C GLY D 190 -5.36 21.45 -9.01
N ILE D 191 -5.80 21.02 -7.84
CA ILE D 191 -6.54 21.86 -6.93
C ILE D 191 -5.85 21.73 -5.60
N LYS D 192 -5.90 22.77 -4.80
CA LYS D 192 -5.26 22.73 -3.51
C LYS D 192 -6.35 23.06 -2.51
N PHE D 193 -6.46 22.27 -1.46
CA PHE D 193 -7.50 22.52 -0.50
C PHE D 193 -7.00 23.38 0.64
N ASP D 194 -7.80 24.36 1.00
CA ASP D 194 -7.47 25.30 2.06
C ASP D 194 -8.02 24.78 3.37
N LYS D 195 -9.12 24.04 3.28
CA LYS D 195 -9.76 23.49 4.46
C LYS D 195 -10.43 22.15 4.20
N ILE D 196 -10.30 21.25 5.17
CA ILE D 196 -10.89 19.93 5.11
C ILE D 196 -11.95 19.91 6.21
N VAL D 197 -13.19 19.59 5.85
CA VAL D 197 -14.29 19.56 6.81
C VAL D 197 -14.78 18.13 7.01
N VAL D 198 -14.72 17.67 8.25
CA VAL D 198 -15.14 16.32 8.56
C VAL D 198 -15.96 16.22 9.83
N CYS D 199 -16.95 15.33 9.82
CA CYS D 199 -17.81 15.07 10.96
C CYS D 199 -16.92 14.47 12.05
N CYS D 200 -17.28 14.68 13.30
CA CYS D 200 -16.46 14.17 14.40
C CYS D 200 -17.32 13.73 15.57
N VAL D 201 -17.06 12.52 16.07
CA VAL D 201 -17.79 11.98 17.21
C VAL D 201 -16.83 11.27 18.18
N THR D 202 -16.39 10.07 17.83
CA THR D 202 -15.45 9.35 18.68
C THR D 202 -14.08 9.98 18.45
N GLY D 203 -13.95 10.68 17.33
CA GLY D 203 -12.71 11.38 16.99
C GLY D 203 -11.46 10.71 16.46
N SER D 204 -11.49 9.43 16.07
CA SER D 204 -10.25 8.84 15.56
C SER D 204 -10.04 9.21 14.09
N THR D 205 -11.11 9.60 13.41
CA THR D 205 -10.99 10.01 12.01
C THR D 205 -10.30 11.39 11.99
N THR D 206 -10.86 12.32 12.76
CA THR D 206 -10.30 13.66 12.85
C THR D 206 -8.85 13.59 13.30
N ALA D 207 -8.60 12.94 14.43
CA ALA D 207 -7.24 12.83 14.96
C ALA D 207 -6.28 12.26 13.92
N GLY D 208 -6.78 11.31 13.14
CA GLY D 208 -5.96 10.69 12.11
C GLY D 208 -5.56 11.69 11.06
N ILE D 209 -6.54 12.45 10.58
CA ILE D 209 -6.30 13.46 9.57
C ILE D 209 -5.37 14.56 10.12
N LEU D 210 -5.63 15.01 11.35
CA LEU D 210 -4.77 16.05 11.95
C LEU D 210 -3.30 15.66 11.90
N ALA D 211 -3.00 14.48 12.46
CA ALA D 211 -1.64 13.97 12.52
C ALA D 211 -1.11 13.77 11.10
N GLY D 212 -1.97 13.30 10.22
CA GLY D 212 -1.55 13.11 8.85
C GLY D 212 -1.16 14.44 8.27
N MET D 213 -2.15 15.34 8.17
CA MET D 213 -1.91 16.68 7.62
C MET D 213 -0.75 17.37 8.32
N ALA D 214 -0.47 16.95 9.56
CA ALA D 214 0.64 17.55 10.29
C ALA D 214 1.95 17.16 9.61
N GLN D 215 1.97 15.99 8.98
CA GLN D 215 3.18 15.55 8.30
C GLN D 215 3.66 16.65 7.38
N TYR D 216 2.70 17.35 6.78
CA TYR D 216 2.99 18.42 5.84
C TYR D 216 2.76 19.81 6.43
N GLY D 217 2.79 19.90 7.76
CA GLY D 217 2.57 21.15 8.44
C GLY D 217 1.27 21.82 8.06
N ARG D 218 0.23 21.03 7.86
CA ARG D 218 -1.07 21.55 7.46
C ARG D 218 -2.22 21.19 8.39
N GLN D 219 -1.90 20.76 9.62
CA GLN D 219 -2.95 20.38 10.54
C GLN D 219 -4.10 21.38 10.60
N ASP D 220 -3.77 22.66 10.71
CA ASP D 220 -4.78 23.72 10.79
C ASP D 220 -5.82 23.71 9.69
N ASP D 221 -5.53 23.05 8.57
CA ASP D 221 -6.50 22.99 7.47
C ASP D 221 -7.73 22.21 7.86
N VAL D 222 -7.68 21.55 9.02
CA VAL D 222 -8.77 20.71 9.49
C VAL D 222 -9.85 21.42 10.28
N ILE D 223 -11.09 21.16 9.90
CA ILE D 223 -12.22 21.76 10.59
C ILE D 223 -13.16 20.62 10.97
N ALA D 224 -13.29 20.39 12.28
CA ALA D 224 -14.15 19.33 12.76
C ALA D 224 -15.51 19.86 13.20
N ILE D 225 -16.57 19.26 12.65
CA ILE D 225 -17.92 19.64 13.00
C ILE D 225 -18.43 18.53 13.91
N ASP D 226 -18.46 18.81 15.22
CA ASP D 226 -18.91 17.83 16.23
C ASP D 226 -20.34 17.33 16.04
N ALA D 227 -20.53 16.03 16.22
CA ALA D 227 -21.86 15.42 16.11
C ALA D 227 -22.16 14.55 17.34
N SER D 228 -21.24 14.54 18.29
CA SER D 228 -21.41 13.76 19.51
C SER D 228 -22.32 14.51 20.44
N PHE D 229 -22.17 15.83 20.43
CA PHE D 229 -22.92 16.75 21.28
C PHE D 229 -22.39 16.63 22.70
N THR D 230 -21.09 16.35 22.80
CA THR D 230 -20.41 16.23 24.08
C THR D 230 -19.01 16.85 23.93
N SER D 231 -19.00 18.06 23.37
CA SER D 231 -17.79 18.85 23.12
C SER D 231 -16.56 18.52 23.95
N GLU D 232 -16.61 18.88 25.23
CA GLU D 232 -15.50 18.65 26.14
C GLU D 232 -14.80 17.30 25.99
N LYS D 233 -15.54 16.21 26.18
CA LYS D 233 -14.96 14.87 26.07
C LYS D 233 -14.49 14.53 24.68
N THR D 234 -15.27 14.93 23.67
CA THR D 234 -14.92 14.64 22.30
C THR D 234 -13.61 15.32 21.89
N LYS D 235 -13.44 16.59 22.24
CA LYS D 235 -12.20 17.29 21.88
C LYS D 235 -11.06 16.72 22.69
N GLU D 236 -11.36 16.34 23.93
CA GLU D 236 -10.37 15.75 24.82
C GLU D 236 -9.86 14.46 24.17
N GLN D 237 -10.79 13.56 23.85
CA GLN D 237 -10.43 12.29 23.23
C GLN D 237 -9.65 12.46 21.92
N THR D 238 -10.19 13.26 20.99
CA THR D 238 -9.54 13.51 19.71
C THR D 238 -8.07 13.89 19.92
N LEU D 239 -7.83 14.94 20.70
CA LEU D 239 -6.49 15.41 20.98
C LEU D 239 -5.58 14.28 21.40
N ARG D 240 -6.05 13.51 22.36
CA ARG D 240 -5.29 12.38 22.89
C ARG D 240 -4.83 11.48 21.73
N ILE D 241 -5.78 11.05 20.91
CA ILE D 241 -5.47 10.18 19.77
C ILE D 241 -4.45 10.83 18.85
N ALA D 242 -4.74 12.05 18.40
CA ALA D 242 -3.83 12.78 17.52
C ALA D 242 -2.40 12.66 17.99
N ASN D 243 -2.19 12.96 19.27
CA ASN D 243 -0.84 12.88 19.83
C ASN D 243 -0.27 11.45 19.82
N ASN D 244 -1.13 10.45 19.95
CA ASN D 244 -0.65 9.07 19.94
C ASN D 244 -0.27 8.67 18.50
N THR D 245 -1.21 8.88 17.58
CA THR D 245 -0.98 8.55 16.19
C THR D 245 0.26 9.30 15.72
N ALA D 246 0.36 10.55 16.18
CA ALA D 246 1.49 11.40 15.86
C ALA D 246 2.77 10.62 16.13
N LYS D 247 3.02 10.35 17.41
CA LYS D 247 4.21 9.61 17.81
C LYS D 247 4.32 8.31 17.02
N LEU D 248 3.18 7.71 16.70
CA LEU D 248 3.20 6.47 15.93
C LEU D 248 3.85 6.69 14.58
N ILE D 249 3.25 7.60 13.80
CA ILE D 249 3.75 7.89 12.46
C ILE D 249 5.09 8.64 12.40
N GLY D 250 5.47 9.29 13.49
CA GLY D 250 6.74 9.97 13.48
C GLY D 250 6.65 11.48 13.50
N VAL D 251 5.45 12.03 13.44
CA VAL D 251 5.28 13.48 13.44
C VAL D 251 5.71 14.02 14.80
N GLU D 252 6.63 14.97 14.79
CA GLU D 252 7.14 15.53 16.03
C GLU D 252 6.27 16.61 16.69
N HIS D 253 5.34 17.18 15.93
CA HIS D 253 4.46 18.24 16.44
C HIS D 253 3.40 17.79 17.44
N GLU D 254 3.25 18.53 18.54
CA GLU D 254 2.26 18.22 19.57
C GLU D 254 0.93 18.96 19.41
N PHE D 255 -0.17 18.34 19.85
CA PHE D 255 -1.49 18.95 19.72
C PHE D 255 -2.10 19.39 21.05
N LYS D 256 -2.46 20.66 21.12
CA LYS D 256 -3.06 21.24 22.33
C LYS D 256 -4.51 21.56 22.02
N ASP D 257 -4.82 21.63 20.73
CA ASP D 257 -6.17 21.94 20.32
C ASP D 257 -6.37 21.74 18.81
N PHE D 258 -7.61 21.82 18.37
CA PHE D 258 -7.95 21.71 16.96
C PHE D 258 -9.33 22.33 16.74
N THR D 259 -9.67 22.65 15.50
CA THR D 259 -10.96 23.28 15.23
C THR D 259 -12.12 22.28 15.35
N LEU D 260 -12.95 22.47 16.36
CA LEU D 260 -14.13 21.63 16.56
C LEU D 260 -15.34 22.53 16.78
N ASP D 261 -16.16 22.69 15.75
CA ASP D 261 -17.34 23.53 15.83
C ASP D 261 -18.37 22.65 16.54
N THR D 262 -19.00 23.18 17.58
CA THR D 262 -19.95 22.40 18.37
C THR D 262 -21.40 22.81 18.20
N ARG D 263 -21.63 23.80 17.36
CA ARG D 263 -22.94 24.38 17.11
C ARG D 263 -24.03 23.57 16.39
N PHE D 264 -23.70 22.42 15.84
CA PHE D 264 -24.75 21.69 15.10
C PHE D 264 -25.12 20.30 15.59
N ALA D 265 -24.38 19.82 16.60
CA ALA D 265 -24.61 18.50 17.17
C ALA D 265 -25.94 18.36 17.90
N TYR D 266 -26.46 19.47 18.42
CA TYR D 266 -27.71 19.45 19.17
C TYR D 266 -28.79 18.78 18.35
N PRO D 267 -29.82 18.22 19.00
CA PRO D 267 -30.08 18.12 20.45
C PRO D 267 -29.30 17.02 21.18
N CYS D 268 -28.83 16.04 20.41
CA CYS D 268 -28.09 14.91 20.98
C CYS D 268 -27.58 14.03 19.86
N TYR D 269 -26.49 13.31 20.14
CA TYR D 269 -25.92 12.40 19.16
C TYR D 269 -27.02 11.51 18.62
N GLY D 270 -27.17 11.47 17.29
CA GLY D 270 -28.18 10.62 16.69
C GLY D 270 -29.48 11.24 16.26
N VAL D 271 -29.77 12.44 16.74
CA VAL D 271 -31.01 13.10 16.36
C VAL D 271 -30.69 14.27 15.43
N PRO D 272 -31.49 14.43 14.39
CA PRO D 272 -31.19 15.54 13.50
C PRO D 272 -32.04 16.75 13.87
N ASN D 273 -31.44 17.94 13.84
CA ASN D 273 -32.23 19.13 14.12
C ASN D 273 -32.73 19.64 12.79
N GLU D 274 -33.67 20.57 12.83
CA GLU D 274 -34.23 21.11 11.60
C GLU D 274 -33.15 21.53 10.60
N GLY D 275 -32.06 22.09 11.10
CA GLY D 275 -30.99 22.50 10.20
C GLY D 275 -30.42 21.30 9.48
N THR D 276 -30.21 20.22 10.23
CA THR D 276 -29.65 18.99 9.68
C THR D 276 -30.49 18.48 8.51
N ILE D 277 -31.78 18.31 8.73
CA ILE D 277 -32.63 17.85 7.65
C ILE D 277 -32.40 18.74 6.45
N GLU D 278 -32.56 20.06 6.64
CA GLU D 278 -32.35 21.04 5.58
C GLU D 278 -31.07 20.74 4.83
N ALA D 279 -29.96 20.69 5.56
CA ALA D 279 -28.66 20.41 4.99
C ALA D 279 -28.71 19.14 4.14
N ILE D 280 -29.21 18.05 4.71
CA ILE D 280 -29.31 16.80 3.98
C ILE D 280 -30.08 17.02 2.68
N ARG D 281 -31.19 17.73 2.78
CA ARG D 281 -32.03 18.04 1.62
C ARG D 281 -31.30 18.90 0.57
N THR D 282 -30.53 19.88 1.03
CA THR D 282 -29.82 20.72 0.09
C THR D 282 -28.78 19.92 -0.68
N CYS D 283 -27.81 19.34 0.02
CA CYS D 283 -26.78 18.56 -0.63
C CYS D 283 -27.40 17.51 -1.56
N ALA D 284 -28.49 16.91 -1.10
CA ALA D 284 -29.16 15.88 -1.88
C ALA D 284 -29.69 16.46 -3.17
N GLU D 285 -30.46 17.54 -3.04
CA GLU D 285 -31.08 18.22 -4.17
C GLU D 285 -30.13 18.84 -5.19
N GLN D 286 -29.02 19.39 -4.72
CA GLN D 286 -28.08 20.01 -5.63
C GLN D 286 -27.14 19.02 -6.33
N GLU D 287 -26.54 18.11 -5.54
CA GLU D 287 -25.58 17.15 -6.08
C GLU D 287 -26.00 15.69 -6.25
N GLY D 288 -27.18 15.32 -5.76
CA GLY D 288 -27.61 13.95 -5.85
C GLY D 288 -26.74 13.09 -4.93
N VAL D 289 -26.15 13.71 -3.90
CA VAL D 289 -25.30 13.01 -2.93
C VAL D 289 -26.06 12.85 -1.61
N LEU D 290 -25.99 11.66 -1.00
CA LEU D 290 -26.69 11.43 0.24
C LEU D 290 -25.87 11.55 1.53
N THR D 291 -26.45 12.25 2.51
CA THR D 291 -25.84 12.41 3.83
C THR D 291 -26.93 11.97 4.79
N ASP D 292 -26.53 11.51 5.97
CA ASP D 292 -27.45 10.98 6.96
C ASP D 292 -27.79 11.95 8.08
N PRO D 293 -28.84 11.65 8.86
CA PRO D 293 -29.24 12.54 9.96
C PRO D 293 -28.35 12.51 11.19
N VAL D 294 -27.41 11.58 11.26
CA VAL D 294 -26.58 11.47 12.45
C VAL D 294 -25.17 12.00 12.32
N TYR D 295 -24.55 11.77 11.17
CA TYR D 295 -23.18 12.21 10.97
C TYR D 295 -22.94 13.23 9.86
N GLU D 296 -22.87 12.75 8.63
CA GLU D 296 -22.57 13.60 7.48
C GLU D 296 -23.56 14.73 7.26
N GLY D 297 -24.83 14.48 7.56
CA GLY D 297 -25.83 15.53 7.40
C GLY D 297 -25.56 16.68 8.35
N LYS D 298 -24.77 16.42 9.39
CA LYS D 298 -24.43 17.46 10.35
C LYS D 298 -23.12 18.14 9.91
N SER D 299 -22.18 17.35 9.40
CA SER D 299 -20.94 17.90 8.91
C SER D 299 -21.32 18.73 7.67
N MET D 300 -22.41 18.35 7.01
CA MET D 300 -22.85 19.08 5.82
C MET D 300 -23.55 20.37 6.26
N GLN D 301 -24.38 20.24 7.28
CA GLN D 301 -25.12 21.35 7.87
C GLN D 301 -24.12 22.44 8.26
N GLY D 302 -23.05 22.02 8.93
CA GLY D 302 -22.02 22.94 9.37
C GLY D 302 -21.31 23.61 8.20
N LEU D 303 -20.96 22.82 7.19
CA LEU D 303 -20.30 23.36 6.00
C LEU D 303 -21.18 24.51 5.53
N ILE D 304 -22.38 24.14 5.10
CA ILE D 304 -23.34 25.11 4.61
C ILE D 304 -23.39 26.40 5.41
N ALA D 305 -23.37 26.29 6.73
CA ALA D 305 -23.46 27.45 7.63
C ALA D 305 -22.17 28.22 7.80
N LEU D 306 -21.05 27.59 7.48
CA LEU D 306 -19.75 28.22 7.61
C LEU D 306 -19.47 28.97 6.30
N ILE D 307 -20.18 28.57 5.26
CA ILE D 307 -20.06 29.22 3.96
C ILE D 307 -20.84 30.52 4.08
N LYS D 308 -22.15 30.38 4.31
CA LYS D 308 -23.02 31.54 4.48
C LYS D 308 -22.36 32.59 5.34
N GLU D 309 -21.86 32.20 6.51
CA GLU D 309 -21.22 33.16 7.41
C GLU D 309 -19.79 33.52 6.99
N ASP D 310 -19.54 33.41 5.70
CA ASP D 310 -18.25 33.72 5.12
C ASP D 310 -17.09 33.36 6.03
N TYR D 311 -17.05 32.11 6.48
CA TYR D 311 -15.96 31.67 7.33
C TYR D 311 -14.75 31.45 6.43
N PHE D 312 -15.02 31.06 5.19
CA PHE D 312 -13.94 30.79 4.26
C PHE D 312 -13.55 31.95 3.38
N LYS D 313 -12.27 32.00 3.04
CA LYS D 313 -11.76 33.04 2.16
C LYS D 313 -12.57 32.88 0.89
N PRO D 314 -12.79 33.98 0.16
CA PRO D 314 -13.56 33.88 -1.08
C PRO D 314 -12.94 32.94 -2.11
N GLY D 315 -13.77 32.15 -2.77
CA GLY D 315 -13.29 31.22 -3.77
C GLY D 315 -12.36 30.15 -3.23
N ALA D 316 -12.36 29.97 -1.91
CA ALA D 316 -11.52 28.97 -1.26
C ALA D 316 -11.96 27.56 -1.64
N ASN D 317 -11.00 26.63 -1.66
CA ASN D 317 -11.31 25.24 -2.00
C ASN D 317 -11.42 24.39 -0.74
N VAL D 318 -12.66 23.97 -0.45
CA VAL D 318 -12.94 23.17 0.74
C VAL D 318 -13.23 21.70 0.46
N LEU D 319 -12.47 20.82 1.11
CA LEU D 319 -12.67 19.39 0.93
C LEU D 319 -13.52 18.81 2.06
N TYR D 320 -14.78 18.55 1.74
CA TYR D 320 -15.73 17.96 2.67
C TYR D 320 -15.46 16.45 2.69
N VAL D 321 -15.20 15.90 3.87
CA VAL D 321 -14.94 14.48 3.96
C VAL D 321 -16.22 13.68 4.24
N HIS D 322 -16.65 12.90 3.25
CA HIS D 322 -17.84 12.08 3.38
C HIS D 322 -17.44 10.68 3.87
N LEU D 323 -17.64 10.45 5.17
CA LEU D 323 -17.30 9.19 5.81
C LEU D 323 -18.32 8.08 5.59
N GLY D 324 -19.48 8.40 5.02
CA GLY D 324 -20.50 7.41 4.75
C GLY D 324 -21.80 7.71 5.50
N GLY D 325 -22.44 6.67 6.03
CA GLY D 325 -23.65 6.87 6.80
C GLY D 325 -24.98 6.71 6.10
N ALA D 326 -25.02 6.94 4.80
CA ALA D 326 -26.26 6.83 4.05
C ALA D 326 -27.15 5.62 4.37
N PRO D 327 -26.56 4.44 4.63
CA PRO D 327 -27.40 3.26 4.93
C PRO D 327 -28.43 3.45 6.07
N ALA D 328 -28.08 4.27 7.06
CA ALA D 328 -28.94 4.54 8.22
C ALA D 328 -30.14 5.41 7.90
N LEU D 329 -30.21 5.95 6.68
CA LEU D 329 -31.31 6.81 6.33
C LEU D 329 -32.65 6.15 6.44
N SER D 330 -32.71 4.84 6.25
CA SER D 330 -34.00 4.16 6.34
C SER D 330 -34.55 4.16 7.77
N ALA D 331 -33.71 4.48 8.74
CA ALA D 331 -34.15 4.54 10.12
C ALA D 331 -34.81 5.90 10.40
N TYR D 332 -34.66 6.85 9.48
CA TYR D 332 -35.24 8.17 9.66
C TYR D 332 -36.21 8.66 8.57
N SER D 333 -36.71 7.77 7.73
CA SER D 333 -37.61 8.18 6.67
C SER D 333 -38.67 9.21 7.12
N SER D 334 -39.09 9.14 8.38
CA SER D 334 -40.11 10.06 8.87
C SER D 334 -39.69 11.53 8.75
N PHE D 335 -38.41 11.80 9.03
CA PHE D 335 -37.92 13.16 8.96
C PHE D 335 -37.94 13.82 7.60
N PHE D 336 -38.00 13.06 6.52
CA PHE D 336 -38.00 13.67 5.21
C PHE D 336 -39.28 13.52 4.42
N PRO D 337 -40.31 14.32 4.72
CA PRO D 337 -41.58 14.22 3.98
C PRO D 337 -41.35 14.37 2.47
N THR D 338 -42.39 14.71 1.73
CA THR D 338 -42.21 14.88 0.30
C THR D 338 -42.11 16.37 -0.02
N LYS D 339 -41.37 16.68 -1.09
CA LYS D 339 -41.19 18.07 -1.52
C LYS D 339 -42.43 18.49 -2.31
N THR D 340 -43.21 19.43 -1.76
CA THR D 340 -44.42 19.91 -2.43
C THR D 340 -44.05 20.78 -3.62
N ALA D 341 -43.60 20.13 -4.70
CA ALA D 341 -43.21 20.83 -5.92
C ALA D 341 -44.36 21.65 -6.49
N1 PLP E . 29.27 -6.19 13.43
C2 PLP E . 29.98 -5.53 12.44
C2A PLP E . 29.54 -5.68 10.98
C3 PLP E . 31.08 -4.75 12.81
O3 PLP E . 31.81 -4.08 11.84
C4 PLP E . 31.44 -4.65 14.18
C4A PLP E . 32.67 -3.78 14.58
C5 PLP E . 30.67 -5.36 15.16
C6 PLP E . 29.59 -6.12 14.76
C5A PLP E . 30.93 -5.34 16.64
O4P PLP E . 30.85 -4.15 17.36
P PLP E . 31.14 -4.10 18.89
O1P PLP E . 30.18 -5.01 19.54
O2P PLP E . 30.92 -2.57 19.22
O3P PLP E . 32.56 -4.39 19.06
N1 PLP F . 20.56 0.00 -12.12
C2 PLP F . 20.85 -1.21 -11.49
C2A PLP F . 21.76 -1.21 -10.24
C3 PLP F . 20.33 -2.38 -12.01
O3 PLP F . 20.61 -3.59 -11.40
C4 PLP F . 19.50 -2.34 -13.16
C4A PLP F . 18.94 -3.66 -13.70
C5 PLP F . 19.22 -1.06 -13.77
C6 PLP F . 19.75 0.08 -13.24
C5A PLP F . 18.35 -0.86 -15.00
O4P PLP F . 17.16 -1.58 -15.17
P PLP F . 16.24 -1.41 -16.44
O1P PLP F . 15.83 0.00 -16.47
O2P PLP F . 15.07 -2.43 -16.12
O3P PLP F . 16.97 -1.92 -17.58
N1 PLP G . -30.41 -5.28 -11.07
C2 PLP G . -30.74 -4.12 -10.38
C2A PLP G . -30.13 -3.90 -8.98
C3 PLP G . -31.61 -3.21 -10.97
O3 PLP G . -31.95 -2.05 -10.31
C4 PLP G . -32.12 -3.47 -12.25
C4A PLP G . -33.09 -2.43 -12.87
C5 PLP G . -31.74 -4.69 -12.93
C6 PLP G . -30.90 -5.56 -12.31
C5A PLP G . -32.21 -5.11 -14.31
O4P PLP G . -31.93 -4.32 -15.46
P PLP G . -32.43 -4.75 -16.88
O1P PLP G . -31.84 -6.05 -17.20
O2P PLP G . -31.89 -3.57 -17.78
O3P PLP G . -33.88 -4.71 -16.88
N1 PLP H . -19.54 9.25 9.98
C2 PLP H . -19.92 7.93 9.82
C2A PLP H . -20.86 7.60 8.65
C3 PLP H . -19.44 6.96 10.70
O3 PLP H . -19.80 5.64 10.56
C4 PLP H . -18.57 7.35 11.74
C4A PLP H . -18.06 6.25 12.71
C5 PLP H . -18.21 8.73 11.87
C6 PLP H . -18.71 9.65 10.98
C5A PLP H . -17.31 9.30 12.95
O4P PLP H . -15.98 8.87 13.14
P PLP H . -15.14 9.47 14.31
O1P PLP H . -15.08 10.91 14.06
O2P PLP H . -13.75 8.73 14.15
O3P PLP H . -15.79 9.04 15.53
#